data_1PK8
#
_entry.id   1PK8
#
_cell.length_a   70.600
_cell.length_b   78.400
_cell.length_c   135.000
_cell.angle_alpha   80.60
_cell.angle_beta   76.90
_cell.angle_gamma   71.80
#
_symmetry.space_group_name_H-M   'P 1'
#
loop_
_entity.id
_entity.type
_entity.pdbx_description
1 polymer 'rat synapsin I'
2 non-polymer 'CALCIUM ION'
3 non-polymer "ADENOSINE-5'-TRIPHOSPHATE"
4 non-polymer 1,2-ETHANEDIOL
5 water water
#
_entity_poly.entity_id   1
_entity_poly.type   'polypeptide(L)'
_entity_poly.pdbx_seq_one_letter_code
;GSNYLRRRLSDSNFMANLPNGYMTDLQRPQPPPPPPSAASPGATPGSAAASAERASTAAPVASPAAPSPGSSGGGGFFSS
LSNAVKQTTAAAAATFSEQVGGGSGGAGRGGAAARVLLVIDEPHTDWAKYFKGKKIHGEIDIKVEQAEFSDLNLVAHANG
GFSVDMEVLRNGVKVVRSLKPDFVLIRQHAFSMARNGDYRSLVIGLQYAGIPSVNSLHSVYNFCDKPWVFAQMVRLHKKL
GTEEFPLIDQTFYPNHKEMLSSTTYPVVVKMGHAHSGMGKVKVDNQHDFQDIASVVALTKTYATAEPFIDAKYDVRVQKI
GQNYKAYMRTSVSGNWKTNTGSAMLEQIAMSDRYKLWVDTCSEIFGGLDICAVEALHGKDGRDHIIEVVGSSMPLIGDHQ
DEDKQLIVELVVNKMTQALPRQ
;
_entity_poly.pdbx_strand_id   A,B,C,D,E,F,G,H
#
loop_
_chem_comp.id
_chem_comp.type
_chem_comp.name
_chem_comp.formula
ATP non-polymer ADENOSINE-5'-TRIPHOSPHATE 'C10 H16 N5 O13 P3'
CA non-polymer 'CALCIUM ION' 'Ca 2'
EDO non-polymer 1,2-ETHANEDIOL 'C2 H6 O2'
#
# COMPACT_ATOMS: atom_id res chain seq x y z
N ALA A 113 18.70 55.33 -8.97
CA ALA A 113 17.97 54.10 -9.44
C ALA A 113 16.72 54.48 -10.23
N ALA A 114 16.56 53.86 -11.39
CA ALA A 114 15.43 54.16 -12.26
C ALA A 114 14.05 53.74 -11.75
N ARG A 115 13.06 54.59 -12.00
CA ARG A 115 11.69 54.31 -11.62
C ARG A 115 11.09 53.43 -12.71
N VAL A 116 10.43 52.35 -12.32
CA VAL A 116 9.84 51.44 -13.30
C VAL A 116 8.37 51.78 -13.58
N LEU A 117 8.06 51.98 -14.85
CA LEU A 117 6.70 52.29 -15.27
C LEU A 117 6.15 51.14 -16.12
N LEU A 118 5.09 50.51 -15.64
CA LEU A 118 4.46 49.44 -16.40
C LEU A 118 3.33 50.08 -17.21
N VAL A 119 3.33 49.87 -18.53
CA VAL A 119 2.27 50.40 -19.37
C VAL A 119 1.51 49.18 -19.86
N ILE A 120 0.21 49.13 -19.58
CA ILE A 120 -0.61 48.02 -20.01
C ILE A 120 -1.27 48.42 -21.31
N ASP A 121 -0.74 47.90 -22.42
CA ASP A 121 -1.27 48.25 -23.72
C ASP A 121 -0.86 47.22 -24.76
N GLU A 122 -1.55 47.26 -25.91
CA GLU A 122 -1.24 46.35 -27.00
C GLU A 122 0.11 46.80 -27.55
N PRO A 123 0.80 45.92 -28.27
CA PRO A 123 2.12 46.25 -28.84
C PRO A 123 2.20 47.28 -29.97
N HIS A 124 1.07 47.64 -30.56
CA HIS A 124 1.05 48.61 -31.66
C HIS A 124 1.78 49.92 -31.33
N THR A 125 1.71 50.35 -30.07
CA THR A 125 2.39 51.58 -29.68
C THR A 125 3.58 51.22 -28.81
N ASP A 126 4.75 51.71 -29.18
CA ASP A 126 5.99 51.44 -28.46
C ASP A 126 6.29 52.57 -27.47
N TRP A 127 5.68 52.49 -26.29
CA TRP A 127 5.84 53.51 -25.27
C TRP A 127 7.26 53.79 -24.81
N ALA A 128 8.12 52.77 -24.82
CA ALA A 128 9.51 52.97 -24.39
C ALA A 128 10.08 54.18 -25.15
N LYS A 129 9.84 54.20 -26.47
CA LYS A 129 10.34 55.28 -27.31
C LYS A 129 9.81 56.64 -26.87
N TYR A 130 8.52 56.72 -26.56
CA TYR A 130 7.91 57.97 -26.14
C TYR A 130 8.39 58.48 -24.78
N PHE A 131 8.83 57.58 -23.93
CA PHE A 131 9.31 57.94 -22.60
C PHE A 131 10.83 58.09 -22.58
N LYS A 132 11.46 57.78 -23.71
CA LYS A 132 12.92 57.83 -23.84
C LYS A 132 13.51 59.18 -23.43
N GLY A 133 14.52 59.14 -22.58
CA GLY A 133 15.15 60.37 -22.15
C GLY A 133 14.34 61.27 -21.26
N LYS A 134 13.15 60.83 -20.86
CA LYS A 134 12.32 61.63 -19.97
C LYS A 134 12.82 61.28 -18.58
N LYS A 135 13.11 62.29 -17.77
CA LYS A 135 13.62 62.02 -16.44
C LYS A 135 12.74 62.66 -15.38
N ILE A 136 12.73 62.04 -14.21
CA ILE A 136 11.95 62.53 -13.09
C ILE A 136 12.86 63.43 -12.27
N HIS A 137 12.44 64.67 -12.08
CA HIS A 137 13.22 65.63 -11.31
C HIS A 137 14.54 65.97 -12.00
N GLY A 138 14.65 65.61 -13.28
CA GLY A 138 15.86 65.91 -14.03
C GLY A 138 16.97 64.89 -14.02
N GLU A 139 17.03 64.04 -13.00
CA GLU A 139 18.09 63.03 -12.94
C GLU A 139 17.65 61.58 -12.84
N ILE A 140 16.44 61.32 -12.38
CA ILE A 140 15.98 59.92 -12.28
C ILE A 140 15.42 59.44 -13.62
N ASP A 141 15.97 58.34 -14.12
CA ASP A 141 15.54 57.77 -15.38
C ASP A 141 14.31 56.87 -15.23
N ILE A 142 13.54 56.77 -16.31
CA ILE A 142 12.35 55.95 -16.31
C ILE A 142 12.55 54.72 -17.19
N LYS A 143 12.36 53.55 -16.60
CA LYS A 143 12.50 52.29 -17.32
C LYS A 143 11.09 51.80 -17.63
N VAL A 144 10.81 51.63 -18.91
CA VAL A 144 9.48 51.21 -19.34
C VAL A 144 9.31 49.72 -19.61
N GLU A 145 8.26 49.15 -19.03
CA GLU A 145 7.88 47.76 -19.22
C GLU A 145 6.51 47.88 -19.85
N GLN A 146 6.21 47.03 -20.81
CA GLN A 146 4.92 47.11 -21.48
C GLN A 146 4.41 45.73 -21.82
N ALA A 147 3.11 45.53 -21.64
CA ALA A 147 2.49 44.25 -21.93
C ALA A 147 0.98 44.38 -21.89
N GLU A 148 0.29 43.39 -22.43
CA GLU A 148 -1.16 43.39 -22.42
C GLU A 148 -1.65 42.66 -21.18
N PHE A 149 -2.89 42.93 -20.79
CA PHE A 149 -3.47 42.30 -19.61
C PHE A 149 -3.40 40.78 -19.68
N SER A 150 -3.63 40.24 -20.88
CA SER A 150 -3.64 38.80 -21.09
C SER A 150 -2.32 38.09 -20.77
N ASP A 151 -1.22 38.84 -20.71
CA ASP A 151 0.07 38.24 -20.39
C ASP A 151 0.62 38.69 -19.04
N LEU A 152 -0.26 39.18 -18.18
CA LEU A 152 0.16 39.65 -16.87
C LEU A 152 -0.53 38.93 -15.70
N ASN A 153 0.21 38.83 -14.61
CA ASN A 153 -0.31 38.24 -13.38
C ASN A 153 0.53 38.92 -12.29
N LEU A 154 0.19 38.68 -11.03
CA LEU A 154 0.93 39.30 -9.95
C LEU A 154 0.59 38.66 -8.62
N VAL A 155 1.33 39.06 -7.59
CA VAL A 155 1.10 38.58 -6.24
C VAL A 155 1.35 39.82 -5.40
N ALA A 156 0.47 40.10 -4.46
CA ALA A 156 0.63 41.30 -3.63
C ALA A 156 0.46 41.01 -2.14
N HIS A 157 1.39 41.53 -1.36
CA HIS A 157 1.38 41.36 0.10
C HIS A 157 0.95 42.64 0.79
N ALA A 158 0.24 42.49 1.91
CA ALA A 158 -0.23 43.63 2.67
C ALA A 158 0.94 44.46 3.17
N ASN A 159 2.08 43.81 3.40
CA ASN A 159 3.27 44.51 3.90
C ASN A 159 3.97 45.38 2.86
N GLY A 160 3.45 45.39 1.64
CA GLY A 160 4.07 46.21 0.60
C GLY A 160 4.79 45.37 -0.45
N GLY A 161 5.26 44.20 -0.04
CA GLY A 161 5.95 43.35 -0.99
C GLY A 161 5.04 42.94 -2.14
N PHE A 162 5.61 42.76 -3.32
CA PHE A 162 4.84 42.34 -4.48
C PHE A 162 5.68 42.16 -5.72
N SER A 163 5.13 41.43 -6.68
CA SER A 163 5.80 41.16 -7.93
C SER A 163 4.78 41.07 -9.07
N VAL A 164 5.14 41.61 -10.23
CA VAL A 164 4.26 41.55 -11.39
C VAL A 164 4.93 40.59 -12.36
N ASP A 165 4.20 39.57 -12.79
CA ASP A 165 4.76 38.62 -13.73
C ASP A 165 4.25 38.84 -15.13
N MET A 166 5.18 38.93 -16.07
CA MET A 166 4.84 39.16 -17.46
C MET A 166 5.28 37.99 -18.34
N GLU A 167 4.37 37.46 -19.12
CA GLU A 167 4.73 36.36 -19.99
C GLU A 167 5.26 36.98 -21.27
N VAL A 168 6.45 36.57 -21.67
CA VAL A 168 7.07 37.07 -22.87
C VAL A 168 7.48 35.90 -23.76
N LEU A 169 7.44 36.12 -25.07
CA LEU A 169 7.83 35.07 -26.01
C LEU A 169 9.27 35.31 -26.42
N ARG A 170 10.21 34.75 -25.66
CA ARG A 170 11.63 34.91 -25.95
C ARG A 170 12.11 33.72 -26.78
N ASN A 171 11.94 33.84 -28.10
CA ASN A 171 12.36 32.82 -29.05
C ASN A 171 11.66 31.47 -28.95
N GLY A 172 10.33 31.48 -28.85
CA GLY A 172 9.61 30.23 -28.76
C GLY A 172 9.33 29.78 -27.33
N VAL A 173 10.34 29.90 -26.47
CA VAL A 173 10.16 29.50 -25.08
C VAL A 173 9.30 30.58 -24.44
N LYS A 174 8.19 30.20 -23.82
CA LYS A 174 7.33 31.16 -23.15
C LYS A 174 8.01 31.50 -21.83
N VAL A 175 8.60 32.68 -21.77
CA VAL A 175 9.32 33.10 -20.58
C VAL A 175 8.57 34.10 -19.72
N VAL A 176 8.63 33.89 -18.41
CA VAL A 176 8.00 34.76 -17.44
C VAL A 176 9.07 35.61 -16.78
N ARG A 177 8.91 36.92 -16.85
CA ARG A 177 9.87 37.82 -16.23
C ARG A 177 9.08 38.66 -15.24
N SER A 178 9.58 38.78 -14.02
CA SER A 178 8.87 39.56 -13.03
C SER A 178 9.46 40.96 -12.87
N LEU A 179 8.59 41.89 -12.47
CA LEU A 179 8.98 43.27 -12.27
C LEU A 179 8.26 43.83 -11.05
N LYS A 180 8.69 45.01 -10.61
CA LYS A 180 8.09 45.68 -9.46
C LYS A 180 7.87 47.12 -9.90
N PRO A 181 6.81 47.36 -10.69
CA PRO A 181 6.51 48.70 -11.19
C PRO A 181 6.32 49.72 -10.08
N ASP A 182 6.80 50.95 -10.30
CA ASP A 182 6.63 52.03 -9.33
C ASP A 182 5.39 52.82 -9.76
N PHE A 183 4.97 52.58 -10.99
CA PHE A 183 3.82 53.31 -11.53
C PHE A 183 3.22 52.49 -12.66
N VAL A 184 1.95 52.72 -12.95
CA VAL A 184 1.31 52.01 -14.04
C VAL A 184 0.44 52.93 -14.87
N LEU A 185 0.46 52.69 -16.18
CA LEU A 185 -0.34 53.44 -17.13
C LEU A 185 -1.25 52.41 -17.74
N ILE A 186 -2.56 52.59 -17.61
CA ILE A 186 -3.51 51.64 -18.15
C ILE A 186 -4.21 52.15 -19.41
N ARG A 187 -3.91 51.50 -20.53
CA ARG A 187 -4.47 51.89 -21.83
C ARG A 187 -5.42 50.84 -22.41
N GLN A 188 -5.50 49.70 -21.74
CA GLN A 188 -6.36 48.60 -22.19
C GLN A 188 -7.64 48.49 -21.34
N HIS A 189 -8.71 47.94 -21.90
CA HIS A 189 -9.95 47.78 -21.14
C HIS A 189 -9.72 46.67 -20.10
N ALA A 190 -9.94 46.99 -18.82
CA ALA A 190 -9.75 46.02 -17.76
C ALA A 190 -10.85 44.97 -17.70
N PHE A 191 -11.99 45.27 -18.33
CA PHE A 191 -13.10 44.34 -18.29
C PHE A 191 -13.95 44.29 -19.54
N SER A 192 -14.37 43.08 -19.87
CA SER A 192 -15.26 42.85 -21.00
C SER A 192 -15.94 41.54 -20.68
N MET A 193 -17.23 41.43 -21.02
CA MET A 193 -17.97 40.21 -20.78
C MET A 193 -17.73 39.14 -21.83
N ALA A 194 -16.88 39.45 -22.81
CA ALA A 194 -16.53 38.47 -23.82
C ALA A 194 -15.54 37.52 -23.15
N ARG A 195 -15.42 36.30 -23.65
CA ARG A 195 -14.48 35.34 -23.08
C ARG A 195 -13.08 35.92 -22.91
N ASN A 196 -12.47 35.65 -21.76
CA ASN A 196 -11.12 36.10 -21.46
C ASN A 196 -10.90 37.62 -21.40
N GLY A 197 -11.96 38.39 -21.17
CA GLY A 197 -11.78 39.83 -21.10
C GLY A 197 -11.91 40.37 -19.69
N ASP A 198 -11.90 39.47 -18.72
CA ASP A 198 -12.05 39.85 -17.31
C ASP A 198 -10.69 40.02 -16.60
N TYR A 199 -10.22 41.26 -16.51
CA TYR A 199 -8.94 41.51 -15.83
C TYR A 199 -9.12 42.31 -14.54
N ARG A 200 -10.34 42.32 -14.01
CA ARG A 200 -10.60 43.07 -12.78
C ARG A 200 -9.72 42.66 -11.59
N SER A 201 -9.43 41.36 -11.45
CA SER A 201 -8.61 40.94 -10.32
C SER A 201 -7.19 41.50 -10.38
N LEU A 202 -6.71 41.78 -11.60
CA LEU A 202 -5.39 42.36 -11.74
C LEU A 202 -5.49 43.82 -11.26
N VAL A 203 -6.60 44.48 -11.58
CA VAL A 203 -6.77 45.87 -11.14
C VAL A 203 -6.85 45.88 -9.61
N ILE A 204 -7.54 44.90 -9.05
CA ILE A 204 -7.65 44.81 -7.60
C ILE A 204 -6.25 44.56 -7.05
N GLY A 205 -5.52 43.68 -7.70
CA GLY A 205 -4.16 43.37 -7.27
C GLY A 205 -3.22 44.57 -7.26
N LEU A 206 -3.28 45.38 -8.32
CA LEU A 206 -2.44 46.56 -8.40
C LEU A 206 -2.77 47.52 -7.27
N GLN A 207 -4.05 47.66 -6.95
CA GLN A 207 -4.49 48.56 -5.89
C GLN A 207 -4.04 47.97 -4.56
N TYR A 208 -4.18 46.66 -4.41
CA TYR A 208 -3.78 45.98 -3.19
C TYR A 208 -2.30 46.25 -2.93
N ALA A 209 -1.52 46.30 -4.02
CA ALA A 209 -0.08 46.55 -3.92
C ALA A 209 0.22 48.04 -3.73
N GLY A 210 -0.79 48.89 -3.84
CA GLY A 210 -0.58 50.32 -3.68
C GLY A 210 0.18 51.02 -4.80
N ILE A 211 0.06 50.51 -6.03
CA ILE A 211 0.76 51.11 -7.15
C ILE A 211 0.01 52.32 -7.75
N PRO A 212 0.66 53.49 -7.80
CA PRO A 212 0.02 54.68 -8.37
C PRO A 212 -0.30 54.41 -9.85
N SER A 213 -1.34 55.04 -10.37
CA SER A 213 -1.75 54.81 -11.75
C SER A 213 -2.46 55.96 -12.46
N VAL A 214 -2.54 55.81 -13.78
CA VAL A 214 -3.21 56.74 -14.68
C VAL A 214 -4.02 55.86 -15.63
N ASN A 215 -5.36 55.96 -15.61
CA ASN A 215 -6.07 56.80 -14.66
C ASN A 215 -5.98 56.10 -13.31
N SER A 216 -6.57 56.70 -12.27
CA SER A 216 -6.51 56.11 -10.92
C SER A 216 -7.10 54.70 -10.96
N LEU A 217 -6.51 53.79 -10.20
CA LEU A 217 -7.01 52.42 -10.18
C LEU A 217 -8.45 52.43 -9.71
N HIS A 218 -8.77 53.36 -8.80
CA HIS A 218 -10.14 53.47 -8.31
C HIS A 218 -11.08 53.75 -9.48
N SER A 219 -10.71 54.68 -10.35
CA SER A 219 -11.61 55.00 -11.48
C SER A 219 -11.68 53.81 -12.44
N VAL A 220 -10.56 53.13 -12.63
CA VAL A 220 -10.54 52.00 -13.55
C VAL A 220 -11.49 50.91 -13.08
N TYR A 221 -11.41 50.55 -11.80
CA TYR A 221 -12.29 49.54 -11.25
C TYR A 221 -13.75 49.94 -11.42
N ASN A 222 -14.05 51.20 -11.10
CA ASN A 222 -15.42 51.68 -11.22
C ASN A 222 -15.90 51.88 -12.66
N PHE A 223 -14.97 51.84 -13.61
CA PHE A 223 -15.36 51.97 -15.01
C PHE A 223 -15.73 50.61 -15.62
N CYS A 224 -15.63 49.55 -14.83
CA CYS A 224 -15.92 48.20 -15.35
C CYS A 224 -17.38 47.81 -15.53
N ASP A 225 -18.28 48.79 -15.43
CA ASP A 225 -19.71 48.55 -15.67
C ASP A 225 -20.22 49.82 -16.35
N LYS A 226 -20.43 49.77 -17.66
CA LYS A 226 -20.89 50.96 -18.36
C LYS A 226 -22.11 51.64 -17.74
N PRO A 227 -23.13 50.88 -17.35
CA PRO A 227 -24.28 51.54 -16.75
C PRO A 227 -23.95 52.24 -15.42
N TRP A 228 -22.94 51.73 -14.72
CA TRP A 228 -22.51 52.32 -13.44
C TRP A 228 -21.88 53.68 -13.74
N VAL A 229 -21.13 53.76 -14.83
CA VAL A 229 -20.52 55.01 -15.20
C VAL A 229 -21.62 55.94 -15.69
N PHE A 230 -22.55 55.38 -16.46
CA PHE A 230 -23.66 56.16 -17.00
C PHE A 230 -24.51 56.79 -15.88
N ALA A 231 -24.62 56.07 -14.77
CA ALA A 231 -25.39 56.56 -13.62
C ALA A 231 -24.79 57.91 -13.14
N GLN A 232 -23.48 58.05 -13.22
CA GLN A 232 -22.85 59.30 -12.82
C GLN A 232 -23.26 60.43 -13.77
N MET A 233 -23.42 60.09 -15.05
CA MET A 233 -23.82 61.07 -16.05
C MET A 233 -25.27 61.44 -15.85
N VAL A 234 -26.07 60.50 -15.34
CA VAL A 234 -27.47 60.75 -15.06
C VAL A 234 -27.53 61.82 -13.96
N ARG A 235 -26.70 61.66 -12.94
CA ARG A 235 -26.62 62.61 -11.83
C ARG A 235 -26.22 63.98 -12.37
N LEU A 236 -25.17 64.00 -13.18
CA LEU A 236 -24.69 65.26 -13.75
C LEU A 236 -25.75 65.92 -14.62
N HIS A 237 -26.56 65.12 -15.32
CA HIS A 237 -27.61 65.68 -16.15
C HIS A 237 -28.75 66.28 -15.32
N LYS A 238 -29.10 65.64 -14.23
CA LYS A 238 -30.16 66.19 -13.38
C LYS A 238 -29.66 67.52 -12.82
N LYS A 239 -28.36 67.58 -12.53
CA LYS A 239 -27.76 68.79 -11.98
C LYS A 239 -27.64 69.93 -13.00
N LEU A 240 -27.08 69.63 -14.17
CA LEU A 240 -26.86 70.65 -15.19
C LEU A 240 -27.98 70.93 -16.18
N GLY A 241 -28.86 69.96 -16.41
CA GLY A 241 -29.95 70.17 -17.35
C GLY A 241 -29.59 69.85 -18.79
N THR A 242 -30.61 69.48 -19.57
CA THR A 242 -30.48 69.11 -20.97
C THR A 242 -29.75 70.10 -21.88
N GLU A 243 -30.07 71.38 -21.74
CA GLU A 243 -29.43 72.38 -22.59
C GLU A 243 -27.90 72.32 -22.50
N GLU A 244 -27.37 72.18 -21.29
CA GLU A 244 -25.92 72.13 -21.10
C GLU A 244 -25.29 70.73 -21.10
N PHE A 245 -26.09 69.71 -20.84
CA PHE A 245 -25.58 68.33 -20.76
C PHE A 245 -26.68 67.43 -21.31
N PRO A 246 -26.84 67.40 -22.64
CA PRO A 246 -27.86 66.59 -23.33
C PRO A 246 -27.67 65.06 -23.31
N LEU A 247 -27.78 64.46 -22.12
CA LEU A 247 -27.64 63.00 -21.98
C LEU A 247 -28.76 62.29 -22.74
N ILE A 248 -28.42 61.22 -23.43
CA ILE A 248 -29.42 60.50 -24.20
C ILE A 248 -30.40 59.78 -23.29
N ASP A 249 -31.63 59.61 -23.77
CA ASP A 249 -32.64 58.89 -22.98
C ASP A 249 -32.24 57.42 -23.05
N GLN A 250 -31.97 56.82 -21.90
CA GLN A 250 -31.58 55.42 -21.86
C GLN A 250 -32.32 54.75 -20.72
N THR A 251 -32.60 53.45 -20.87
CA THR A 251 -33.29 52.67 -19.86
C THR A 251 -32.39 51.52 -19.43
N PHE A 252 -32.28 51.32 -18.11
CA PHE A 252 -31.46 50.24 -17.57
C PHE A 252 -32.30 49.07 -17.09
N TYR A 253 -31.96 47.88 -17.57
CA TYR A 253 -32.66 46.66 -17.17
C TYR A 253 -31.64 45.77 -16.45
N PRO A 254 -31.85 45.49 -15.15
CA PRO A 254 -30.94 44.64 -14.36
C PRO A 254 -30.78 43.24 -14.97
N ASN A 255 -31.85 42.75 -15.59
CA ASN A 255 -31.85 41.46 -16.27
C ASN A 255 -32.91 41.50 -17.35
N HIS A 256 -33.07 40.42 -18.11
CA HIS A 256 -34.06 40.39 -19.20
C HIS A 256 -35.54 40.48 -18.82
N LYS A 257 -35.90 40.04 -17.62
CA LYS A 257 -37.30 40.05 -17.18
C LYS A 257 -38.01 41.39 -17.25
N GLU A 258 -37.30 42.49 -17.05
CA GLU A 258 -37.94 43.81 -17.10
C GLU A 258 -37.98 44.39 -18.53
N MET A 259 -37.48 43.65 -19.51
CA MET A 259 -37.48 44.14 -20.89
C MET A 259 -38.80 43.80 -21.57
N LEU A 260 -39.82 44.62 -21.36
CA LEU A 260 -41.13 44.38 -21.95
C LEU A 260 -41.39 45.09 -23.27
N SER A 261 -41.03 46.37 -23.35
CA SER A 261 -41.24 47.13 -24.57
C SER A 261 -40.57 48.50 -24.56
N SER A 262 -40.79 49.27 -25.61
CA SER A 262 -40.20 50.60 -25.72
C SER A 262 -41.26 51.61 -26.13
N THR A 263 -41.06 52.88 -25.76
CA THR A 263 -42.01 53.92 -26.12
C THR A 263 -41.93 54.20 -27.60
N THR A 264 -40.71 54.16 -28.14
CA THR A 264 -40.51 54.40 -29.56
C THR A 264 -39.54 53.41 -30.19
N TYR A 265 -39.59 53.31 -31.51
CA TYR A 265 -38.72 52.44 -32.28
C TYR A 265 -38.20 53.27 -33.44
N PRO A 266 -36.99 52.95 -33.93
CA PRO A 266 -36.16 51.87 -33.40
C PRO A 266 -35.36 52.27 -32.16
N VAL A 267 -34.85 51.26 -31.45
CA VAL A 267 -34.03 51.49 -30.27
C VAL A 267 -32.72 50.74 -30.43
N VAL A 268 -31.71 51.16 -29.69
CA VAL A 268 -30.42 50.50 -29.72
C VAL A 268 -30.26 49.81 -28.38
N VAL A 269 -30.13 48.49 -28.41
CA VAL A 269 -29.97 47.70 -27.20
C VAL A 269 -28.49 47.40 -27.00
N LYS A 270 -27.98 47.72 -25.81
CA LYS A 270 -26.58 47.46 -25.52
C LYS A 270 -26.49 46.47 -24.37
N MET A 271 -26.04 45.27 -24.71
CA MET A 271 -25.92 44.19 -23.75
C MET A 271 -24.67 44.15 -22.90
N GLY A 272 -24.86 44.05 -21.59
CA GLY A 272 -23.75 43.96 -20.66
C GLY A 272 -22.66 45.00 -20.81
N HIS A 273 -21.43 44.58 -20.55
CA HIS A 273 -20.27 45.46 -20.64
C HIS A 273 -19.30 44.97 -21.73
N ALA A 274 -19.27 45.66 -22.86
CA ALA A 274 -18.37 45.28 -23.95
C ALA A 274 -17.97 46.51 -24.76
N HIS A 275 -16.98 46.36 -25.63
CA HIS A 275 -16.46 47.48 -26.40
C HIS A 275 -16.45 47.26 -27.92
N SER A 276 -16.01 48.30 -28.62
CA SER A 276 -15.91 48.31 -30.08
C SER A 276 -17.15 47.83 -30.81
N GLY A 277 -18.32 48.20 -30.29
CA GLY A 277 -19.60 47.83 -30.88
C GLY A 277 -20.14 46.48 -30.44
N MET A 278 -19.33 45.72 -29.71
CA MET A 278 -19.77 44.41 -29.26
C MET A 278 -21.02 44.43 -28.37
N GLY A 279 -21.94 43.53 -28.70
CA GLY A 279 -23.16 43.41 -27.92
C GLY A 279 -24.20 44.48 -28.14
N LYS A 280 -24.07 45.24 -29.23
CA LYS A 280 -25.04 46.29 -29.50
C LYS A 280 -25.77 46.03 -30.81
N VAL A 281 -27.09 46.12 -30.73
CA VAL A 281 -27.95 45.84 -31.88
C VAL A 281 -29.04 46.88 -32.01
N LYS A 282 -29.51 47.06 -33.24
CA LYS A 282 -30.58 48.00 -33.52
C LYS A 282 -31.87 47.19 -33.60
N VAL A 283 -32.92 47.69 -32.97
CA VAL A 283 -34.21 46.99 -32.97
C VAL A 283 -35.29 47.93 -33.50
N ASP A 284 -35.98 47.50 -34.55
CA ASP A 284 -37.00 48.33 -35.20
C ASP A 284 -38.46 48.13 -34.77
N ASN A 285 -38.76 47.06 -34.05
CA ASN A 285 -40.14 46.84 -33.63
C ASN A 285 -40.34 45.93 -32.42
N GLN A 286 -41.54 45.97 -31.86
CA GLN A 286 -41.93 45.21 -30.69
C GLN A 286 -41.54 43.73 -30.75
N HIS A 287 -41.90 43.06 -31.83
CA HIS A 287 -41.59 41.65 -31.99
C HIS A 287 -40.09 41.39 -31.95
N ASP A 288 -39.30 42.19 -32.66
CA ASP A 288 -37.86 42.02 -32.66
C ASP A 288 -37.26 42.32 -31.26
N PHE A 289 -37.88 43.23 -30.53
CA PHE A 289 -37.43 43.59 -29.18
C PHE A 289 -37.58 42.38 -28.25
N GLN A 290 -38.72 41.70 -28.34
CA GLN A 290 -38.99 40.52 -27.53
C GLN A 290 -37.96 39.41 -27.86
N ASP A 291 -37.59 39.26 -29.13
CA ASP A 291 -36.60 38.26 -29.50
C ASP A 291 -35.25 38.64 -28.87
N ILE A 292 -34.91 39.92 -28.94
CA ILE A 292 -33.64 40.40 -28.40
C ILE A 292 -33.61 40.26 -26.89
N ALA A 293 -34.76 40.43 -26.25
CA ALA A 293 -34.84 40.29 -24.81
C ALA A 293 -34.53 38.84 -24.45
N SER A 294 -34.97 37.89 -25.28
CA SER A 294 -34.70 36.48 -25.01
C SER A 294 -33.21 36.20 -25.17
N VAL A 295 -32.53 36.95 -26.03
CA VAL A 295 -31.08 36.79 -26.21
C VAL A 295 -30.40 37.30 -24.93
N VAL A 296 -30.85 38.44 -24.44
CA VAL A 296 -30.32 39.02 -23.20
C VAL A 296 -30.39 37.99 -22.06
N ALA A 297 -31.45 37.20 -22.06
CA ALA A 297 -31.63 36.16 -21.05
C ALA A 297 -30.50 35.14 -21.13
N LEU A 298 -29.96 34.94 -22.32
CA LEU A 298 -28.87 33.99 -22.51
C LEU A 298 -27.53 34.61 -22.12
N THR A 299 -27.42 35.93 -22.13
CA THR A 299 -26.17 36.57 -21.72
C THR A 299 -26.12 36.54 -20.19
N LYS A 300 -27.30 36.39 -19.57
CA LYS A 300 -27.42 36.36 -18.13
C LYS A 300 -26.77 37.58 -17.46
N THR A 301 -26.99 38.75 -18.05
CA THR A 301 -26.45 39.98 -17.47
C THR A 301 -27.44 41.14 -17.73
N TYR A 302 -27.04 42.35 -17.37
CA TYR A 302 -27.92 43.51 -17.57
C TYR A 302 -27.88 44.03 -19.00
N ALA A 303 -28.77 44.96 -19.31
CA ALA A 303 -28.85 45.54 -20.66
C ALA A 303 -29.51 46.91 -20.62
N THR A 304 -29.18 47.75 -21.59
CA THR A 304 -29.79 49.06 -21.67
C THR A 304 -30.42 49.22 -23.05
N ALA A 305 -31.41 50.11 -23.14
CA ALA A 305 -32.05 50.41 -24.42
C ALA A 305 -32.12 51.92 -24.48
N GLU A 306 -31.88 52.48 -25.65
CA GLU A 306 -31.92 53.93 -25.85
C GLU A 306 -32.44 54.20 -27.27
N PRO A 307 -33.03 55.38 -27.50
CA PRO A 307 -33.55 55.74 -28.81
C PRO A 307 -32.47 55.65 -29.88
N PHE A 308 -32.82 55.10 -31.03
CA PHE A 308 -31.88 55.02 -32.13
C PHE A 308 -31.86 56.44 -32.69
N ILE A 309 -30.68 57.01 -32.87
CA ILE A 309 -30.61 58.36 -33.41
C ILE A 309 -30.13 58.38 -34.85
N ASP A 310 -30.95 58.92 -35.74
CA ASP A 310 -30.61 59.04 -37.16
C ASP A 310 -29.59 60.17 -37.12
N ALA A 311 -28.32 59.82 -36.94
CA ALA A 311 -27.27 60.81 -36.79
C ALA A 311 -26.57 61.28 -38.05
N LYS A 312 -26.29 62.57 -38.06
CA LYS A 312 -25.59 63.21 -39.16
C LYS A 312 -24.15 62.78 -38.97
N TYR A 313 -23.77 62.61 -37.70
CA TYR A 313 -22.42 62.21 -37.33
C TYR A 313 -22.34 62.09 -35.81
N ASP A 314 -21.26 61.52 -35.30
CA ASP A 314 -21.10 61.46 -33.86
C ASP A 314 -19.82 62.21 -33.56
N VAL A 315 -19.67 62.65 -32.32
CA VAL A 315 -18.50 63.42 -31.93
C VAL A 315 -17.91 62.93 -30.61
N ARG A 316 -16.63 63.18 -30.42
CA ARG A 316 -15.98 62.77 -29.18
C ARG A 316 -15.10 63.89 -28.69
N VAL A 317 -15.35 64.33 -27.46
CA VAL A 317 -14.56 65.40 -26.84
C VAL A 317 -13.63 64.74 -25.83
N GLN A 318 -12.33 64.91 -26.04
CA GLN A 318 -11.36 64.29 -25.15
C GLN A 318 -10.60 65.29 -24.28
N LYS A 319 -10.15 64.80 -23.14
CA LYS A 319 -9.38 65.63 -22.23
C LYS A 319 -8.23 64.81 -21.67
N ILE A 320 -7.02 65.19 -22.05
CA ILE A 320 -5.79 64.56 -21.57
C ILE A 320 -5.12 65.65 -20.76
N GLY A 321 -5.13 65.53 -19.43
CA GLY A 321 -4.54 66.56 -18.60
C GLY A 321 -5.32 67.84 -18.87
N GLN A 322 -4.64 68.88 -19.34
CA GLN A 322 -5.31 70.13 -19.65
C GLN A 322 -5.42 70.40 -21.15
N ASN A 323 -5.29 69.34 -21.95
CA ASN A 323 -5.39 69.45 -23.41
C ASN A 323 -6.72 68.88 -23.92
N TYR A 324 -7.44 69.67 -24.70
CA TYR A 324 -8.74 69.27 -25.23
C TYR A 324 -8.73 69.15 -26.76
N LYS A 325 -9.49 68.17 -27.26
CA LYS A 325 -9.64 67.95 -28.71
C LYS A 325 -11.03 67.40 -28.96
N ALA A 326 -11.60 67.75 -30.10
CA ALA A 326 -12.92 67.25 -30.47
C ALA A 326 -12.84 66.70 -31.88
N TYR A 327 -13.46 65.54 -32.09
CA TYR A 327 -13.47 64.91 -33.39
C TYR A 327 -14.87 64.53 -33.81
N MET A 328 -15.13 64.68 -35.10
CA MET A 328 -16.40 64.35 -35.70
C MET A 328 -16.14 63.10 -36.51
N ARG A 329 -17.03 62.12 -36.43
CA ARG A 329 -16.85 60.90 -37.21
C ARG A 329 -18.10 60.60 -38.02
N THR A 330 -17.89 60.31 -39.29
CA THR A 330 -18.96 60.01 -40.22
C THR A 330 -18.68 58.70 -40.93
N SER A 331 -19.70 57.88 -41.10
CA SER A 331 -19.54 56.60 -41.77
C SER A 331 -19.66 56.78 -43.28
N VAL A 332 -18.92 55.95 -44.02
CA VAL A 332 -18.93 55.98 -45.47
C VAL A 332 -19.08 54.54 -45.95
N SER A 333 -19.80 53.73 -45.16
CA SER A 333 -19.99 52.32 -45.49
C SER A 333 -21.42 51.86 -45.15
N GLY A 334 -22.31 52.81 -44.87
CA GLY A 334 -23.67 52.45 -44.54
C GLY A 334 -23.83 51.67 -43.23
N ASN A 335 -22.90 51.90 -42.30
CA ASN A 335 -22.92 51.23 -41.00
C ASN A 335 -23.49 52.22 -39.98
N TRP A 336 -24.59 51.89 -39.31
CA TRP A 336 -25.09 52.84 -38.33
C TRP A 336 -24.02 52.94 -37.23
N LYS A 337 -23.24 51.88 -37.06
CA LYS A 337 -22.14 51.87 -36.10
C LYS A 337 -20.93 52.46 -36.85
N THR A 338 -20.66 53.75 -36.64
CA THR A 338 -19.57 54.43 -37.32
C THR A 338 -18.17 54.02 -36.88
N ASN A 339 -18.09 53.14 -35.88
CA ASN A 339 -16.80 52.67 -35.39
C ASN A 339 -16.59 51.28 -35.99
N THR A 340 -17.53 50.89 -36.83
CA THR A 340 -17.50 49.59 -37.47
C THR A 340 -17.50 49.79 -38.99
N GLY A 341 -16.33 49.60 -39.60
CA GLY A 341 -16.20 49.78 -41.03
C GLY A 341 -15.42 51.06 -41.31
N SER A 342 -15.16 51.37 -42.56
CA SER A 342 -14.40 52.57 -42.85
C SER A 342 -15.28 53.79 -42.58
N ALA A 343 -14.67 54.88 -42.12
CA ALA A 343 -15.39 56.11 -41.84
C ALA A 343 -14.45 57.30 -41.97
N MET A 344 -15.00 58.50 -41.95
CA MET A 344 -14.20 59.71 -42.06
C MET A 344 -14.13 60.46 -40.74
N LEU A 345 -12.92 60.87 -40.37
CA LEU A 345 -12.72 61.64 -39.16
C LEU A 345 -12.34 63.07 -39.53
N GLU A 346 -12.90 64.03 -38.81
CA GLU A 346 -12.63 65.44 -39.04
C GLU A 346 -12.49 66.11 -37.68
N GLN A 347 -11.31 66.67 -37.40
CA GLN A 347 -11.12 67.34 -36.12
C GLN A 347 -11.86 68.65 -36.18
N ILE A 348 -12.53 68.99 -35.09
CA ILE A 348 -13.30 70.22 -35.04
C ILE A 348 -12.88 71.08 -33.87
N ALA A 349 -13.28 72.35 -33.92
CA ALA A 349 -12.93 73.31 -32.90
C ALA A 349 -13.62 73.00 -31.57
N MET A 350 -12.89 73.25 -30.48
CA MET A 350 -13.45 73.04 -29.16
C MET A 350 -14.40 74.19 -28.91
N SER A 351 -15.48 73.93 -28.20
CA SER A 351 -16.46 74.97 -27.88
C SER A 351 -16.59 74.98 -26.36
N ASP A 352 -17.21 76.01 -25.80
CA ASP A 352 -17.38 76.06 -24.35
C ASP A 352 -18.33 74.92 -23.99
N ARG A 353 -19.23 74.62 -24.92
CA ARG A 353 -20.21 73.56 -24.76
C ARG A 353 -19.48 72.21 -24.62
N TYR A 354 -18.64 71.87 -25.60
CA TYR A 354 -17.90 70.62 -25.54
C TYR A 354 -17.01 70.58 -24.29
N LYS A 355 -16.38 71.71 -23.96
CA LYS A 355 -15.48 71.79 -22.80
C LYS A 355 -16.18 71.47 -21.47
N LEU A 356 -17.41 71.97 -21.31
CA LEU A 356 -18.19 71.72 -20.11
C LEU A 356 -18.49 70.22 -19.98
N TRP A 357 -18.81 69.59 -21.11
CA TRP A 357 -19.12 68.15 -21.12
C TRP A 357 -18.01 67.31 -20.49
N VAL A 358 -16.82 67.41 -21.08
CA VAL A 358 -15.69 66.63 -20.62
C VAL A 358 -15.12 67.11 -19.29
N ASP A 359 -15.28 68.38 -18.97
CA ASP A 359 -14.78 68.89 -17.69
C ASP A 359 -15.64 68.28 -16.57
N THR A 360 -16.95 68.37 -16.71
CA THR A 360 -17.85 67.84 -15.70
C THR A 360 -17.68 66.33 -15.54
N CYS A 361 -17.56 65.61 -16.65
CA CYS A 361 -17.38 64.16 -16.58
C CYS A 361 -16.02 63.75 -16.03
N SER A 362 -14.99 64.57 -16.26
CA SER A 362 -13.65 64.28 -15.80
C SER A 362 -13.50 64.31 -14.27
N GLU A 363 -14.54 64.73 -13.57
CA GLU A 363 -14.47 64.81 -12.12
C GLU A 363 -15.02 63.57 -11.39
N ILE A 364 -15.69 62.68 -12.12
CA ILE A 364 -16.25 61.51 -11.46
C ILE A 364 -15.20 60.53 -10.92
N PHE A 365 -15.62 59.72 -9.96
CA PHE A 365 -14.79 58.71 -9.33
C PHE A 365 -13.43 59.23 -8.86
N GLY A 366 -13.42 60.44 -8.32
CA GLY A 366 -12.18 61.04 -7.83
C GLY A 366 -11.36 61.82 -8.84
N GLY A 367 -11.74 61.81 -10.12
CA GLY A 367 -10.97 62.55 -11.10
C GLY A 367 -10.33 61.65 -12.15
N LEU A 368 -10.60 61.93 -13.42
CA LEU A 368 -10.07 61.14 -14.53
C LEU A 368 -8.97 61.95 -15.25
N ASP A 369 -7.76 61.41 -15.29
CA ASP A 369 -6.64 62.11 -15.95
C ASP A 369 -6.78 62.09 -17.47
N ILE A 370 -7.32 60.99 -17.99
CA ILE A 370 -7.53 60.80 -19.43
C ILE A 370 -8.98 60.38 -19.60
N CYS A 371 -9.77 61.14 -20.36
CA CYS A 371 -11.16 60.78 -20.57
C CYS A 371 -11.78 61.45 -21.78
N ALA A 372 -12.96 60.99 -22.17
CA ALA A 372 -13.64 61.57 -23.31
C ALA A 372 -15.14 61.34 -23.21
N VAL A 373 -15.89 62.22 -23.88
CA VAL A 373 -17.33 62.14 -23.92
C VAL A 373 -17.80 61.92 -25.37
N GLU A 374 -18.62 60.90 -25.58
CA GLU A 374 -19.13 60.59 -26.90
C GLU A 374 -20.57 61.06 -26.97
N ALA A 375 -20.92 61.72 -28.06
CA ALA A 375 -22.27 62.20 -28.25
C ALA A 375 -22.67 61.99 -29.70
N LEU A 376 -23.96 61.74 -29.93
CA LEU A 376 -24.45 61.56 -31.28
C LEU A 376 -25.12 62.88 -31.66
N HIS A 377 -24.89 63.32 -32.89
CA HIS A 377 -25.48 64.57 -33.37
C HIS A 377 -26.58 64.23 -34.35
N GLY A 378 -27.82 64.41 -33.91
CA GLY A 378 -28.95 64.08 -34.77
C GLY A 378 -29.03 64.95 -36.01
N LYS A 379 -29.74 64.46 -37.02
CA LYS A 379 -29.91 65.23 -38.25
C LYS A 379 -30.86 66.39 -37.95
N ASP A 380 -31.66 66.25 -36.89
CA ASP A 380 -32.57 67.31 -36.49
C ASP A 380 -31.88 68.38 -35.65
N GLY A 381 -30.55 68.31 -35.57
CA GLY A 381 -29.80 69.30 -34.81
C GLY A 381 -29.58 69.00 -33.33
N ARG A 382 -30.19 67.93 -32.82
CA ARG A 382 -30.06 67.58 -31.41
C ARG A 382 -28.86 66.69 -31.07
N ASP A 383 -28.18 67.04 -29.98
CA ASP A 383 -27.04 66.24 -29.52
C ASP A 383 -27.50 65.27 -28.45
N HIS A 384 -26.85 64.12 -28.36
CA HIS A 384 -27.18 63.12 -27.36
C HIS A 384 -25.90 62.48 -26.84
N ILE A 385 -25.56 62.75 -25.57
CA ILE A 385 -24.38 62.16 -24.99
C ILE A 385 -24.71 60.70 -24.70
N ILE A 386 -23.80 59.79 -25.05
CA ILE A 386 -24.09 58.39 -24.80
C ILE A 386 -23.05 57.69 -23.93
N GLU A 387 -21.94 58.36 -23.66
CA GLU A 387 -20.93 57.73 -22.85
C GLU A 387 -19.68 58.54 -22.58
N VAL A 388 -19.04 58.23 -21.46
CA VAL A 388 -17.77 58.84 -21.10
C VAL A 388 -16.82 57.66 -20.94
N VAL A 389 -15.64 57.75 -21.56
CA VAL A 389 -14.66 56.68 -21.48
C VAL A 389 -13.44 57.12 -20.70
N GLY A 390 -12.73 56.14 -20.13
CA GLY A 390 -11.57 56.42 -19.31
C GLY A 390 -10.21 56.38 -19.97
N SER A 391 -9.21 56.01 -19.18
CA SER A 391 -7.82 55.96 -19.65
C SER A 391 -7.53 54.95 -20.75
N SER A 392 -8.50 54.13 -21.11
CA SER A 392 -8.28 53.16 -22.17
C SER A 392 -8.97 53.59 -23.46
N MET A 393 -9.33 54.87 -23.55
CA MET A 393 -9.97 55.35 -24.77
C MET A 393 -8.98 55.24 -25.93
N PRO A 394 -9.46 54.81 -27.09
CA PRO A 394 -8.58 54.69 -28.25
C PRO A 394 -8.17 56.07 -28.71
N LEU A 395 -6.93 56.21 -29.15
CA LEU A 395 -6.50 57.49 -29.67
C LEU A 395 -7.01 57.54 -31.10
N ILE A 396 -7.53 58.69 -31.52
CA ILE A 396 -8.07 58.81 -32.86
C ILE A 396 -7.62 60.07 -33.61
N GLY A 397 -7.96 60.13 -34.89
CA GLY A 397 -7.59 61.28 -35.69
C GLY A 397 -6.14 61.32 -36.14
N ASP A 398 -5.69 62.52 -36.53
CA ASP A 398 -4.35 62.76 -37.02
C ASP A 398 -3.42 63.39 -35.98
N HIS A 399 -3.81 63.30 -34.71
CA HIS A 399 -2.96 63.85 -33.66
C HIS A 399 -2.63 62.79 -32.60
N GLN A 400 -2.68 61.54 -33.02
CA GLN A 400 -2.40 60.44 -32.11
C GLN A 400 -1.00 60.47 -31.53
N ASP A 401 -0.02 60.86 -32.34
CA ASP A 401 1.35 60.94 -31.86
C ASP A 401 1.48 62.07 -30.84
N GLU A 402 0.71 63.13 -31.03
CA GLU A 402 0.72 64.26 -30.10
C GLU A 402 0.08 63.83 -28.78
N ASP A 403 -1.04 63.12 -28.87
CA ASP A 403 -1.75 62.65 -27.69
C ASP A 403 -0.87 61.74 -26.85
N LYS A 404 -0.11 60.85 -27.51
CA LYS A 404 0.78 59.95 -26.79
C LYS A 404 1.84 60.75 -26.06
N GLN A 405 2.31 61.82 -26.67
CA GLN A 405 3.32 62.68 -26.05
C GLN A 405 2.68 63.43 -24.90
N LEU A 406 1.41 63.79 -25.05
CA LEU A 406 0.70 64.49 -24.00
C LEU A 406 0.55 63.53 -22.81
N ILE A 407 0.32 62.26 -23.09
CA ILE A 407 0.17 61.25 -22.05
C ILE A 407 1.47 61.01 -21.30
N VAL A 408 2.60 61.07 -22.02
CA VAL A 408 3.91 60.90 -21.38
C VAL A 408 4.12 62.04 -20.38
N GLU A 409 3.87 63.26 -20.85
CA GLU A 409 4.03 64.47 -20.05
C GLU A 409 3.22 64.37 -18.75
N LEU A 410 1.97 63.95 -18.90
CA LEU A 410 1.05 63.77 -17.79
C LEU A 410 1.56 62.69 -16.83
N VAL A 411 1.90 61.52 -17.36
CA VAL A 411 2.41 60.44 -16.53
C VAL A 411 3.71 60.83 -15.82
N VAL A 412 4.64 61.42 -16.56
CA VAL A 412 5.91 61.82 -15.96
C VAL A 412 5.63 62.76 -14.80
N ASN A 413 4.74 63.73 -15.01
CA ASN A 413 4.40 64.67 -13.93
C ASN A 413 3.76 63.96 -12.73
N LYS A 414 2.89 62.99 -12.99
CA LYS A 414 2.24 62.25 -11.91
C LYS A 414 3.27 61.40 -11.18
N MET A 415 4.22 60.83 -11.93
CA MET A 415 5.26 60.02 -11.32
C MET A 415 6.16 60.88 -10.43
N THR A 416 6.44 62.10 -10.87
CA THR A 416 7.27 63.00 -10.08
C THR A 416 6.63 63.22 -8.70
N GLN A 417 5.30 63.27 -8.67
CA GLN A 417 4.60 63.42 -7.41
C GLN A 417 4.57 62.05 -6.71
N ALA A 418 5.74 61.62 -6.24
CA ALA A 418 5.91 60.34 -5.54
C ALA A 418 7.39 59.96 -5.52
N ALA B 114 -45.89 61.51 1.91
CA ALA B 114 -45.28 60.32 2.60
C ALA B 114 -44.06 59.81 1.85
N ARG B 115 -42.90 59.82 2.48
CA ARG B 115 -41.68 59.34 1.85
C ARG B 115 -41.61 57.83 1.95
N VAL B 116 -41.24 57.18 0.85
CA VAL B 116 -41.13 55.73 0.79
C VAL B 116 -39.70 55.22 1.03
N LEU B 117 -39.55 54.34 2.01
CA LEU B 117 -38.25 53.78 2.35
C LEU B 117 -38.23 52.28 2.07
N LEU B 118 -37.37 51.87 1.17
CA LEU B 118 -37.25 50.45 0.87
C LEU B 118 -36.14 49.89 1.74
N VAL B 119 -36.42 48.84 2.48
CA VAL B 119 -35.41 48.21 3.30
C VAL B 119 -35.17 46.82 2.71
N ILE B 120 -33.93 46.57 2.32
CA ILE B 120 -33.58 45.28 1.74
C ILE B 120 -32.96 44.46 2.87
N ASP B 121 -33.71 43.49 3.36
CA ASP B 121 -33.27 42.65 4.48
C ASP B 121 -34.19 41.44 4.58
N GLU B 122 -33.76 40.41 5.30
CA GLU B 122 -34.59 39.22 5.48
C GLU B 122 -35.78 39.65 6.34
N PRO B 123 -36.87 38.86 6.31
CA PRO B 123 -38.08 39.18 7.09
C PRO B 123 -38.06 39.03 8.60
N HIS B 124 -36.98 38.49 9.17
CA HIS B 124 -36.92 38.33 10.61
C HIS B 124 -36.95 39.65 11.37
N THR B 125 -36.62 40.75 10.70
CA THR B 125 -36.66 42.05 11.34
C THR B 125 -37.79 42.85 10.74
N ASP B 126 -38.72 43.28 11.57
CA ASP B 126 -39.87 44.04 11.13
C ASP B 126 -39.54 45.54 11.13
N TRP B 127 -38.85 45.99 10.09
CA TRP B 127 -38.47 47.39 10.02
C TRP B 127 -39.65 48.36 10.04
N ALA B 128 -40.78 47.96 9.48
CA ALA B 128 -41.94 48.85 9.51
C ALA B 128 -42.23 49.22 10.98
N LYS B 129 -42.09 48.24 11.88
CA LYS B 129 -42.34 48.47 13.30
C LYS B 129 -41.35 49.48 13.92
N TYR B 130 -40.07 49.29 13.63
CA TYR B 130 -39.04 50.16 14.16
C TYR B 130 -39.16 51.59 13.62
N PHE B 131 -39.78 51.74 12.46
CA PHE B 131 -39.94 53.08 11.87
C PHE B 131 -41.31 53.70 12.18
N LYS B 132 -42.22 52.89 12.73
CA LYS B 132 -43.56 53.35 13.03
C LYS B 132 -43.53 54.61 13.90
N GLY B 133 -44.27 55.63 13.46
CA GLY B 133 -44.32 56.87 14.21
C GLY B 133 -43.28 57.91 13.81
N LYS B 134 -42.15 57.44 13.29
CA LYS B 134 -41.08 58.34 12.88
C LYS B 134 -41.55 59.20 11.70
N LYS B 135 -41.31 60.49 11.79
CA LYS B 135 -41.72 61.40 10.73
C LYS B 135 -40.58 62.37 10.44
N ILE B 136 -40.47 62.78 9.19
CA ILE B 136 -39.42 63.69 8.76
C ILE B 136 -39.89 65.15 8.92
N HIS B 137 -39.03 65.97 9.51
CA HIS B 137 -39.35 67.38 9.72
C HIS B 137 -40.53 67.57 10.67
N GLY B 138 -40.98 66.48 11.28
CA GLY B 138 -42.08 66.57 12.22
C GLY B 138 -43.46 66.28 11.65
N GLU B 139 -43.62 66.28 10.34
CA GLU B 139 -44.94 66.01 9.76
C GLU B 139 -44.99 64.99 8.61
N ILE B 140 -43.90 64.82 7.87
CA ILE B 140 -43.91 63.86 6.76
C ILE B 140 -43.77 62.45 7.30
N ASP B 141 -44.75 61.60 7.01
CA ASP B 141 -44.69 60.21 7.46
C ASP B 141 -43.71 59.41 6.61
N ILE B 142 -43.33 58.25 7.10
CA ILE B 142 -42.42 57.38 6.38
C ILE B 142 -43.12 56.05 6.15
N LYS B 143 -43.17 55.62 4.89
CA LYS B 143 -43.78 54.35 4.56
C LYS B 143 -42.65 53.35 4.30
N VAL B 144 -42.68 52.24 5.02
CA VAL B 144 -41.65 51.22 4.89
C VAL B 144 -42.04 50.02 4.04
N GLU B 145 -41.21 49.71 3.06
CA GLU B 145 -41.42 48.56 2.19
C GLU B 145 -40.18 47.71 2.48
N GLN B 146 -40.36 46.41 2.70
CA GLN B 146 -39.23 45.55 3.00
C GLN B 146 -39.22 44.29 2.16
N ALA B 147 -38.03 43.88 1.73
CA ALA B 147 -37.89 42.67 0.91
C ALA B 147 -36.43 42.31 0.73
N GLU B 148 -36.19 41.04 0.41
CA GLU B 148 -34.84 40.55 0.17
C GLU B 148 -34.43 40.86 -1.26
N PHE B 149 -33.13 40.81 -1.53
CA PHE B 149 -32.64 41.04 -2.88
C PHE B 149 -33.26 40.04 -3.88
N SER B 150 -33.36 38.78 -3.48
CA SER B 150 -33.89 37.73 -4.35
C SER B 150 -35.32 37.92 -4.82
N ASP B 151 -36.06 38.84 -4.19
CA ASP B 151 -37.44 39.07 -4.58
C ASP B 151 -37.62 40.44 -5.25
N LEU B 152 -36.51 41.06 -5.64
CA LEU B 152 -36.58 42.37 -6.26
C LEU B 152 -36.04 42.48 -7.67
N ASN B 153 -36.59 43.45 -8.39
CA ASN B 153 -36.16 43.77 -9.73
C ASN B 153 -36.55 45.22 -9.96
N LEU B 154 -36.03 45.84 -11.01
CA LEU B 154 -36.36 47.23 -11.26
C LEU B 154 -36.10 47.65 -12.70
N VAL B 155 -36.54 48.84 -13.03
CA VAL B 155 -36.27 49.43 -14.33
C VAL B 155 -36.05 50.90 -14.02
N ALA B 156 -34.98 51.46 -14.58
CA ALA B 156 -34.65 52.87 -14.35
C ALA B 156 -34.43 53.57 -15.67
N HIS B 157 -34.82 54.83 -15.73
CA HIS B 157 -34.69 55.63 -16.94
C HIS B 157 -33.79 56.82 -16.63
N ALA B 158 -33.00 57.23 -17.60
CA ALA B 158 -32.11 58.36 -17.41
C ALA B 158 -32.93 59.63 -17.10
N ASN B 159 -34.18 59.68 -17.57
CA ASN B 159 -35.01 60.86 -17.33
C ASN B 159 -35.55 60.96 -15.90
N GLY B 160 -35.19 60.01 -15.04
CA GLY B 160 -35.67 60.07 -13.66
C GLY B 160 -36.79 59.08 -13.36
N GLY B 161 -37.49 58.61 -14.39
CA GLY B 161 -38.54 57.64 -14.15
C GLY B 161 -37.96 56.31 -13.70
N PHE B 162 -38.72 55.58 -12.88
CA PHE B 162 -38.25 54.27 -12.44
C PHE B 162 -39.28 53.56 -11.59
N SER B 163 -39.08 52.26 -11.45
CA SER B 163 -39.98 51.44 -10.66
C SER B 163 -39.24 50.25 -10.09
N VAL B 164 -39.48 49.95 -8.81
CA VAL B 164 -38.88 48.80 -8.17
C VAL B 164 -40.00 47.78 -8.02
N ASP B 165 -39.80 46.58 -8.57
CA ASP B 165 -40.81 45.55 -8.50
C ASP B 165 -40.43 44.54 -7.43
N MET B 166 -41.40 44.21 -6.57
CA MET B 166 -41.18 43.32 -5.46
C MET B 166 -42.03 42.06 -5.47
N GLU B 167 -41.38 40.95 -5.14
CA GLU B 167 -41.97 39.62 -5.04
C GLU B 167 -41.96 38.81 -6.32
N VAL B 176 -46.41 40.13 -7.41
CA VAL B 176 -45.62 41.26 -7.87
C VAL B 176 -46.26 42.62 -7.63
N ARG B 177 -45.63 43.44 -6.80
CA ARG B 177 -46.15 44.79 -6.54
C ARG B 177 -45.00 45.77 -6.79
N SER B 178 -45.31 46.90 -7.41
CA SER B 178 -44.29 47.89 -7.72
C SER B 178 -44.33 49.16 -6.88
N LEU B 179 -43.15 49.68 -6.56
CA LEU B 179 -43.05 50.88 -5.76
C LEU B 179 -42.01 51.84 -6.31
N LYS B 180 -41.91 53.01 -5.69
CA LYS B 180 -40.96 54.03 -6.10
C LYS B 180 -40.31 54.58 -4.83
N PRO B 181 -39.31 53.86 -4.29
CA PRO B 181 -38.58 54.25 -3.07
C PRO B 181 -37.91 55.63 -3.15
N ASP B 182 -38.04 56.41 -2.09
CA ASP B 182 -37.38 57.71 -2.02
C ASP B 182 -36.04 57.51 -1.35
N PHE B 183 -35.86 56.35 -0.73
CA PHE B 183 -34.62 56.06 -0.01
C PHE B 183 -34.52 54.56 0.18
N VAL B 184 -33.29 54.07 0.36
CA VAL B 184 -33.07 52.65 0.55
C VAL B 184 -32.09 52.42 1.70
N LEU B 185 -32.31 51.34 2.44
CA LEU B 185 -31.45 50.95 3.55
C LEU B 185 -31.05 49.56 3.15
N ILE B 186 -29.75 49.34 2.98
CA ILE B 186 -29.31 48.02 2.55
C ILE B 186 -28.65 47.21 3.66
N ARG B 187 -29.38 46.18 4.08
CA ARG B 187 -28.94 45.31 5.17
C ARG B 187 -28.44 43.94 4.70
N GLN B 188 -28.62 43.66 3.42
CA GLN B 188 -28.24 42.38 2.84
C GLN B 188 -26.96 42.49 2.03
N HIS B 189 -26.20 41.40 1.95
CA HIS B 189 -24.99 41.39 1.15
C HIS B 189 -25.42 41.53 -0.30
N ALA B 190 -24.83 42.48 -1.01
CA ALA B 190 -25.18 42.72 -2.41
C ALA B 190 -24.52 41.72 -3.36
N PHE B 191 -23.49 41.05 -2.89
CA PHE B 191 -22.78 40.11 -3.74
C PHE B 191 -22.17 38.93 -3.01
N SER B 192 -22.33 37.76 -3.60
CA SER B 192 -21.76 36.53 -3.08
C SER B 192 -21.43 35.69 -4.29
N MET B 193 -20.33 34.95 -4.24
CA MET B 193 -19.97 34.12 -5.38
C MET B 193 -20.65 32.77 -5.33
N ALA B 194 -21.55 32.60 -4.36
CA ALA B 194 -22.32 31.37 -4.25
C ALA B 194 -23.41 31.54 -5.31
N ARG B 195 -23.95 30.44 -5.83
CA ARG B 195 -24.99 30.53 -6.85
C ARG B 195 -26.16 31.42 -6.40
N ASN B 196 -26.66 32.25 -7.31
CA ASN B 196 -27.79 33.14 -7.02
C ASN B 196 -27.46 34.33 -6.13
N GLY B 197 -26.21 34.49 -5.72
CA GLY B 197 -25.86 35.59 -4.84
C GLY B 197 -25.41 36.90 -5.45
N ASP B 198 -25.54 37.05 -6.76
CA ASP B 198 -25.10 38.28 -7.42
C ASP B 198 -26.21 39.31 -7.63
N TYR B 199 -26.23 40.35 -6.80
CA TYR B 199 -27.24 41.39 -6.92
C TYR B 199 -26.64 42.74 -7.31
N ARG B 200 -25.43 42.71 -7.85
CA ARG B 200 -24.76 43.93 -8.25
C ARG B 200 -25.58 44.73 -9.25
N SER B 201 -26.25 44.05 -10.17
CA SER B 201 -27.04 44.76 -11.17
C SER B 201 -28.17 45.56 -10.53
N LEU B 202 -28.69 45.09 -9.39
CA LEU B 202 -29.74 45.83 -8.69
C LEU B 202 -29.14 47.07 -8.02
N VAL B 203 -27.92 46.95 -7.49
CA VAL B 203 -27.26 48.11 -6.88
C VAL B 203 -26.97 49.15 -7.99
N ILE B 204 -26.58 48.68 -9.17
CA ILE B 204 -26.31 49.57 -10.28
C ILE B 204 -27.62 50.28 -10.64
N GLY B 205 -28.69 49.49 -10.75
CA GLY B 205 -29.98 50.05 -11.10
C GLY B 205 -30.44 51.13 -10.13
N LEU B 206 -30.24 50.90 -8.83
CA LEU B 206 -30.66 51.88 -7.82
C LEU B 206 -29.86 53.16 -8.02
N GLN B 207 -28.57 53.03 -8.30
CA GLN B 207 -27.73 54.21 -8.49
C GLN B 207 -28.12 54.93 -9.78
N TYR B 208 -28.50 54.14 -10.79
CA TYR B 208 -28.92 54.67 -12.08
C TYR B 208 -30.20 55.48 -11.87
N ALA B 209 -31.05 55.01 -10.95
CA ALA B 209 -32.30 55.69 -10.64
C ALA B 209 -32.04 56.88 -9.71
N GLY B 210 -30.80 57.01 -9.22
CA GLY B 210 -30.44 58.10 -8.34
C GLY B 210 -31.04 58.08 -6.94
N ILE B 211 -31.35 56.90 -6.43
CA ILE B 211 -31.93 56.77 -5.10
C ILE B 211 -30.89 56.79 -3.97
N PRO B 212 -31.04 57.72 -3.00
CA PRO B 212 -30.14 57.88 -1.84
C PRO B 212 -30.18 56.59 -0.99
N SER B 213 -29.07 56.27 -0.33
CA SER B 213 -29.01 55.04 0.44
C SER B 213 -28.08 55.04 1.64
N VAL B 214 -28.22 54.00 2.45
CA VAL B 214 -27.39 53.76 3.63
C VAL B 214 -27.11 52.25 3.64
N ASN B 215 -25.84 51.85 3.47
CA ASN B 215 -24.75 52.80 3.23
C ASN B 215 -24.94 53.31 1.80
N SER B 216 -24.12 54.27 1.39
CA SER B 216 -24.24 54.84 0.05
C SER B 216 -24.07 53.74 -0.97
N LEU B 217 -24.84 53.83 -2.05
CA LEU B 217 -24.75 52.81 -3.09
C LEU B 217 -23.31 52.70 -3.63
N HIS B 218 -22.59 53.82 -3.67
CA HIS B 218 -21.21 53.80 -4.16
C HIS B 218 -20.40 52.86 -3.28
N SER B 219 -20.49 53.02 -1.96
CA SER B 219 -19.74 52.16 -1.04
C SER B 219 -20.20 50.72 -1.13
N VAL B 220 -21.50 50.51 -1.33
CA VAL B 220 -22.02 49.15 -1.42
C VAL B 220 -21.42 48.43 -2.64
N TYR B 221 -21.37 49.15 -3.75
CA TYR B 221 -20.82 48.60 -4.98
C TYR B 221 -19.35 48.26 -4.79
N ASN B 222 -18.60 49.19 -4.21
CA ASN B 222 -17.18 48.96 -4.03
C ASN B 222 -16.85 47.94 -2.94
N PHE B 223 -17.85 47.56 -2.16
CA PHE B 223 -17.64 46.55 -1.12
C PHE B 223 -17.88 45.15 -1.68
N CYS B 224 -18.19 45.04 -2.98
CA CYS B 224 -18.49 43.73 -3.57
C CYS B 224 -17.30 42.83 -3.90
N ASP B 225 -16.11 43.26 -3.52
CA ASP B 225 -14.89 42.49 -3.70
C ASP B 225 -14.11 42.68 -2.39
N LYS B 226 -14.14 41.68 -1.50
CA LYS B 226 -13.45 41.82 -0.22
C LYS B 226 -12.01 42.31 -0.31
N PRO B 227 -11.23 41.79 -1.26
CA PRO B 227 -9.83 42.23 -1.39
C PRO B 227 -9.69 43.71 -1.80
N TRP B 228 -10.69 44.20 -2.53
CA TRP B 228 -10.69 45.61 -2.96
C TRP B 228 -10.88 46.45 -1.70
N VAL B 229 -11.76 45.99 -0.81
CA VAL B 229 -12.00 46.69 0.44
C VAL B 229 -10.71 46.63 1.24
N PHE B 230 -10.16 45.41 1.36
CA PHE B 230 -8.92 45.21 2.09
C PHE B 230 -7.82 46.16 1.59
N ALA B 231 -7.80 46.38 0.27
CA ALA B 231 -6.81 47.25 -0.35
C ALA B 231 -6.89 48.64 0.29
N GLN B 232 -8.09 49.10 0.63
CA GLN B 232 -8.22 50.41 1.25
C GLN B 232 -7.56 50.35 2.63
N MET B 233 -7.71 49.24 3.33
CA MET B 233 -7.09 49.13 4.65
C MET B 233 -5.56 49.05 4.53
N VAL B 234 -5.07 48.49 3.43
CA VAL B 234 -3.63 48.40 3.22
C VAL B 234 -3.07 49.83 3.15
N ARG B 235 -3.80 50.74 2.55
CA ARG B 235 -3.36 52.13 2.46
C ARG B 235 -3.41 52.80 3.85
N LEU B 236 -4.47 52.54 4.60
CA LEU B 236 -4.57 53.13 5.93
C LEU B 236 -3.38 52.65 6.75
N HIS B 237 -3.08 51.36 6.65
CA HIS B 237 -1.96 50.79 7.38
C HIS B 237 -0.64 51.45 7.01
N LYS B 238 -0.46 51.73 5.72
CA LYS B 238 0.76 52.36 5.27
C LYS B 238 0.90 53.78 5.81
N LYS B 239 -0.24 54.43 6.07
CA LYS B 239 -0.23 55.78 6.60
C LYS B 239 -0.09 55.80 8.12
N LEU B 240 -0.91 55.01 8.78
CA LEU B 240 -0.91 54.95 10.24
C LEU B 240 0.25 54.21 10.88
N GLY B 241 0.66 53.09 10.29
CA GLY B 241 1.75 52.32 10.85
C GLY B 241 1.19 51.16 11.66
N THR B 242 1.94 50.07 11.75
CA THR B 242 1.51 48.89 12.48
C THR B 242 1.13 49.14 13.93
N GLU B 243 1.82 50.07 14.59
CA GLU B 243 1.56 50.36 15.98
C GLU B 243 0.16 50.94 16.22
N GLU B 244 -0.36 51.66 15.24
CA GLU B 244 -1.68 52.26 15.36
C GLU B 244 -2.76 51.37 14.71
N PHE B 245 -2.44 50.83 13.55
CA PHE B 245 -3.36 50.02 12.75
C PHE B 245 -2.69 48.69 12.38
N PRO B 246 -2.83 47.67 13.24
CA PRO B 246 -2.22 46.37 12.97
C PRO B 246 -2.94 45.46 11.96
N LEU B 247 -2.86 45.80 10.69
CA LEU B 247 -3.47 45.01 9.62
C LEU B 247 -2.72 43.67 9.50
N ILE B 248 -3.46 42.58 9.38
CA ILE B 248 -2.84 41.26 9.27
C ILE B 248 -2.06 41.10 7.95
N ASP B 249 -1.03 40.28 7.99
CA ASP B 249 -0.19 39.99 6.82
C ASP B 249 -0.89 39.12 5.78
N GLN B 250 -1.70 39.72 4.94
CA GLN B 250 -2.44 38.97 3.94
C GLN B 250 -1.74 39.05 2.57
N THR B 251 -1.98 38.03 1.74
CA THR B 251 -1.41 37.98 0.39
C THR B 251 -2.56 37.78 -0.60
N PHE B 252 -2.60 38.62 -1.63
CA PHE B 252 -3.62 38.54 -2.66
C PHE B 252 -3.16 37.82 -3.94
N TYR B 253 -3.95 36.85 -4.38
CA TYR B 253 -3.66 36.09 -5.59
C TYR B 253 -4.76 36.35 -6.61
N PRO B 254 -4.43 37.01 -7.74
CA PRO B 254 -5.42 37.31 -8.79
C PRO B 254 -6.12 36.04 -9.23
N ASN B 255 -5.37 34.95 -9.22
CA ASN B 255 -5.88 33.63 -9.58
C ASN B 255 -4.95 32.59 -8.98
N HIS B 256 -5.29 31.32 -9.12
CA HIS B 256 -4.52 30.22 -8.53
C HIS B 256 -3.08 30.04 -9.00
N LYS B 257 -2.77 30.46 -10.22
CA LYS B 257 -1.42 30.29 -10.76
C LYS B 257 -0.30 30.90 -9.92
N GLU B 258 -0.63 31.95 -9.17
CA GLU B 258 0.35 32.62 -8.30
C GLU B 258 0.46 31.95 -6.94
N MET B 259 -0.46 31.03 -6.65
CA MET B 259 -0.46 30.34 -5.37
C MET B 259 0.55 29.19 -5.36
N LEU B 260 1.79 29.50 -5.01
CA LEU B 260 2.81 28.48 -5.00
C LEU B 260 3.12 27.93 -3.61
N SER B 261 3.44 28.82 -2.69
CA SER B 261 3.78 28.39 -1.33
C SER B 261 3.53 29.49 -0.31
N SER B 262 3.98 29.25 0.92
CA SER B 262 3.82 30.23 1.98
C SER B 262 4.99 30.21 2.95
N THR B 263 5.44 31.39 3.35
CA THR B 263 6.54 31.51 4.29
C THR B 263 6.28 30.63 5.49
N THR B 264 5.10 30.82 6.11
CA THR B 264 4.76 30.06 7.29
C THR B 264 3.44 29.30 7.20
N TYR B 265 3.26 28.39 8.14
CA TYR B 265 2.07 27.57 8.24
C TYR B 265 1.74 27.48 9.73
N PRO B 266 0.46 27.30 10.06
CA PRO B 266 -0.65 27.22 9.10
C PRO B 266 -1.08 28.57 8.57
N VAL B 267 -1.86 28.56 7.49
CA VAL B 267 -2.39 29.79 6.91
C VAL B 267 -3.87 29.59 6.70
N VAL B 268 -4.59 30.69 6.50
CA VAL B 268 -6.02 30.59 6.24
C VAL B 268 -6.22 31.11 4.84
N VAL B 269 -6.80 30.29 3.98
CA VAL B 269 -7.06 30.69 2.62
C VAL B 269 -8.50 31.15 2.52
N LYS B 270 -8.72 32.30 1.90
CA LYS B 270 -10.07 32.82 1.75
C LYS B 270 -10.32 33.01 0.26
N MET B 271 -11.22 32.17 -0.25
CA MET B 271 -11.56 32.14 -1.66
C MET B 271 -12.64 33.09 -2.13
N GLY B 272 -12.32 33.86 -3.18
CA GLY B 272 -13.28 34.77 -3.76
C GLY B 272 -13.95 35.74 -2.81
N HIS B 273 -15.24 35.91 -2.99
CA HIS B 273 -16.04 36.83 -2.19
C HIS B 273 -17.24 36.08 -1.66
N ALA B 274 -17.24 35.76 -0.37
CA ALA B 274 -18.33 35.02 0.25
C ALA B 274 -18.41 35.37 1.72
N HIS B 275 -19.53 35.00 2.35
CA HIS B 275 -19.75 35.35 3.74
C HIS B 275 -20.05 34.19 4.70
N SER B 276 -20.12 34.51 5.98
CA SER B 276 -20.41 33.55 7.04
C SER B 276 -19.50 32.31 7.02
N GLY B 277 -18.22 32.54 6.80
CA GLY B 277 -17.24 31.46 6.76
C GLY B 277 -17.07 30.70 5.46
N MET B 278 -17.97 30.91 4.50
CA MET B 278 -17.88 30.21 3.22
C MET B 278 -16.57 30.47 2.45
N GLY B 279 -16.01 29.39 1.90
CA GLY B 279 -14.79 29.48 1.11
C GLY B 279 -13.51 29.73 1.89
N LYS B 280 -13.59 29.68 3.21
CA LYS B 280 -12.41 29.91 4.03
C LYS B 280 -11.97 28.62 4.69
N VAL B 281 -10.69 28.31 4.55
CA VAL B 281 -10.14 27.06 5.08
C VAL B 281 -8.76 27.26 5.70
N LYS B 282 -8.48 26.44 6.71
CA LYS B 282 -7.21 26.47 7.42
C LYS B 282 -6.32 25.43 6.71
N VAL B 283 -5.10 25.83 6.37
CA VAL B 283 -4.15 24.96 5.66
C VAL B 283 -2.90 24.78 6.52
N ASP B 284 -2.57 23.53 6.84
CA ASP B 284 -1.43 23.28 7.70
C ASP B 284 -0.05 23.04 7.10
N ASN B 285 0.01 22.75 5.80
CA ASN B 285 1.31 22.50 5.18
C ASN B 285 1.33 22.75 3.67
N GLN B 286 2.53 22.72 3.11
CA GLN B 286 2.77 22.97 1.70
C GLN B 286 1.89 22.14 0.77
N HIS B 287 1.92 20.82 0.93
CA HIS B 287 1.12 19.94 0.09
C HIS B 287 -0.36 20.30 0.11
N ASP B 288 -0.91 20.50 1.31
CA ASP B 288 -2.32 20.86 1.44
C ASP B 288 -2.58 22.20 0.71
N PHE B 289 -1.62 23.11 0.80
CA PHE B 289 -1.74 24.42 0.16
C PHE B 289 -1.90 24.23 -1.36
N GLN B 290 -1.09 23.33 -1.92
CA GLN B 290 -1.14 23.04 -3.35
C GLN B 290 -2.50 22.46 -3.74
N ASP B 291 -3.01 21.55 -2.91
CA ASP B 291 -4.31 20.96 -3.19
C ASP B 291 -5.38 22.06 -3.15
N ILE B 292 -5.30 22.90 -2.12
CA ILE B 292 -6.27 23.97 -1.97
C ILE B 292 -6.13 24.99 -3.08
N ALA B 293 -4.91 25.14 -3.60
CA ALA B 293 -4.69 26.07 -4.70
C ALA B 293 -5.37 25.51 -5.96
N SER B 294 -5.32 24.19 -6.13
CA SER B 294 -5.94 23.57 -7.29
C SER B 294 -7.46 23.71 -7.22
N VAL B 295 -8.00 23.90 -6.01
CA VAL B 295 -9.44 24.07 -5.88
C VAL B 295 -9.80 25.51 -6.25
N VAL B 296 -8.96 26.46 -5.84
CA VAL B 296 -9.19 27.85 -6.20
C VAL B 296 -9.37 27.92 -7.71
N ALA B 297 -8.56 27.13 -8.42
CA ALA B 297 -8.60 27.09 -9.88
C ALA B 297 -10.01 26.79 -10.39
N LEU B 298 -10.74 25.94 -9.69
CA LEU B 298 -12.08 25.58 -10.11
C LEU B 298 -13.10 26.67 -9.78
N THR B 299 -12.76 27.56 -8.83
CA THR B 299 -13.67 28.66 -8.50
C THR B 299 -13.51 29.72 -9.58
N LYS B 300 -12.39 29.64 -10.30
CA LYS B 300 -12.08 30.60 -11.36
C LYS B 300 -12.11 32.05 -10.87
N THR B 301 -11.58 32.27 -9.68
CA THR B 301 -11.55 33.61 -9.15
C THR B 301 -10.32 33.78 -8.28
N TYR B 302 -10.19 34.95 -7.66
CA TYR B 302 -9.04 35.24 -6.81
C TYR B 302 -9.15 34.62 -5.42
N ALA B 303 -8.11 34.81 -4.61
CA ALA B 303 -8.08 34.28 -3.25
C ALA B 303 -7.00 34.99 -2.47
N THR B 304 -7.03 34.86 -1.16
CA THR B 304 -6.03 35.47 -0.31
C THR B 304 -5.56 34.40 0.68
N ALA B 305 -4.38 34.61 1.24
CA ALA B 305 -3.84 33.71 2.26
C ALA B 305 -3.30 34.62 3.33
N GLU B 306 -3.37 34.18 4.58
CA GLU B 306 -2.90 34.97 5.68
C GLU B 306 -2.52 34.05 6.81
N PRO B 307 -1.59 34.48 7.66
CA PRO B 307 -1.15 33.67 8.80
C PRO B 307 -2.34 33.23 9.66
N PHE B 308 -2.35 31.98 10.09
CA PHE B 308 -3.41 31.52 10.97
C PHE B 308 -3.04 32.09 12.33
N ILE B 309 -4.00 32.72 13.00
CA ILE B 309 -3.71 33.30 14.31
C ILE B 309 -4.21 32.40 15.41
N ASP B 310 -3.30 32.06 16.34
CA ASP B 310 -3.66 31.23 17.49
C ASP B 310 -4.33 32.26 18.42
N ALA B 311 -5.59 32.53 18.13
CA ALA B 311 -6.34 33.57 18.83
C ALA B 311 -7.00 33.23 20.15
N LYS B 312 -6.77 34.11 21.12
CA LYS B 312 -7.36 34.01 22.45
C LYS B 312 -8.85 34.31 22.26
N TYR B 313 -9.12 35.24 21.35
CA TYR B 313 -10.48 35.67 21.03
C TYR B 313 -10.38 36.66 19.87
N ASP B 314 -11.51 37.00 19.28
CA ASP B 314 -11.49 38.00 18.22
C ASP B 314 -12.48 39.08 18.66
N VAL B 315 -12.31 40.28 18.11
CA VAL B 315 -13.17 41.40 18.45
C VAL B 315 -13.74 42.11 17.23
N ARG B 316 -14.87 42.76 17.41
CA ARG B 316 -15.44 43.52 16.33
C ARG B 316 -15.81 44.88 16.88
N VAL B 317 -15.25 45.92 16.28
CA VAL B 317 -15.52 47.29 16.69
C VAL B 317 -16.46 47.87 15.66
N GLN B 318 -17.65 48.25 16.09
CA GLN B 318 -18.65 48.80 15.19
C GLN B 318 -18.93 50.28 15.36
N LYS B 319 -19.43 50.89 14.30
CA LYS B 319 -19.77 52.30 14.30
C LYS B 319 -21.01 52.48 13.45
N ILE B 320 -22.07 52.93 14.10
CA ILE B 320 -23.36 53.18 13.46
C ILE B 320 -23.59 54.66 13.71
N GLY B 321 -23.41 55.48 12.69
CA GLY B 321 -23.57 56.91 12.89
C GLY B 321 -22.43 57.31 13.82
N GLN B 322 -22.77 57.82 15.00
CA GLN B 322 -21.73 58.21 15.95
C GLN B 322 -21.75 57.32 17.19
N ASN B 323 -22.39 56.16 17.09
CA ASN B 323 -22.45 55.22 18.22
C ASN B 323 -21.44 54.09 18.03
N TYR B 324 -20.62 53.86 19.05
CA TYR B 324 -19.61 52.82 18.99
C TYR B 324 -19.81 51.71 20.01
N LYS B 325 -19.47 50.48 19.63
CA LYS B 325 -19.55 49.32 20.51
C LYS B 325 -18.43 48.38 20.12
N ALA B 326 -17.94 47.65 21.10
CA ALA B 326 -16.91 46.67 20.87
C ALA B 326 -17.32 45.36 21.55
N TYR B 327 -17.22 44.26 20.81
CA TYR B 327 -17.56 42.94 21.32
C TYR B 327 -16.40 41.99 21.14
N MET B 328 -16.24 41.11 22.12
CA MET B 328 -15.21 40.11 22.16
C MET B 328 -15.93 38.78 21.97
N ARG B 329 -15.45 37.94 21.05
CA ARG B 329 -16.09 36.66 20.82
C ARG B 329 -15.11 35.53 21.06
N THR B 330 -15.54 34.52 21.81
CA THR B 330 -14.68 33.38 22.11
C THR B 330 -15.39 32.07 21.71
N TRP B 336 -11.92 26.61 15.05
CA TRP B 336 -11.17 27.89 14.92
C TRP B 336 -12.03 29.02 14.34
N LYS B 337 -13.14 28.66 13.71
CA LYS B 337 -14.07 29.66 13.16
C LYS B 337 -15.09 30.01 14.24
N THR B 338 -14.78 30.97 15.12
CA THR B 338 -15.70 31.37 16.19
C THR B 338 -17.00 31.87 15.52
N ASN B 339 -16.97 31.84 14.19
CA ASN B 339 -18.04 32.24 13.26
C ASN B 339 -19.04 31.11 13.17
N THR B 340 -18.53 29.90 13.28
CA THR B 340 -19.34 28.71 13.17
C THR B 340 -19.52 27.98 14.49
N GLY B 341 -20.77 27.66 14.83
CA GLY B 341 -21.06 26.94 16.06
C GLY B 341 -21.31 27.84 17.26
N SER B 342 -21.56 27.22 18.42
CA SER B 342 -21.83 27.98 19.63
C SER B 342 -20.58 28.76 20.10
N ALA B 343 -20.78 30.02 20.47
CA ALA B 343 -19.68 30.89 20.94
C ALA B 343 -20.19 31.91 21.96
N MET B 344 -19.26 32.49 22.73
CA MET B 344 -19.62 33.48 23.75
C MET B 344 -19.19 34.91 23.41
N LEU B 345 -20.10 35.85 23.64
CA LEU B 345 -19.88 37.27 23.38
C LEU B 345 -19.85 38.10 24.65
N GLU B 346 -18.90 39.02 24.72
CA GLU B 346 -18.75 39.91 25.86
C GLU B 346 -18.52 41.32 25.31
N GLN B 347 -19.45 42.24 25.57
CA GLN B 347 -19.27 43.61 25.10
C GLN B 347 -18.14 44.16 25.97
N ILE B 348 -17.13 44.74 25.34
CA ILE B 348 -16.00 45.27 26.08
C ILE B 348 -15.89 46.76 25.83
N ALA B 349 -15.06 47.41 26.64
CA ALA B 349 -14.89 48.85 26.54
C ALA B 349 -14.23 49.27 25.24
N MET B 350 -14.59 50.45 24.78
CA MET B 350 -14.00 51.01 23.56
C MET B 350 -12.70 51.67 23.98
N SER B 351 -11.61 51.35 23.32
CA SER B 351 -10.34 52.02 23.64
C SER B 351 -10.15 53.04 22.52
N ASP B 352 -9.27 54.02 22.71
CA ASP B 352 -9.00 55.01 21.66
C ASP B 352 -8.45 54.25 20.45
N ARG B 353 -7.70 53.20 20.75
CA ARG B 353 -7.10 52.34 19.73
C ARG B 353 -8.21 51.75 18.84
N TYR B 354 -9.22 51.15 19.46
CA TYR B 354 -10.34 50.57 18.73
C TYR B 354 -11.08 51.62 17.91
N LYS B 355 -11.34 52.76 18.54
CA LYS B 355 -12.06 53.85 17.92
C LYS B 355 -11.31 54.33 16.68
N LEU B 356 -9.99 54.38 16.77
CA LEU B 356 -9.18 54.83 15.64
C LEU B 356 -9.37 53.88 14.47
N TRP B 357 -9.38 52.58 14.74
CA TRP B 357 -9.55 51.59 13.67
C TRP B 357 -10.86 51.79 12.90
N VAL B 358 -11.97 51.92 13.63
CA VAL B 358 -13.24 52.07 12.96
C VAL B 358 -13.49 53.47 12.40
N ASP B 359 -12.99 54.49 13.07
CA ASP B 359 -13.17 55.85 12.56
C ASP B 359 -12.48 56.01 11.20
N THR B 360 -11.25 55.50 11.08
CA THR B 360 -10.52 55.60 9.82
C THR B 360 -11.12 54.70 8.76
N CYS B 361 -11.52 53.49 9.13
CA CYS B 361 -12.13 52.63 8.12
C CYS B 361 -13.47 53.20 7.64
N SER B 362 -14.18 53.90 8.52
CA SER B 362 -15.49 54.48 8.18
C SER B 362 -15.41 55.59 7.13
N GLU B 363 -14.21 56.05 6.81
CA GLU B 363 -14.04 57.11 5.82
C GLU B 363 -13.88 56.62 4.38
N ILE B 364 -13.57 55.34 4.19
CA ILE B 364 -13.35 54.86 2.83
C ILE B 364 -14.57 54.93 1.91
N PHE B 365 -14.29 54.97 0.61
CA PHE B 365 -15.32 55.06 -0.42
C PHE B 365 -16.35 56.15 -0.18
N GLY B 366 -15.88 57.30 0.30
CA GLY B 366 -16.77 58.43 0.54
C GLY B 366 -17.45 58.45 1.90
N GLY B 367 -17.26 57.39 2.68
CA GLY B 367 -17.88 57.33 4.00
C GLY B 367 -18.89 56.23 4.19
N LEU B 368 -18.74 55.51 5.30
CA LEU B 368 -19.64 54.41 5.64
C LEU B 368 -20.43 54.81 6.89
N ASP B 369 -21.76 54.81 6.79
CA ASP B 369 -22.60 55.18 7.91
C ASP B 369 -22.70 54.04 8.92
N ILE B 370 -22.60 52.81 8.41
CA ILE B 370 -22.64 51.61 9.22
C ILE B 370 -21.42 50.79 8.82
N CYS B 371 -20.59 50.39 9.79
CA CYS B 371 -19.43 49.58 9.50
C CYS B 371 -18.80 49.05 10.76
N ALA B 372 -17.92 48.07 10.60
CA ALA B 372 -17.25 47.47 11.72
C ALA B 372 -15.94 46.89 11.28
N VAL B 373 -14.98 46.90 12.19
CA VAL B 373 -13.66 46.35 11.93
C VAL B 373 -13.51 45.08 12.75
N GLU B 374 -12.98 44.04 12.13
CA GLU B 374 -12.77 42.76 12.80
C GLU B 374 -11.29 42.51 13.03
N ALA B 375 -10.94 42.06 14.22
CA ALA B 375 -9.54 41.79 14.53
C ALA B 375 -9.42 40.51 15.34
N LEU B 376 -8.26 39.87 15.24
CA LEU B 376 -8.00 38.64 15.95
C LEU B 376 -6.98 38.99 17.02
N HIS B 377 -7.20 38.54 18.24
CA HIS B 377 -6.26 38.80 19.34
C HIS B 377 -5.51 37.50 19.63
N GLY B 378 -4.22 37.49 19.34
CA GLY B 378 -3.43 36.29 19.56
C GLY B 378 -3.01 36.06 21.00
N LYS B 379 -2.76 34.79 21.34
CA LYS B 379 -2.34 34.46 22.69
C LYS B 379 -1.05 35.18 23.07
N ASP B 380 -0.30 35.63 22.06
CA ASP B 380 0.95 36.35 22.31
C ASP B 380 0.70 37.85 22.55
N GLY B 381 -0.57 38.24 22.64
CA GLY B 381 -0.91 39.63 22.90
C GLY B 381 -1.05 40.59 21.72
N ARG B 382 -0.74 40.11 20.51
CA ARG B 382 -0.81 40.94 19.31
C ARG B 382 -2.21 40.97 18.65
N ASP B 383 -2.56 42.10 18.05
CA ASP B 383 -3.84 42.24 17.36
C ASP B 383 -3.62 42.15 15.86
N HIS B 384 -4.59 41.58 15.16
CA HIS B 384 -4.50 41.46 13.70
C HIS B 384 -5.86 41.78 13.10
N ILE B 385 -5.96 42.94 12.45
CA ILE B 385 -7.19 43.37 11.81
C ILE B 385 -7.33 42.53 10.54
N ILE B 386 -8.48 41.88 10.36
CA ILE B 386 -8.67 41.04 9.18
C ILE B 386 -9.80 41.48 8.24
N GLU B 387 -10.60 42.45 8.63
CA GLU B 387 -11.68 42.91 7.76
C GLU B 387 -12.50 44.07 8.29
N VAL B 388 -13.09 44.81 7.37
CA VAL B 388 -14.03 45.89 7.71
C VAL B 388 -15.28 45.55 6.90
N VAL B 389 -16.43 45.48 7.57
CA VAL B 389 -17.70 45.16 6.91
C VAL B 389 -18.50 46.43 6.76
N GLY B 390 -19.45 46.43 5.81
CA GLY B 390 -20.28 47.59 5.54
C GLY B 390 -21.64 47.59 6.19
N SER B 391 -22.63 48.16 5.51
CA SER B 391 -23.98 48.26 6.06
C SER B 391 -24.74 46.94 6.21
N SER B 392 -24.18 45.84 5.71
CA SER B 392 -24.86 44.57 5.85
C SER B 392 -24.25 43.76 6.99
N MET B 393 -23.44 44.40 7.82
CA MET B 393 -22.81 43.72 8.94
C MET B 393 -23.88 43.14 9.86
N PRO B 394 -23.65 41.93 10.37
CA PRO B 394 -24.67 41.37 11.27
C PRO B 394 -24.70 42.13 12.59
N LEU B 395 -25.89 42.27 13.17
CA LEU B 395 -25.99 42.91 14.48
C LEU B 395 -25.72 41.75 15.45
N ILE B 396 -24.94 42.00 16.48
CA ILE B 396 -24.61 40.97 17.46
C ILE B 396 -24.72 41.46 18.90
N GLY B 397 -24.43 40.56 19.84
CA GLY B 397 -24.49 40.89 21.26
C GLY B 397 -25.89 41.15 21.78
N ASP B 398 -25.99 41.80 22.94
CA ASP B 398 -27.29 42.09 23.55
C ASP B 398 -27.82 43.49 23.32
N HIS B 399 -27.29 44.22 22.34
CA HIS B 399 -27.81 45.55 22.09
C HIS B 399 -28.32 45.69 20.66
N GLN B 400 -28.75 44.56 20.11
CA GLN B 400 -29.26 44.49 18.74
C GLN B 400 -30.52 45.32 18.53
N ASP B 401 -31.38 45.40 19.54
CA ASP B 401 -32.59 46.19 19.39
C ASP B 401 -32.18 47.66 19.40
N GLU B 402 -31.24 48.00 20.27
CA GLU B 402 -30.75 49.36 20.35
C GLU B 402 -30.06 49.74 19.04
N ASP B 403 -29.29 48.81 18.47
CA ASP B 403 -28.60 49.08 17.22
C ASP B 403 -29.62 49.32 16.10
N LYS B 404 -30.69 48.53 16.07
CA LYS B 404 -31.70 48.74 15.04
C LYS B 404 -32.29 50.15 15.22
N GLN B 405 -32.54 50.53 16.46
CA GLN B 405 -33.09 51.85 16.75
C GLN B 405 -32.11 52.95 16.34
N LEU B 406 -30.82 52.70 16.50
CA LEU B 406 -29.79 53.66 16.11
C LEU B 406 -29.78 53.78 14.58
N ILE B 407 -30.00 52.66 13.90
CA ILE B 407 -30.03 52.64 12.45
C ILE B 407 -31.24 53.43 11.96
N VAL B 408 -32.37 53.27 12.64
CA VAL B 408 -33.58 54.01 12.27
C VAL B 408 -33.31 55.51 12.41
N GLU B 409 -32.70 55.90 13.52
CA GLU B 409 -32.38 57.29 13.75
C GLU B 409 -31.48 57.82 12.63
N LEU B 410 -30.49 57.02 12.27
CA LEU B 410 -29.55 57.37 11.23
C LEU B 410 -30.28 57.56 9.89
N VAL B 411 -31.14 56.61 9.53
CA VAL B 411 -31.86 56.70 8.28
C VAL B 411 -32.76 57.92 8.24
N VAL B 412 -33.50 58.14 9.32
CA VAL B 412 -34.39 59.28 9.38
C VAL B 412 -33.59 60.58 9.24
N ASN B 413 -32.41 60.65 9.84
CA ASN B 413 -31.57 61.84 9.70
C ASN B 413 -31.17 62.01 8.21
N LYS B 414 -30.83 60.91 7.54
CA LYS B 414 -30.43 60.94 6.14
C LYS B 414 -31.58 61.35 5.22
N MET B 415 -32.75 60.74 5.45
CA MET B 415 -33.92 61.05 4.63
C MET B 415 -34.29 62.51 4.78
N THR B 416 -34.15 63.04 6.00
CA THR B 416 -34.49 64.42 6.26
C THR B 416 -33.69 65.35 5.35
N GLN B 417 -32.46 64.94 5.06
CA GLN B 417 -31.61 65.73 4.19
C GLN B 417 -31.82 65.20 2.77
N ALA B 418 -33.00 65.52 2.24
CA ALA B 418 -33.47 65.15 0.92
C ALA B 418 -35.00 65.23 0.89
N ALA C 114 -45.27 -1.52 -3.58
CA ALA C 114 -45.71 -0.46 -4.56
C ALA C 114 -44.53 0.19 -5.25
N ARG C 115 -44.56 0.22 -6.58
CA ARG C 115 -43.49 0.83 -7.38
C ARG C 115 -43.62 2.35 -7.41
N VAL C 116 -42.52 3.04 -7.16
CA VAL C 116 -42.51 4.49 -7.13
C VAL C 116 -42.03 5.13 -8.43
N LEU C 117 -42.93 5.85 -9.09
CA LEU C 117 -42.59 6.52 -10.34
C LEU C 117 -42.46 8.01 -10.09
N LEU C 118 -41.31 8.56 -10.43
CA LEU C 118 -41.08 10.00 -10.27
C LEU C 118 -41.30 10.62 -11.63
N VAL C 119 -42.25 11.54 -11.71
CA VAL C 119 -42.53 12.22 -12.96
C VAL C 119 -42.05 13.67 -12.82
N ILE C 120 -41.03 14.02 -13.59
CA ILE C 120 -40.50 15.38 -13.55
C ILE C 120 -41.27 16.17 -14.60
N ASP C 121 -42.24 16.95 -14.15
CA ASP C 121 -43.07 17.71 -15.06
C ASP C 121 -43.80 18.83 -14.34
N GLU C 122 -44.31 19.80 -15.09
CA GLU C 122 -45.06 20.91 -14.52
C GLU C 122 -46.36 20.38 -13.92
N PRO C 123 -46.87 21.05 -12.86
CA PRO C 123 -48.09 20.70 -12.13
C PRO C 123 -49.45 20.63 -12.85
N HIS C 124 -49.56 21.26 -14.01
CA HIS C 124 -50.80 21.26 -14.77
C HIS C 124 -51.35 19.85 -14.99
N THR C 125 -50.58 19.05 -15.73
CA THR C 125 -50.97 17.67 -16.00
C THR C 125 -50.86 16.86 -14.71
N ASP C 126 -51.96 16.25 -14.31
CA ASP C 126 -51.98 15.44 -13.09
C ASP C 126 -51.70 13.99 -13.46
N TRP C 127 -50.42 13.63 -13.49
CA TRP C 127 -50.02 12.28 -13.86
C TRP C 127 -50.53 11.18 -12.96
N ALA C 128 -50.71 11.47 -11.68
CA ALA C 128 -51.23 10.45 -10.76
C ALA C 128 -52.61 10.02 -11.24
N LYS C 129 -53.35 10.97 -11.81
CA LYS C 129 -54.70 10.71 -12.33
C LYS C 129 -54.65 9.73 -13.50
N TYR C 130 -53.66 9.87 -14.37
CA TYR C 130 -53.53 9.00 -15.52
C TYR C 130 -52.94 7.63 -15.20
N PHE C 131 -52.25 7.54 -14.08
CA PHE C 131 -51.65 6.26 -13.67
C PHE C 131 -52.55 5.54 -12.65
N LYS C 132 -53.54 6.26 -12.15
CA LYS C 132 -54.47 5.70 -11.17
C LYS C 132 -55.01 4.36 -11.66
N GLY C 133 -54.96 3.36 -10.78
CA GLY C 133 -55.46 2.04 -11.13
C GLY C 133 -54.47 1.16 -11.88
N LYS C 134 -53.56 1.77 -12.63
CA LYS C 134 -52.58 0.99 -13.39
C LYS C 134 -51.69 0.18 -12.48
N LYS C 135 -51.52 -1.10 -12.80
CA LYS C 135 -50.71 -2.01 -12.00
C LYS C 135 -49.77 -2.86 -12.84
N ILE C 136 -48.57 -3.10 -12.31
CA ILE C 136 -47.57 -3.89 -12.98
C ILE C 136 -47.80 -5.37 -12.68
N HIS C 137 -47.77 -6.21 -13.71
CA HIS C 137 -47.99 -7.64 -13.56
C HIS C 137 -49.34 -7.97 -12.95
N GLY C 138 -50.24 -6.99 -12.92
CA GLY C 138 -51.58 -7.21 -12.40
C GLY C 138 -51.85 -6.98 -10.92
N GLU C 139 -50.80 -6.81 -10.11
CA GLU C 139 -51.02 -6.60 -8.69
C GLU C 139 -50.04 -5.63 -8.02
N ILE C 140 -48.91 -5.36 -8.67
CA ILE C 140 -47.94 -4.43 -8.12
C ILE C 140 -48.45 -3.02 -8.41
N ASP C 141 -48.79 -2.30 -7.35
CA ASP C 141 -49.31 -0.95 -7.51
C ASP C 141 -48.21 0.05 -7.86
N ILE C 142 -48.60 1.12 -8.53
CA ILE C 142 -47.68 2.19 -8.92
C ILE C 142 -48.00 3.46 -8.15
N LYS C 143 -47.02 3.97 -7.41
CA LYS C 143 -47.20 5.22 -6.67
C LYS C 143 -46.55 6.31 -7.50
N VAL C 144 -47.24 7.43 -7.67
CA VAL C 144 -46.71 8.53 -8.44
C VAL C 144 -46.30 9.72 -7.60
N GLU C 145 -45.07 10.16 -7.80
CA GLU C 145 -44.53 11.31 -7.11
C GLU C 145 -44.28 12.28 -8.25
N GLN C 146 -44.75 13.52 -8.12
CA GLN C 146 -44.56 14.49 -9.19
C GLN C 146 -43.94 15.77 -8.71
N ALA C 147 -43.04 16.33 -9.51
CA ALA C 147 -42.36 17.57 -9.19
C ALA C 147 -41.53 18.05 -10.38
N GLU C 148 -41.22 19.34 -10.39
CA GLU C 148 -40.42 19.92 -11.47
C GLU C 148 -38.94 19.80 -11.13
N PHE C 149 -38.07 19.88 -12.13
CA PHE C 149 -36.63 19.80 -11.90
C PHE C 149 -36.22 20.79 -10.80
N SER C 150 -36.75 22.02 -10.90
CA SER C 150 -36.43 23.08 -9.96
C SER C 150 -36.66 22.82 -8.48
N ASP C 151 -37.47 21.82 -8.14
CA ASP C 151 -37.74 21.52 -6.73
C ASP C 151 -37.12 20.20 -6.28
N LEU C 152 -36.20 19.68 -7.08
CA LEU C 152 -35.54 18.42 -6.77
C LEU C 152 -34.04 18.51 -6.53
N ASN C 153 -33.56 17.55 -5.75
CA ASN C 153 -32.14 17.40 -5.47
C ASN C 153 -32.00 15.94 -5.06
N LEU C 154 -30.76 15.45 -5.00
CA LEU C 154 -30.56 14.05 -4.66
C LEU C 154 -29.13 13.77 -4.22
N VAL C 155 -28.90 12.56 -3.74
CA VAL C 155 -27.59 12.10 -3.33
C VAL C 155 -27.56 10.63 -3.75
N ALA C 156 -26.50 10.22 -4.44
CA ALA C 156 -26.41 8.85 -4.90
C ALA C 156 -25.10 8.19 -4.49
N HIS C 157 -25.18 6.92 -4.13
CA HIS C 157 -24.01 6.15 -3.71
C HIS C 157 -23.75 5.04 -4.71
N ALA C 158 -22.47 4.77 -4.96
CA ALA C 158 -22.11 3.73 -5.90
C ALA C 158 -22.64 2.38 -5.39
N ASN C 159 -22.79 2.27 -4.07
CA ASN C 159 -23.27 1.02 -3.48
C ASN C 159 -24.74 0.75 -3.77
N GLY C 160 -25.46 1.77 -4.23
CA GLY C 160 -26.87 1.57 -4.53
C GLY C 160 -27.80 2.47 -3.75
N GLY C 161 -27.41 2.80 -2.52
CA GLY C 161 -28.24 3.67 -1.71
C GLY C 161 -28.40 5.01 -2.38
N PHE C 162 -29.55 5.66 -2.18
CA PHE C 162 -29.81 6.96 -2.77
C PHE C 162 -31.14 7.52 -2.32
N SER C 163 -31.30 8.84 -2.46
CA SER C 163 -32.52 9.50 -2.06
C SER C 163 -32.75 10.76 -2.88
N VAL C 164 -33.97 10.95 -3.35
CA VAL C 164 -34.35 12.12 -4.12
C VAL C 164 -35.15 13.00 -3.17
N ASP C 165 -34.71 14.24 -2.98
CA ASP C 165 -35.41 15.15 -2.08
C ASP C 165 -36.26 16.13 -2.87
N MET C 166 -37.52 16.27 -2.45
CA MET C 166 -38.48 17.13 -3.14
C MET C 166 -39.00 18.31 -2.31
N GLU C 167 -39.16 19.44 -2.98
CA GLU C 167 -39.65 20.71 -2.40
C GLU C 167 -38.59 21.58 -1.76
N VAL C 176 -39.87 19.56 2.63
CA VAL C 176 -38.87 18.68 2.05
C VAL C 176 -39.12 17.21 2.37
N ARG C 177 -39.55 16.46 1.37
CA ARG C 177 -39.81 15.03 1.53
C ARG C 177 -38.86 14.25 0.62
N SER C 178 -38.37 13.12 1.12
CA SER C 178 -37.44 12.30 0.34
C SER C 178 -38.11 11.02 -0.15
N LEU C 179 -37.71 10.57 -1.32
CA LEU C 179 -38.25 9.37 -1.91
C LEU C 179 -37.18 8.61 -2.69
N LYS C 180 -37.49 7.38 -3.09
CA LYS C 180 -36.57 6.55 -3.86
C LYS C 180 -37.32 6.01 -5.06
N PRO C 181 -37.31 6.75 -6.18
CA PRO C 181 -38.01 6.31 -7.39
C PRO C 181 -37.44 5.02 -7.98
N ASP C 182 -38.33 4.14 -8.43
CA ASP C 182 -37.91 2.90 -9.06
C ASP C 182 -37.85 3.18 -10.55
N PHE C 183 -38.51 4.27 -10.95
CA PHE C 183 -38.55 4.66 -12.34
C PHE C 183 -38.80 6.16 -12.46
N VAL C 184 -38.42 6.73 -13.61
CA VAL C 184 -38.59 8.16 -13.82
C VAL C 184 -39.11 8.45 -15.20
N LEU C 185 -40.02 9.41 -15.29
CA LEU C 185 -40.57 9.86 -16.55
C LEU C 185 -40.15 11.33 -16.58
N ILE C 186 -39.41 11.72 -17.60
CA ILE C 186 -38.93 13.10 -17.69
C ILE C 186 -39.63 13.87 -18.81
N ARG C 187 -40.41 14.87 -18.41
CA ARG C 187 -41.18 15.68 -19.34
C ARG C 187 -40.64 17.10 -19.44
N GLN C 188 -39.62 17.40 -18.66
CA GLN C 188 -39.03 18.72 -18.62
C GLN C 188 -37.64 18.79 -19.26
N HIS C 189 -37.27 19.98 -19.70
CA HIS C 189 -35.97 20.21 -20.32
C HIS C 189 -34.89 20.13 -19.23
N ALA C 190 -33.95 19.20 -19.41
CA ALA C 190 -32.88 19.01 -18.43
C ALA C 190 -31.86 20.16 -18.46
N PHE C 191 -31.85 20.94 -19.54
CA PHE C 191 -30.87 22.01 -19.65
C PHE C 191 -31.32 23.19 -20.50
N SER C 192 -30.96 24.37 -20.02
CA SER C 192 -31.25 25.61 -20.72
C SER C 192 -30.13 26.54 -20.31
N MET C 193 -29.63 27.34 -21.24
CA MET C 193 -28.54 28.25 -20.91
C MET C 193 -29.05 29.52 -20.22
N ALA C 194 -30.36 29.60 -20.01
CA ALA C 194 -30.96 30.74 -19.32
C ALA C 194 -30.67 30.51 -17.84
N ARG C 195 -30.74 31.56 -17.03
CA ARG C 195 -30.44 31.40 -15.61
C ARG C 195 -31.30 30.33 -14.91
N ASN C 196 -30.67 29.56 -14.03
CA ASN C 196 -31.35 28.51 -13.27
C ASN C 196 -31.93 27.34 -14.08
N GLY C 197 -31.52 27.20 -15.34
CA GLY C 197 -32.05 26.11 -16.15
C GLY C 197 -31.14 24.91 -16.33
N ASP C 198 -30.06 24.87 -15.57
CA ASP C 198 -29.12 23.76 -15.67
C ASP C 198 -29.41 22.66 -14.67
N TYR C 199 -29.99 21.57 -15.16
CA TYR C 199 -30.32 20.44 -14.30
C TYR C 199 -29.60 19.17 -14.75
N ARG C 200 -28.50 19.34 -15.47
CA ARG C 200 -27.72 18.21 -15.97
C ARG C 200 -27.19 17.35 -14.82
N SER C 201 -26.69 17.97 -13.77
CA SER C 201 -26.14 17.22 -12.63
C SER C 201 -27.18 16.33 -11.95
N LEU C 202 -28.47 16.64 -12.11
CA LEU C 202 -29.52 15.79 -11.53
C LEU C 202 -29.73 14.58 -12.44
N VAL C 203 -29.51 14.78 -13.74
CA VAL C 203 -29.63 13.72 -14.72
C VAL C 203 -28.46 12.76 -14.50
N ILE C 204 -27.29 13.32 -14.21
CA ILE C 204 -26.08 12.54 -13.96
C ILE C 204 -26.32 11.73 -12.68
N GLY C 205 -26.87 12.39 -11.67
CA GLY C 205 -27.16 11.75 -10.39
C GLY C 205 -28.15 10.62 -10.53
N LEU C 206 -29.21 10.83 -11.30
CA LEU C 206 -30.21 9.78 -11.50
C LEU C 206 -29.55 8.57 -12.18
N GLN C 207 -28.68 8.83 -13.15
CA GLN C 207 -27.99 7.76 -13.88
C GLN C 207 -27.00 7.05 -12.95
N TYR C 208 -26.41 7.84 -12.06
CA TYR C 208 -25.44 7.38 -11.09
C TYR C 208 -26.13 6.41 -10.10
N ALA C 209 -27.39 6.69 -9.80
CA ALA C 209 -28.18 5.87 -8.89
C ALA C 209 -28.80 4.70 -9.63
N GLY C 210 -28.61 4.67 -10.95
CA GLY C 210 -29.13 3.58 -11.77
C GLY C 210 -30.63 3.51 -12.00
N ILE C 211 -31.32 4.63 -11.85
CA ILE C 211 -32.77 4.67 -12.04
C ILE C 211 -33.17 4.65 -13.50
N PRO C 212 -34.00 3.67 -13.91
CA PRO C 212 -34.48 3.54 -15.30
C PRO C 212 -35.38 4.75 -15.64
N SER C 213 -35.44 5.14 -16.91
CA SER C 213 -36.24 6.31 -17.28
C SER C 213 -36.74 6.40 -18.73
N VAL C 214 -37.68 7.31 -18.94
CA VAL C 214 -38.26 7.59 -20.26
C VAL C 214 -38.30 9.11 -20.46
N ASN C 215 -37.56 9.62 -21.45
CA ASN C 215 -36.72 8.79 -22.31
C ASN C 215 -35.51 8.34 -21.47
N SER C 216 -34.65 7.50 -22.05
CA SER C 216 -33.48 7.02 -21.34
C SER C 216 -32.66 8.19 -20.83
N LEU C 217 -32.05 8.02 -19.66
CA LEU C 217 -31.23 9.09 -19.11
C LEU C 217 -30.10 9.42 -20.08
N HIS C 218 -29.56 8.39 -20.74
CA HIS C 218 -28.49 8.58 -21.70
C HIS C 218 -28.93 9.57 -22.80
N SER C 219 -30.11 9.35 -23.37
CA SER C 219 -30.61 10.22 -24.43
C SER C 219 -30.88 11.63 -23.88
N VAL C 220 -31.37 11.70 -22.65
CA VAL C 220 -31.67 12.98 -22.02
C VAL C 220 -30.39 13.81 -21.88
N TYR C 221 -29.34 13.16 -21.39
CA TYR C 221 -28.05 13.81 -21.19
C TYR C 221 -27.51 14.31 -22.51
N ASN C 222 -27.57 13.47 -23.53
CA ASN C 222 -27.05 13.83 -24.84
C ASN C 222 -27.93 14.80 -25.61
N PHE C 223 -29.15 15.03 -25.13
CA PHE C 223 -30.05 15.97 -25.78
C PHE C 223 -29.78 17.39 -25.24
N CYS C 224 -28.91 17.49 -24.24
CA CYS C 224 -28.61 18.78 -23.62
C CYS C 224 -27.79 19.82 -24.43
N ASP C 225 -27.52 19.53 -25.71
CA ASP C 225 -26.81 20.46 -26.62
C ASP C 225 -27.49 20.31 -27.99
N LYS C 226 -28.36 21.23 -28.33
CA LYS C 226 -29.04 21.14 -29.62
C LYS C 226 -28.15 20.81 -30.84
N PRO C 227 -26.96 21.42 -30.93
CA PRO C 227 -26.12 21.09 -32.09
C PRO C 227 -25.63 19.64 -32.07
N TRP C 228 -25.48 19.09 -30.87
CA TRP C 228 -25.03 17.71 -30.69
C TRP C 228 -26.12 16.77 -31.21
N VAL C 229 -27.38 17.17 -31.05
CA VAL C 229 -28.50 16.36 -31.54
C VAL C 229 -28.64 16.57 -33.05
N PHE C 230 -28.34 17.78 -33.50
CA PHE C 230 -28.43 18.07 -34.92
C PHE C 230 -27.38 17.26 -35.67
N ALA C 231 -26.19 17.13 -35.07
CA ALA C 231 -25.09 16.38 -35.68
C ALA C 231 -25.54 14.95 -36.03
N GLN C 232 -26.36 14.39 -35.17
CA GLN C 232 -26.91 13.05 -35.37
C GLN C 232 -27.82 13.03 -36.60
N MET C 233 -28.59 14.09 -36.81
CA MET C 233 -29.46 14.15 -37.97
C MET C 233 -28.59 14.37 -39.21
N VAL C 234 -27.51 15.13 -39.04
CA VAL C 234 -26.60 15.38 -40.14
C VAL C 234 -26.09 14.03 -40.66
N ARG C 235 -25.68 13.17 -39.75
CA ARG C 235 -25.21 11.85 -40.11
C ARG C 235 -26.33 11.09 -40.82
N LEU C 236 -27.56 11.25 -40.35
CA LEU C 236 -28.72 10.60 -40.95
C LEU C 236 -28.96 11.13 -42.34
N HIS C 237 -28.90 12.45 -42.46
CA HIS C 237 -29.11 13.12 -43.73
C HIS C 237 -28.05 12.64 -44.71
N LYS C 238 -26.84 12.45 -44.19
CA LYS C 238 -25.68 12.01 -44.96
C LYS C 238 -25.93 10.63 -45.61
N LYS C 239 -26.55 9.74 -44.85
CA LYS C 239 -26.83 8.39 -45.33
C LYS C 239 -28.08 8.32 -46.21
N LEU C 240 -29.13 9.01 -45.78
CA LEU C 240 -30.40 9.00 -46.51
C LEU C 240 -30.48 9.88 -47.75
N GLY C 241 -29.77 11.01 -47.74
CA GLY C 241 -29.84 11.92 -48.87
C GLY C 241 -31.05 12.85 -48.75
N THR C 242 -30.99 13.99 -49.42
CA THR C 242 -32.07 14.99 -49.38
C THR C 242 -33.47 14.55 -49.80
N GLU C 243 -33.58 13.69 -50.81
CA GLU C 243 -34.90 13.25 -51.27
C GLU C 243 -35.63 12.37 -50.26
N GLU C 244 -34.90 11.83 -49.30
CA GLU C 244 -35.50 10.97 -48.28
C GLU C 244 -35.61 11.66 -46.94
N PHE C 245 -34.61 12.47 -46.61
CA PHE C 245 -34.53 13.17 -45.32
C PHE C 245 -34.04 14.60 -45.60
N PRO C 246 -34.96 15.53 -45.89
CA PRO C 246 -34.58 16.92 -46.18
C PRO C 246 -34.14 17.80 -45.01
N LEU C 247 -32.98 17.50 -44.43
CA LEU C 247 -32.45 18.26 -43.31
C LEU C 247 -32.12 19.69 -43.76
N ILE C 248 -32.61 20.68 -43.04
CA ILE C 248 -32.33 22.06 -43.43
C ILE C 248 -30.84 22.32 -43.44
N ASP C 249 -30.42 23.20 -44.34
CA ASP C 249 -29.02 23.60 -44.48
C ASP C 249 -28.73 24.37 -43.18
N GLN C 250 -27.74 23.95 -42.40
CA GLN C 250 -27.41 24.65 -41.17
C GLN C 250 -25.92 24.71 -40.96
N THR C 251 -25.45 25.80 -40.38
CA THR C 251 -24.02 25.96 -40.10
C THR C 251 -23.79 26.09 -38.60
N PHE C 252 -22.77 25.39 -38.11
CA PHE C 252 -22.42 25.41 -36.70
C PHE C 252 -21.18 26.28 -36.45
N TYR C 253 -21.25 27.10 -35.40
CA TYR C 253 -20.15 27.99 -35.02
C TYR C 253 -19.78 27.68 -33.56
N PRO C 254 -18.58 27.14 -33.31
CA PRO C 254 -18.12 26.81 -31.95
C PRO C 254 -18.18 28.05 -31.05
N ASN C 255 -17.93 29.20 -31.65
CA ASN C 255 -17.96 30.48 -30.96
C ASN C 255 -18.19 31.57 -32.02
N HIS C 256 -18.40 32.81 -31.57
CA HIS C 256 -18.67 33.92 -32.49
C HIS C 256 -17.56 34.21 -33.50
N LYS C 257 -16.32 33.90 -33.16
CA LYS C 257 -15.20 34.18 -34.05
C LYS C 257 -15.31 33.59 -35.44
N GLU C 258 -16.07 32.51 -35.59
CA GLU C 258 -16.22 31.87 -36.89
C GLU C 258 -17.38 32.48 -37.67
N MET C 259 -18.20 33.29 -37.01
CA MET C 259 -19.35 33.92 -37.65
C MET C 259 -18.94 35.16 -38.42
N LEU C 260 -18.76 35.03 -39.73
CA LEU C 260 -18.35 36.17 -40.53
C LEU C 260 -19.41 36.63 -41.50
N SER C 261 -20.06 35.69 -42.17
CA SER C 261 -21.10 36.06 -43.12
C SER C 261 -21.93 34.88 -43.55
N SER C 262 -22.93 35.15 -44.38
CA SER C 262 -23.80 34.10 -44.88
C SER C 262 -23.89 34.15 -46.40
N THR C 263 -24.18 32.99 -46.98
CA THR C 263 -24.32 32.86 -48.42
C THR C 263 -25.55 33.64 -48.87
N THR C 264 -26.68 33.41 -48.19
CA THR C 264 -27.90 34.11 -48.52
C THR C 264 -28.61 34.62 -47.28
N TYR C 265 -29.57 35.50 -47.50
CA TYR C 265 -30.36 36.09 -46.43
C TYR C 265 -31.82 36.09 -46.85
N PRO C 266 -32.75 36.13 -45.88
CA PRO C 266 -32.46 36.17 -44.45
C PRO C 266 -32.12 34.80 -43.88
N VAL C 267 -31.50 34.78 -42.71
CA VAL C 267 -31.13 33.54 -42.03
C VAL C 267 -31.65 33.61 -40.60
N VAL C 268 -31.82 32.43 -39.99
CA VAL C 268 -32.27 32.37 -38.61
C VAL C 268 -31.07 31.93 -37.78
N VAL C 269 -30.72 32.75 -36.79
CA VAL C 269 -29.60 32.41 -35.91
C VAL C 269 -30.17 31.88 -34.59
N LYS C 270 -29.61 30.79 -34.09
CA LYS C 270 -30.09 30.20 -32.85
C LYS C 270 -28.91 30.05 -31.91
N MET C 271 -28.95 30.81 -30.82
CA MET C 271 -27.87 30.84 -29.84
C MET C 271 -27.91 29.83 -28.71
N GLY C 272 -26.75 29.22 -28.45
CA GLY C 272 -26.64 28.24 -27.38
C GLY C 272 -27.72 27.19 -27.38
N HIS C 273 -28.09 26.75 -26.18
CA HIS C 273 -29.10 25.73 -26.00
C HIS C 273 -30.24 26.38 -25.23
N ALA C 274 -31.35 26.66 -25.91
CA ALA C 274 -32.49 27.31 -25.26
C ALA C 274 -33.79 26.87 -25.94
N HIS C 275 -34.90 27.00 -25.23
CA HIS C 275 -36.21 26.57 -25.72
C HIS C 275 -37.29 27.67 -25.81
N SER C 276 -38.42 27.30 -26.39
CA SER C 276 -39.56 28.19 -26.55
C SER C 276 -39.26 29.50 -27.28
N GLY C 277 -38.42 29.42 -28.31
CA GLY C 277 -38.06 30.58 -29.10
C GLY C 277 -36.92 31.40 -28.56
N MET C 278 -36.48 31.12 -27.33
CA MET C 278 -35.41 31.90 -26.72
C MET C 278 -34.08 31.83 -27.47
N GLY C 279 -33.45 32.98 -27.65
CA GLY C 279 -32.18 33.06 -28.34
C GLY C 279 -32.22 32.84 -29.85
N LYS C 280 -33.41 32.91 -30.43
CA LYS C 280 -33.54 32.70 -31.86
C LYS C 280 -33.98 33.97 -32.57
N VAL C 281 -33.12 34.45 -33.48
CA VAL C 281 -33.39 35.69 -34.21
C VAL C 281 -33.26 35.55 -35.72
N LYS C 282 -34.06 36.35 -36.43
CA LYS C 282 -34.06 36.39 -37.88
C LYS C 282 -33.14 37.54 -38.26
N VAL C 283 -32.22 37.28 -39.18
CA VAL C 283 -31.23 38.27 -39.63
C VAL C 283 -31.36 38.49 -41.14
N ASP C 284 -31.70 39.70 -41.52
CA ASP C 284 -31.92 40.03 -42.93
C ASP C 284 -30.72 40.50 -43.74
N ASN C 285 -29.59 40.76 -43.12
CA ASN C 285 -28.45 41.20 -43.89
C ASN C 285 -27.11 41.13 -43.20
N GLN C 286 -26.06 41.27 -44.01
CA GLN C 286 -24.66 41.21 -43.56
C GLN C 286 -24.39 42.04 -42.30
N HIS C 287 -24.70 43.33 -42.36
CA HIS C 287 -24.47 44.20 -41.21
C HIS C 287 -25.14 43.69 -39.94
N ASP C 288 -26.39 43.26 -40.06
CA ASP C 288 -27.13 42.76 -38.90
C ASP C 288 -26.51 41.46 -38.40
N PHE C 289 -26.03 40.64 -39.34
CA PHE C 289 -25.39 39.37 -38.99
C PHE C 289 -24.17 39.67 -38.11
N GLN C 290 -23.37 40.62 -38.56
CA GLN C 290 -22.16 41.02 -37.82
C GLN C 290 -22.54 41.53 -36.43
N ASP C 291 -23.66 42.23 -36.33
CA ASP C 291 -24.10 42.72 -35.02
C ASP C 291 -24.53 41.55 -34.16
N ILE C 292 -25.31 40.65 -34.74
CA ILE C 292 -25.80 39.49 -34.02
C ILE C 292 -24.65 38.62 -33.57
N ALA C 293 -23.61 38.53 -34.40
CA ALA C 293 -22.43 37.75 -34.05
C ALA C 293 -21.74 38.37 -32.83
N SER C 294 -21.73 39.70 -32.76
CA SER C 294 -21.08 40.39 -31.65
C SER C 294 -21.86 40.07 -30.37
N VAL C 295 -23.14 39.75 -30.53
CA VAL C 295 -23.98 39.39 -29.39
C VAL C 295 -23.69 37.94 -28.96
N VAL C 296 -23.36 37.09 -29.93
CA VAL C 296 -23.05 35.70 -29.63
C VAL C 296 -21.81 35.68 -28.73
N ALA C 297 -20.92 36.63 -28.94
CA ALA C 297 -19.71 36.71 -28.14
C ALA C 297 -20.05 36.88 -26.66
N LEU C 298 -21.11 37.63 -26.37
CA LEU C 298 -21.49 37.85 -24.99
C LEU C 298 -22.19 36.64 -24.36
N THR C 299 -22.69 35.73 -25.19
CA THR C 299 -23.33 34.52 -24.66
C THR C 299 -22.18 33.57 -24.30
N LYS C 300 -21.02 33.83 -24.90
CA LYS C 300 -19.83 33.02 -24.72
C LYS C 300 -20.03 31.53 -25.01
N THR C 301 -20.94 31.24 -25.95
CA THR C 301 -21.21 29.85 -26.30
C THR C 301 -21.33 29.73 -27.82
N TYR C 302 -21.82 28.58 -28.28
CA TYR C 302 -21.96 28.34 -29.72
C TYR C 302 -23.26 28.91 -30.28
N ALA C 303 -23.40 28.81 -31.60
CA ALA C 303 -24.59 29.29 -32.29
C ALA C 303 -24.67 28.64 -33.66
N THR C 304 -25.87 28.67 -34.24
CA THR C 304 -26.06 28.11 -35.55
C THR C 304 -26.77 29.13 -36.39
N ALA C 305 -26.70 28.96 -37.70
CA ALA C 305 -27.37 29.83 -38.65
C ALA C 305 -27.95 28.89 -39.70
N GLU C 306 -29.14 29.21 -40.18
CA GLU C 306 -29.79 28.38 -41.18
C GLU C 306 -30.65 29.27 -42.05
N PRO C 307 -30.91 28.84 -43.29
CA PRO C 307 -31.74 29.65 -44.18
C PRO C 307 -33.11 29.93 -43.58
N PHE C 308 -33.58 31.15 -43.73
CA PHE C 308 -34.92 31.48 -43.25
C PHE C 308 -35.84 30.89 -44.32
N ILE C 309 -36.79 30.08 -43.90
CA ILE C 309 -37.72 29.46 -44.84
C ILE C 309 -39.04 30.22 -44.90
N ASP C 310 -39.46 30.61 -46.10
CA ASP C 310 -40.73 31.30 -46.27
C ASP C 310 -41.71 30.15 -46.29
N ALA C 311 -42.19 29.80 -45.11
CA ALA C 311 -43.08 28.66 -44.95
C ALA C 311 -44.57 28.87 -45.14
N LYS C 312 -45.18 27.85 -45.74
CA LYS C 312 -46.62 27.83 -45.99
C LYS C 312 -47.20 27.28 -44.69
N TYR C 313 -46.37 26.54 -43.97
CA TYR C 313 -46.74 25.93 -42.69
C TYR C 313 -45.63 24.99 -42.24
N ASP C 314 -45.65 24.63 -40.97
CA ASP C 314 -44.66 23.70 -40.46
C ASP C 314 -45.42 22.47 -39.99
N VAL C 315 -44.73 21.34 -39.97
CA VAL C 315 -45.36 20.09 -39.55
C VAL C 315 -44.49 19.44 -38.49
N ARG C 316 -45.13 18.69 -37.60
CA ARG C 316 -44.41 17.97 -36.59
C ARG C 316 -44.91 16.53 -36.61
N VAL C 317 -43.99 15.59 -36.79
CA VAL C 317 -44.33 14.18 -36.82
C VAL C 317 -43.88 13.58 -35.49
N GLN C 318 -44.82 13.02 -34.74
CA GLN C 318 -44.46 12.45 -33.45
C GLN C 318 -44.54 10.95 -33.43
N LYS C 319 -43.90 10.37 -32.42
CA LYS C 319 -43.86 8.93 -32.25
C LYS C 319 -43.71 8.64 -30.77
N ILE C 320 -44.76 8.07 -30.19
CA ILE C 320 -44.78 7.69 -28.79
C ILE C 320 -44.93 6.18 -28.84
N GLY C 321 -43.91 5.46 -28.40
CA GLY C 321 -43.97 4.02 -28.45
C GLY C 321 -44.14 3.66 -29.91
N GLN C 322 -45.29 3.08 -30.26
CA GLN C 322 -45.56 2.72 -31.65
C GLN C 322 -46.66 3.57 -32.28
N ASN C 323 -47.07 4.63 -31.61
CA ASN C 323 -48.12 5.50 -32.14
C ASN C 323 -47.54 6.71 -32.85
N TYR C 324 -48.07 6.99 -34.04
CA TYR C 324 -47.60 8.13 -34.82
C TYR C 324 -48.75 9.11 -35.09
N LYS C 325 -48.40 10.38 -35.15
CA LYS C 325 -49.36 11.44 -35.47
C LYS C 325 -48.61 12.56 -36.16
N ALA C 326 -49.25 13.20 -37.12
CA ALA C 326 -48.63 14.30 -37.82
C ALA C 326 -49.55 15.50 -37.69
N TYR C 327 -49.01 16.64 -37.29
CA TYR C 327 -49.79 17.87 -37.12
C TYR C 327 -49.26 18.98 -38.00
N MET C 328 -50.19 19.72 -38.61
CA MET C 328 -49.87 20.83 -39.48
C MET C 328 -50.27 22.14 -38.80
N ARG C 329 -49.30 23.00 -38.55
CA ARG C 329 -49.58 24.28 -37.92
C ARG C 329 -49.41 25.33 -39.00
N THR C 330 -50.36 26.25 -39.09
CA THR C 330 -50.28 27.29 -40.10
C THR C 330 -50.81 28.63 -39.60
N TRP C 336 -43.01 34.91 -38.85
CA TRP C 336 -41.66 34.55 -38.29
C TRP C 336 -41.84 33.37 -37.34
N LYS C 337 -41.97 33.62 -36.04
CA LYS C 337 -42.13 32.52 -35.08
C LYS C 337 -43.57 32.09 -34.84
N LEU C 345 -53.57 24.76 -35.77
CA LEU C 345 -53.31 23.30 -35.61
C LEU C 345 -54.37 22.42 -36.26
N GLU C 346 -53.90 21.52 -37.12
CA GLU C 346 -54.75 20.62 -37.86
C GLU C 346 -54.02 19.30 -38.05
N GLN C 347 -54.56 18.22 -37.50
CA GLN C 347 -53.92 16.93 -37.65
C GLN C 347 -54.05 16.48 -39.10
N ILE C 348 -52.97 15.97 -39.67
CA ILE C 348 -53.04 15.47 -41.03
C ILE C 348 -52.72 13.98 -41.05
N ALA C 349 -52.69 13.41 -42.25
CA ALA C 349 -52.42 12.00 -42.42
C ALA C 349 -50.93 11.68 -42.39
N MET C 350 -50.61 10.54 -41.80
CA MET C 350 -49.23 10.08 -41.75
C MET C 350 -48.93 9.61 -43.16
N SER C 351 -47.69 9.73 -43.59
CA SER C 351 -47.30 9.28 -44.91
C SER C 351 -46.10 8.37 -44.68
N ASP C 352 -45.69 7.63 -45.70
CA ASP C 352 -44.54 6.75 -45.54
C ASP C 352 -43.30 7.63 -45.33
N ARG C 353 -43.31 8.79 -45.98
CA ARG C 353 -42.22 9.77 -45.90
C ARG C 353 -42.08 10.27 -44.45
N TYR C 354 -43.18 10.73 -43.88
CA TYR C 354 -43.17 11.23 -42.49
C TYR C 354 -42.74 10.14 -41.51
N LYS C 355 -43.18 8.90 -41.76
CA LYS C 355 -42.84 7.79 -40.88
C LYS C 355 -41.33 7.52 -40.90
N LEU C 356 -40.71 7.67 -42.07
CA LEU C 356 -39.29 7.43 -42.18
C LEU C 356 -38.54 8.49 -41.38
N TRP C 357 -38.98 9.75 -41.51
CA TRP C 357 -38.34 10.84 -40.78
C TRP C 357 -38.27 10.55 -39.29
N VAL C 358 -39.42 10.29 -38.67
CA VAL C 358 -39.44 10.04 -37.22
C VAL C 358 -38.91 8.67 -36.79
N ASP C 359 -39.07 7.65 -37.62
CA ASP C 359 -38.53 6.34 -37.27
C ASP C 359 -37.01 6.42 -37.19
N THR C 360 -36.42 7.09 -38.17
CA THR C 360 -34.97 7.22 -38.21
C THR C 360 -34.47 8.09 -37.06
N CYS C 361 -35.18 9.18 -36.75
CA CYS C 361 -34.78 10.04 -35.66
C CYS C 361 -34.90 9.34 -34.32
N SER C 362 -35.95 8.52 -34.16
CA SER C 362 -36.18 7.81 -32.90
C SER C 362 -35.11 6.79 -32.52
N GLU C 363 -34.19 6.51 -33.44
CA GLU C 363 -33.14 5.54 -33.16
C GLU C 363 -31.86 6.13 -32.58
N ILE C 364 -31.75 7.46 -32.56
CA ILE C 364 -30.54 8.06 -32.01
C ILE C 364 -30.35 7.87 -30.50
N PHE C 365 -29.09 7.89 -30.09
CA PHE C 365 -28.71 7.74 -28.69
C PHE C 365 -29.32 6.53 -27.97
N GLY C 366 -29.40 5.39 -28.68
CA GLY C 366 -29.95 4.19 -28.07
C GLY C 366 -31.45 4.03 -28.19
N GLY C 367 -32.11 5.04 -28.77
CA GLY C 367 -33.56 4.96 -28.93
C GLY C 367 -34.35 5.91 -28.05
N LEU C 368 -35.23 6.68 -28.67
CA LEU C 368 -36.06 7.63 -27.95
C LEU C 368 -37.48 7.07 -27.93
N ASP C 369 -38.03 6.83 -26.74
CA ASP C 369 -39.37 6.28 -26.63
C ASP C 369 -40.42 7.31 -27.04
N ILE C 370 -40.13 8.58 -26.73
CA ILE C 370 -41.00 9.69 -27.07
C ILE C 370 -40.16 10.70 -27.85
N CYS C 371 -40.55 10.98 -29.09
CA CYS C 371 -39.82 11.97 -29.85
C CYS C 371 -40.68 12.52 -30.97
N ALA C 372 -40.19 13.57 -31.60
CA ALA C 372 -40.92 14.18 -32.69
C ALA C 372 -39.94 14.88 -33.62
N VAL C 373 -40.36 15.04 -34.87
CA VAL C 373 -39.55 15.70 -35.87
C VAL C 373 -40.35 16.89 -36.36
N GLU C 374 -39.74 18.07 -36.35
CA GLU C 374 -40.38 19.29 -36.80
C GLU C 374 -39.78 19.67 -38.14
N ALA C 375 -40.64 19.99 -39.12
CA ALA C 375 -40.18 20.38 -40.44
C ALA C 375 -40.98 21.58 -40.94
N LEU C 376 -40.35 22.39 -41.78
CA LEU C 376 -41.02 23.56 -42.33
C LEU C 376 -41.28 23.31 -43.81
N HIS C 377 -42.49 23.60 -44.26
CA HIS C 377 -42.85 23.41 -45.66
C HIS C 377 -42.86 24.76 -46.36
N GLY C 378 -41.85 24.98 -47.21
CA GLY C 378 -41.75 26.24 -47.92
C GLY C 378 -42.81 26.42 -48.98
N LYS C 379 -43.13 27.67 -49.28
CA LYS C 379 -44.14 27.98 -50.28
C LYS C 379 -43.81 27.31 -51.61
N ASP C 380 -42.51 27.08 -51.85
CA ASP C 380 -42.07 26.43 -53.09
C ASP C 380 -42.22 24.91 -53.04
N GLY C 381 -42.90 24.41 -52.01
CA GLY C 381 -43.12 22.99 -51.88
C GLY C 381 -42.02 22.14 -51.27
N ARG C 382 -40.87 22.73 -50.97
CA ARG C 382 -39.78 21.96 -50.38
C ARG C 382 -39.91 21.89 -48.85
N ASP C 383 -39.65 20.71 -48.31
CA ASP C 383 -39.69 20.51 -46.86
C ASP C 383 -38.31 20.72 -46.27
N HIS C 384 -38.25 21.14 -45.01
CA HIS C 384 -36.99 21.36 -44.33
C HIS C 384 -37.10 20.92 -42.88
N ILE C 385 -36.40 19.85 -42.54
CA ILE C 385 -36.40 19.34 -41.18
C ILE C 385 -35.48 20.26 -40.40
N ILE C 386 -35.98 20.84 -39.31
CA ILE C 386 -35.15 21.74 -38.53
C ILE C 386 -34.83 21.23 -37.13
N GLU C 387 -35.56 20.23 -36.65
CA GLU C 387 -35.28 19.76 -35.31
C GLU C 387 -35.95 18.44 -34.92
N VAL C 388 -35.40 17.80 -33.89
CA VAL C 388 -35.96 16.57 -33.34
C VAL C 388 -36.04 16.79 -31.82
N VAL C 389 -37.21 16.56 -31.23
CA VAL C 389 -37.39 16.74 -29.79
C VAL C 389 -37.53 15.42 -29.07
N GLY C 390 -37.11 15.40 -27.80
CA GLY C 390 -37.17 14.19 -27.01
C GLY C 390 -38.42 14.01 -26.19
N SER C 391 -38.27 13.44 -24.99
CA SER C 391 -39.43 13.18 -24.12
C SER C 391 -40.03 14.42 -23.45
N SER C 392 -39.55 15.60 -23.80
CA SER C 392 -40.11 16.81 -23.21
C SER C 392 -41.00 17.48 -24.25
N MET C 393 -41.15 16.85 -25.41
CA MET C 393 -41.95 17.40 -26.49
C MET C 393 -43.36 17.69 -26.01
N PRO C 394 -43.83 18.91 -26.26
CA PRO C 394 -45.19 19.27 -25.84
C PRO C 394 -46.25 18.48 -26.58
N LEU C 395 -47.29 18.08 -25.85
CA LEU C 395 -48.39 17.34 -26.44
C LEU C 395 -49.28 18.42 -27.03
N ILE C 396 -49.70 18.22 -28.27
CA ILE C 396 -50.50 19.22 -28.95
C ILE C 396 -51.74 18.65 -29.61
N GLY C 397 -52.60 19.55 -30.08
CA GLY C 397 -53.81 19.13 -30.76
C GLY C 397 -54.95 18.59 -29.92
N ASP C 398 -55.94 18.04 -30.61
CA ASP C 398 -57.14 17.47 -30.01
C ASP C 398 -56.92 16.15 -29.25
N HIS C 399 -55.73 15.56 -29.33
CA HIS C 399 -55.50 14.28 -28.69
C HIS C 399 -54.51 14.22 -27.52
N GLN C 400 -54.29 15.35 -26.85
CA GLN C 400 -53.36 15.38 -25.74
C GLN C 400 -53.67 14.30 -24.71
N ASP C 401 -54.96 14.07 -24.47
CA ASP C 401 -55.40 13.07 -23.50
C ASP C 401 -54.98 11.67 -23.97
N GLU C 402 -55.25 11.36 -25.24
CA GLU C 402 -54.88 10.07 -25.79
C GLU C 402 -53.38 9.86 -25.63
N ASP C 403 -52.60 10.87 -26.02
CA ASP C 403 -51.14 10.79 -25.95
C ASP C 403 -50.63 10.57 -24.54
N LYS C 404 -51.26 11.21 -23.54
CA LYS C 404 -50.83 11.02 -22.16
C LYS C 404 -51.08 9.57 -21.76
N GLN C 405 -52.25 9.06 -22.13
CA GLN C 405 -52.59 7.67 -21.84
C GLN C 405 -51.54 6.80 -22.51
N LEU C 406 -51.20 7.14 -23.75
CA LEU C 406 -50.20 6.41 -24.51
C LEU C 406 -48.87 6.42 -23.76
N ILE C 407 -48.49 7.58 -23.24
CA ILE C 407 -47.25 7.68 -22.49
C ILE C 407 -47.36 6.77 -21.27
N VAL C 408 -48.53 6.80 -20.62
CA VAL C 408 -48.77 5.96 -19.45
C VAL C 408 -48.60 4.48 -19.81
N GLU C 409 -49.25 4.06 -20.89
CA GLU C 409 -49.15 2.66 -21.32
C GLU C 409 -47.66 2.35 -21.53
N LEU C 410 -46.97 3.28 -22.19
CA LEU C 410 -45.55 3.15 -22.47
C LEU C 410 -44.72 2.94 -21.20
N VAL C 411 -44.84 3.84 -20.25
CA VAL C 411 -44.11 3.77 -18.98
C VAL C 411 -44.43 2.52 -18.16
N VAL C 412 -45.70 2.13 -18.17
CA VAL C 412 -46.11 0.93 -17.44
C VAL C 412 -45.38 -0.30 -17.98
N ASN C 413 -45.32 -0.39 -19.31
CA ASN C 413 -44.64 -1.51 -19.96
C ASN C 413 -43.15 -1.49 -19.60
N LYS C 414 -42.53 -0.31 -19.65
CA LYS C 414 -41.12 -0.17 -19.33
C LYS C 414 -40.85 -0.54 -17.87
N MET C 415 -41.74 -0.13 -16.98
CA MET C 415 -41.58 -0.46 -15.57
C MET C 415 -41.72 -1.96 -15.39
N THR C 416 -42.69 -2.54 -16.08
CA THR C 416 -42.93 -3.99 -16.00
C THR C 416 -41.62 -4.74 -16.19
N GLN C 417 -40.83 -4.31 -17.18
CA GLN C 417 -39.55 -4.93 -17.44
C GLN C 417 -38.52 -4.40 -16.45
N ALA C 418 -38.60 -4.92 -15.22
CA ALA C 418 -37.71 -4.54 -14.12
C ALA C 418 -38.35 -5.01 -12.81
N ALA D 113 -3.73 11.81 -53.73
CA ALA D 113 -4.61 12.42 -52.69
C ALA D 113 -4.33 11.82 -51.32
N ALA D 114 -3.46 12.47 -50.56
CA ALA D 114 -3.10 12.01 -49.22
C ALA D 114 -4.25 12.25 -48.25
N ARG D 115 -4.33 11.42 -47.21
CA ARG D 115 -5.39 11.55 -46.21
C ARG D 115 -4.89 12.40 -45.05
N VAL D 116 -5.74 13.31 -44.59
CA VAL D 116 -5.37 14.21 -43.49
C VAL D 116 -5.82 13.75 -42.10
N LEU D 117 -4.85 13.61 -41.21
CA LEU D 117 -5.13 13.22 -39.84
C LEU D 117 -4.75 14.38 -38.93
N LEU D 118 -5.73 14.85 -38.16
CA LEU D 118 -5.47 15.92 -37.23
C LEU D 118 -5.30 15.28 -35.85
N VAL D 119 -4.17 15.53 -35.21
CA VAL D 119 -3.94 14.98 -33.89
C VAL D 119 -4.01 16.15 -32.93
N ILE D 120 -4.89 16.05 -31.94
CA ILE D 120 -5.06 17.11 -30.95
C ILE D 120 -4.25 16.69 -29.74
N ASP D 121 -3.03 17.21 -29.65
CA ASP D 121 -2.12 16.86 -28.57
C ASP D 121 -1.11 17.99 -28.35
N GLU D 122 -0.46 17.99 -27.19
CA GLU D 122 0.54 19.03 -26.93
C GLU D 122 1.79 18.75 -27.77
N PRO D 123 2.60 19.80 -28.02
CA PRO D 123 3.82 19.72 -28.83
C PRO D 123 4.88 18.68 -28.44
N HIS D 124 4.80 18.16 -27.22
CA HIS D 124 5.77 17.17 -26.78
C HIS D 124 5.89 16.02 -27.76
N THR D 125 4.83 15.23 -27.91
CA THR D 125 4.88 14.10 -28.84
C THR D 125 4.81 14.57 -30.29
N ASP D 126 5.79 14.15 -31.07
CA ASP D 126 5.89 14.49 -32.49
C ASP D 126 5.19 13.36 -33.26
N TRP D 127 3.86 13.44 -33.33
CA TRP D 127 3.10 12.40 -34.01
C TRP D 127 3.42 12.17 -35.47
N ALA D 128 3.79 13.23 -36.19
CA ALA D 128 4.12 13.08 -37.61
C ALA D 128 5.22 12.02 -37.75
N LYS D 129 6.21 12.09 -36.86
CA LYS D 129 7.32 11.14 -36.86
C LYS D 129 6.84 9.69 -36.81
N TYR D 130 5.88 9.42 -35.93
CA TYR D 130 5.35 8.08 -35.75
C TYR D 130 4.50 7.59 -36.92
N PHE D 131 3.91 8.53 -37.65
CA PHE D 131 3.07 8.18 -38.79
C PHE D 131 3.87 8.19 -40.09
N LYS D 132 5.10 8.69 -40.03
CA LYS D 132 5.98 8.77 -41.20
C LYS D 132 6.15 7.40 -41.82
N GLY D 133 5.89 7.31 -43.13
CA GLY D 133 6.03 6.04 -43.83
C GLY D 133 4.80 5.17 -43.83
N LYS D 134 3.81 5.52 -43.01
CA LYS D 134 2.58 4.74 -42.95
C LYS D 134 1.69 5.18 -44.12
N LYS D 135 1.09 4.22 -44.81
CA LYS D 135 0.24 4.50 -45.95
C LYS D 135 -1.02 3.63 -45.92
N ILE D 136 -2.16 4.23 -46.25
CA ILE D 136 -3.43 3.51 -46.26
C ILE D 136 -3.58 2.66 -47.52
N HIS D 137 -3.99 1.41 -47.35
CA HIS D 137 -4.18 0.48 -48.45
C HIS D 137 -2.88 0.23 -49.22
N GLY D 138 -1.77 0.61 -48.61
CA GLY D 138 -0.48 0.40 -49.25
C GLY D 138 0.08 1.59 -50.02
N GLU D 139 -0.79 2.35 -50.68
CA GLU D 139 -0.30 3.49 -51.47
C GLU D 139 -0.75 4.90 -51.05
N ILE D 140 -1.85 5.00 -50.31
CA ILE D 140 -2.33 6.33 -49.90
C ILE D 140 -1.56 6.91 -48.72
N ASP D 141 -0.95 8.09 -48.94
CA ASP D 141 -0.18 8.78 -47.91
C ASP D 141 -1.06 9.32 -46.78
N ILE D 142 -0.44 9.57 -45.64
CA ILE D 142 -1.13 10.15 -44.48
C ILE D 142 -0.40 11.41 -44.07
N LYS D 143 -1.05 12.55 -44.15
CA LYS D 143 -0.42 13.79 -43.72
C LYS D 143 -0.90 14.03 -42.30
N VAL D 144 0.03 14.29 -41.40
CA VAL D 144 -0.31 14.55 -40.02
C VAL D 144 -0.30 16.03 -39.71
N GLU D 145 -1.37 16.49 -39.08
CA GLU D 145 -1.51 17.87 -38.66
C GLU D 145 -1.68 17.77 -37.16
N GLN D 146 -0.92 18.56 -36.40
CA GLN D 146 -1.02 18.50 -34.95
C GLN D 146 -1.21 19.89 -34.33
N ALA D 147 -1.87 19.92 -33.18
CA ALA D 147 -2.13 21.17 -32.48
C ALA D 147 -2.91 20.90 -31.19
N GLU D 148 -2.92 21.88 -30.30
CA GLU D 148 -3.64 21.75 -29.05
C GLU D 148 -5.03 22.33 -29.24
N PHE D 149 -5.96 22.00 -28.36
CA PHE D 149 -7.32 22.51 -28.45
C PHE D 149 -7.36 24.03 -28.45
N SER D 150 -6.49 24.63 -27.65
CA SER D 150 -6.44 26.09 -27.54
C SER D 150 -6.09 26.83 -28.83
N ASP D 151 -5.46 26.14 -29.78
CA ASP D 151 -5.10 26.78 -31.04
C ASP D 151 -5.99 26.34 -32.19
N LEU D 152 -7.17 25.82 -31.85
CA LEU D 152 -8.11 25.35 -32.87
C LEU D 152 -9.49 25.98 -32.82
N ASN D 153 -10.12 26.05 -33.98
CA ASN D 153 -11.48 26.55 -34.12
C ASN D 153 -11.97 25.90 -35.41
N LEU D 154 -13.27 26.00 -35.70
CA LEU D 154 -13.79 25.39 -36.92
C LEU D 154 -15.17 25.91 -37.29
N VAL D 155 -15.67 25.43 -38.42
CA VAL D 155 -16.99 25.78 -38.92
C VAL D 155 -17.52 24.51 -39.57
N ALA D 156 -18.79 24.21 -39.39
CA ALA D 156 -19.34 23.00 -39.98
C ALA D 156 -20.70 23.26 -40.60
N HIS D 157 -20.93 22.66 -41.77
CA HIS D 157 -22.17 22.82 -42.49
C HIS D 157 -22.85 21.45 -42.57
N ALA D 158 -24.18 21.45 -42.48
CA ALA D 158 -24.93 20.20 -42.54
C ALA D 158 -24.73 19.54 -43.90
N ASN D 159 -24.41 20.33 -44.92
CA ASN D 159 -24.19 19.81 -46.26
C ASN D 159 -22.86 19.07 -46.44
N GLY D 160 -22.07 19.00 -45.38
CA GLY D 160 -20.80 18.31 -45.44
C GLY D 160 -19.59 19.22 -45.43
N GLY D 161 -19.71 20.40 -46.04
CA GLY D 161 -18.61 21.34 -46.07
C GLY D 161 -18.16 21.65 -44.65
N PHE D 162 -16.88 22.02 -44.48
CA PHE D 162 -16.36 22.37 -43.17
C PHE D 162 -14.90 22.77 -43.27
N SER D 163 -14.36 23.28 -42.17
CA SER D 163 -12.97 23.70 -42.12
C SER D 163 -12.47 23.82 -40.69
N VAL D 164 -11.21 23.49 -40.48
CA VAL D 164 -10.60 23.57 -39.16
C VAL D 164 -9.54 24.66 -39.27
N ASP D 165 -9.56 25.60 -38.35
CA ASP D 165 -8.59 26.69 -38.37
C ASP D 165 -7.61 26.54 -37.21
N MET D 166 -6.35 26.39 -37.58
CA MET D 166 -5.27 26.20 -36.62
C MET D 166 -4.34 27.41 -36.58
N GLU D 167 -4.12 27.96 -35.38
CA GLU D 167 -3.22 29.10 -35.24
C GLU D 167 -1.80 28.55 -35.19
N VAL D 168 -1.12 28.60 -36.33
CA VAL D 168 0.25 28.11 -36.42
C VAL D 168 1.19 29.27 -36.74
N VAL D 175 -0.01 33.23 -38.26
CA VAL D 175 -0.72 32.52 -39.36
C VAL D 175 -1.91 31.71 -38.88
N VAL D 176 -2.99 31.75 -39.65
CA VAL D 176 -4.18 30.98 -39.34
C VAL D 176 -4.38 30.11 -40.57
N ARG D 177 -3.83 28.90 -40.51
CA ARG D 177 -3.96 27.97 -41.62
C ARG D 177 -5.21 27.14 -41.39
N SER D 178 -5.90 26.78 -42.47
CA SER D 178 -7.11 25.99 -42.35
C SER D 178 -6.97 24.63 -43.01
N LEU D 179 -7.57 23.62 -42.41
CA LEU D 179 -7.51 22.26 -42.94
C LEU D 179 -8.86 21.53 -42.95
N LYS D 180 -8.87 20.38 -43.62
CA LYS D 180 -10.06 19.53 -43.72
C LYS D 180 -9.66 18.12 -43.32
N PRO D 181 -9.49 17.87 -42.02
CA PRO D 181 -9.12 16.53 -41.56
C PRO D 181 -10.03 15.45 -42.09
N ASP D 182 -9.46 14.29 -42.38
CA ASP D 182 -10.22 13.15 -42.87
C ASP D 182 -10.42 12.28 -41.64
N PHE D 183 -9.65 12.58 -40.59
CA PHE D 183 -9.71 11.81 -39.36
C PHE D 183 -9.10 12.61 -38.22
N VAL D 184 -9.40 12.22 -36.99
CA VAL D 184 -8.86 12.91 -35.83
C VAL D 184 -8.51 11.97 -34.70
N LEU D 185 -7.39 12.26 -34.05
CA LEU D 185 -6.93 11.48 -32.90
C LEU D 185 -6.94 12.50 -31.76
N ILE D 186 -7.64 12.20 -30.68
CA ILE D 186 -7.70 13.14 -29.57
C ILE D 186 -6.93 12.65 -28.36
N ARG D 187 -5.83 13.34 -28.06
CA ARG D 187 -4.95 13.00 -26.94
C ARG D 187 -5.07 13.98 -25.78
N GLN D 188 -5.83 15.04 -26.00
CA GLN D 188 -6.01 16.10 -25.01
C GLN D 188 -7.40 16.06 -24.36
N HIS D 189 -7.48 16.43 -23.09
CA HIS D 189 -8.77 16.43 -22.39
C HIS D 189 -9.64 17.47 -23.09
N ALA D 190 -10.87 17.10 -23.41
CA ALA D 190 -11.80 18.02 -24.08
C ALA D 190 -12.51 18.96 -23.11
N PHE D 191 -12.46 18.65 -21.82
CA PHE D 191 -13.12 19.50 -20.84
C PHE D 191 -12.46 19.51 -19.47
N SER D 192 -12.48 20.68 -18.86
CA SER D 192 -11.94 20.92 -17.54
C SER D 192 -12.70 22.14 -17.03
N MET D 193 -13.08 22.15 -15.76
CA MET D 193 -13.82 23.27 -15.23
C MET D 193 -12.95 24.44 -14.81
N ALA D 194 -11.65 24.35 -15.11
CA ALA D 194 -10.73 25.43 -14.80
C ALA D 194 -10.87 26.40 -15.97
N ARG D 195 -10.54 27.66 -15.75
CA ARG D 195 -10.67 28.67 -16.80
C ARG D 195 -9.95 28.26 -18.09
N ASN D 196 -10.64 28.41 -19.21
CA ASN D 196 -10.13 28.09 -20.56
C ASN D 196 -9.94 26.61 -20.87
N GLY D 197 -10.57 25.74 -20.09
CA GLY D 197 -10.42 24.32 -20.33
C GLY D 197 -11.62 23.68 -21.01
N ASP D 198 -12.60 24.50 -21.38
CA ASP D 198 -13.80 24.00 -22.04
C ASP D 198 -13.69 23.97 -23.57
N TYR D 199 -13.47 22.80 -24.13
CA TYR D 199 -13.38 22.64 -25.58
C TYR D 199 -14.50 21.74 -26.09
N ARG D 200 -15.55 21.60 -25.29
CA ARG D 200 -16.68 20.76 -25.68
C ARG D 200 -17.34 21.15 -27.01
N SER D 201 -17.41 22.45 -27.28
CA SER D 201 -18.03 22.88 -28.53
C SER D 201 -17.21 22.48 -29.76
N LEU D 202 -15.90 22.26 -29.59
CA LEU D 202 -15.08 21.85 -30.72
C LEU D 202 -15.35 20.37 -31.00
N VAL D 203 -15.61 19.60 -29.95
CA VAL D 203 -15.92 18.18 -30.12
C VAL D 203 -17.26 18.10 -30.83
N ILE D 204 -18.22 18.92 -30.39
CA ILE D 204 -19.53 18.95 -31.01
C ILE D 204 -19.32 19.33 -32.48
N GLY D 205 -18.47 20.30 -32.72
CA GLY D 205 -18.20 20.75 -34.08
C GLY D 205 -17.64 19.65 -34.95
N LEU D 206 -16.66 18.92 -34.42
CA LEU D 206 -16.06 17.83 -35.19
C LEU D 206 -17.10 16.78 -35.56
N GLN D 207 -18.01 16.47 -34.63
CA GLN D 207 -19.05 15.48 -34.87
C GLN D 207 -20.04 16.04 -35.91
N TYR D 208 -20.33 17.33 -35.81
CA TYR D 208 -21.25 18.00 -36.73
C TYR D 208 -20.69 17.88 -38.14
N ALA D 209 -19.36 17.88 -38.25
CA ALA D 209 -18.68 17.78 -39.53
C ALA D 209 -18.56 16.32 -39.98
N GLY D 210 -18.95 15.39 -39.10
CA GLY D 210 -18.90 13.98 -39.41
C GLY D 210 -17.50 13.40 -39.56
N ILE D 211 -16.56 13.90 -38.77
CA ILE D 211 -15.18 13.45 -38.84
C ILE D 211 -14.90 12.29 -37.90
N PRO D 212 -14.51 11.12 -38.46
CA PRO D 212 -14.20 9.91 -37.67
C PRO D 212 -13.07 10.21 -36.69
N SER D 213 -13.11 9.57 -35.52
CA SER D 213 -12.11 9.83 -34.50
C SER D 213 -11.77 8.66 -33.58
N VAL D 214 -10.67 8.84 -32.84
CA VAL D 214 -10.21 7.88 -31.85
C VAL D 214 -9.83 8.66 -30.57
N ASN D 215 -10.55 8.48 -29.47
CA ASN D 215 -11.72 7.60 -29.40
C ASN D 215 -12.87 8.25 -30.17
N SER D 216 -13.98 7.54 -30.30
CA SER D 216 -15.14 8.09 -31.02
C SER D 216 -15.52 9.41 -30.37
N LEU D 217 -15.90 10.38 -31.19
CA LEU D 217 -16.30 11.67 -30.65
C LEU D 217 -17.45 11.48 -29.65
N HIS D 218 -18.28 10.45 -29.87
CA HIS D 218 -19.38 10.20 -28.97
C HIS D 218 -18.86 9.88 -27.55
N SER D 219 -17.83 9.06 -27.46
CA SER D 219 -17.28 8.71 -26.16
C SER D 219 -16.54 9.90 -25.55
N VAL D 220 -15.95 10.72 -26.41
CA VAL D 220 -15.23 11.90 -25.95
C VAL D 220 -16.19 12.88 -25.29
N TYR D 221 -17.32 13.13 -25.94
CA TYR D 221 -18.33 14.03 -25.42
C TYR D 221 -18.89 13.50 -24.10
N ASN D 222 -19.24 12.22 -24.05
CA ASN D 222 -19.79 11.63 -22.85
C ASN D 222 -18.77 11.45 -21.74
N PHE D 223 -17.49 11.65 -22.05
CA PHE D 223 -16.46 11.52 -21.02
C PHE D 223 -16.20 12.86 -20.34
N CYS D 224 -16.91 13.91 -20.77
CA CYS D 224 -16.72 15.25 -20.20
C CYS D 224 -17.32 15.54 -18.82
N ASP D 225 -17.76 14.49 -18.14
CA ASP D 225 -18.29 14.59 -16.79
C ASP D 225 -17.85 13.32 -16.05
N LYS D 226 -16.80 13.43 -15.27
CA LYS D 226 -16.32 12.25 -14.56
C LYS D 226 -17.41 11.44 -13.90
N PRO D 227 -18.33 12.10 -13.16
CA PRO D 227 -19.40 11.34 -12.51
C PRO D 227 -20.32 10.58 -13.49
N TRP D 228 -20.42 11.09 -14.72
CA TRP D 228 -21.25 10.46 -15.75
C TRP D 228 -20.62 9.14 -16.15
N VAL D 229 -19.29 9.14 -16.25
CA VAL D 229 -18.54 7.93 -16.61
C VAL D 229 -18.58 6.96 -15.44
N PHE D 230 -18.36 7.47 -14.24
CA PHE D 230 -18.35 6.64 -13.04
C PHE D 230 -19.67 5.88 -12.95
N ALA D 231 -20.75 6.56 -13.32
CA ALA D 231 -22.07 5.94 -13.31
C ALA D 231 -22.05 4.65 -14.12
N GLN D 232 -21.33 4.67 -15.23
CA GLN D 232 -21.21 3.48 -16.08
C GLN D 232 -20.49 2.39 -15.28
N MET D 233 -19.46 2.77 -14.54
CA MET D 233 -18.73 1.79 -13.73
C MET D 233 -19.58 1.30 -12.56
N VAL D 234 -20.61 2.06 -12.21
CA VAL D 234 -21.51 1.64 -11.12
C VAL D 234 -22.34 0.48 -11.67
N ARG D 235 -22.82 0.65 -12.89
CA ARG D 235 -23.63 -0.36 -13.55
C ARG D 235 -22.84 -1.68 -13.64
N LEU D 236 -21.61 -1.59 -14.15
CA LEU D 236 -20.76 -2.76 -14.29
C LEU D 236 -20.50 -3.44 -12.95
N HIS D 237 -20.36 -2.64 -11.88
CA HIS D 237 -20.13 -3.19 -10.56
C HIS D 237 -21.37 -3.93 -10.07
N LYS D 238 -22.54 -3.34 -10.28
CA LYS D 238 -23.80 -3.96 -9.87
C LYS D 238 -23.93 -5.30 -10.57
N LYS D 239 -23.48 -5.34 -11.81
CA LYS D 239 -23.56 -6.56 -12.61
C LYS D 239 -22.51 -7.60 -12.22
N LEU D 240 -21.26 -7.17 -12.12
CA LEU D 240 -20.16 -8.08 -11.81
C LEU D 240 -19.87 -8.47 -10.36
N GLY D 241 -20.14 -7.58 -9.42
CA GLY D 241 -19.86 -7.89 -8.02
C GLY D 241 -18.51 -7.36 -7.59
N THR D 242 -18.38 -7.09 -6.30
CA THR D 242 -17.13 -6.55 -5.73
C THR D 242 -15.90 -7.41 -6.01
N GLU D 243 -16.06 -8.72 -5.91
CA GLU D 243 -14.96 -9.66 -6.12
C GLU D 243 -14.25 -9.48 -7.46
N GLU D 244 -15.01 -9.37 -8.54
CA GLU D 244 -14.40 -9.20 -9.87
C GLU D 244 -14.21 -7.72 -10.22
N PHE D 245 -15.15 -6.87 -9.78
CA PHE D 245 -15.10 -5.44 -10.07
C PHE D 245 -15.26 -4.66 -8.76
N PRO D 246 -14.15 -4.45 -8.02
CA PRO D 246 -14.10 -3.73 -6.74
C PRO D 246 -14.16 -2.21 -6.81
N LEU D 247 -15.24 -1.68 -7.37
CA LEU D 247 -15.42 -0.23 -7.50
C LEU D 247 -15.40 0.46 -6.13
N ILE D 248 -14.62 1.52 -6.03
CA ILE D 248 -14.52 2.26 -4.77
C ILE D 248 -15.89 2.76 -4.35
N ASP D 249 -16.07 2.94 -3.03
CA ASP D 249 -17.33 3.43 -2.48
C ASP D 249 -17.38 4.95 -2.68
N GLN D 250 -18.17 5.40 -3.63
CA GLN D 250 -18.25 6.83 -3.88
C GLN D 250 -19.67 7.38 -3.75
N THR D 251 -19.79 8.63 -3.33
CA THR D 251 -21.08 9.28 -3.17
C THR D 251 -21.12 10.51 -4.08
N PHE D 252 -22.16 10.63 -4.89
CA PHE D 252 -22.31 11.76 -5.81
C PHE D 252 -23.21 12.84 -5.26
N TYR D 253 -22.72 14.08 -5.30
CA TYR D 253 -23.47 15.24 -4.83
C TYR D 253 -23.75 16.16 -6.02
N PRO D 254 -25.04 16.38 -6.35
CA PRO D 254 -25.42 17.25 -7.47
C PRO D 254 -24.91 18.68 -7.25
N ASN D 255 -24.88 19.09 -5.98
CA ASN D 255 -24.39 20.40 -5.59
C ASN D 255 -24.09 20.34 -4.09
N HIS D 256 -23.45 21.37 -3.57
CA HIS D 256 -23.06 21.39 -2.16
C HIS D 256 -24.15 21.18 -1.12
N LYS D 257 -25.41 21.39 -1.49
CA LYS D 257 -26.51 21.26 -0.53
C LYS D 257 -26.73 19.90 0.10
N GLU D 258 -26.33 18.84 -0.59
CA GLU D 258 -26.51 17.49 -0.06
C GLU D 258 -25.27 16.99 0.69
N MET D 259 -24.21 17.79 0.68
CA MET D 259 -22.97 17.43 1.35
C MET D 259 -23.09 17.76 2.83
N LEU D 260 -23.66 16.86 3.62
CA LEU D 260 -23.80 17.12 5.04
C LEU D 260 -22.67 16.54 5.88
N SER D 261 -22.40 15.26 5.72
CA SER D 261 -21.33 14.61 6.48
C SER D 261 -20.88 13.32 5.83
N SER D 262 -19.96 12.64 6.50
CA SER D 262 -19.45 11.38 5.99
C SER D 262 -19.55 10.31 7.08
N THR D 263 -19.78 9.08 6.67
CA THR D 263 -19.88 7.97 7.62
C THR D 263 -18.53 7.72 8.27
N THR D 264 -17.47 7.84 7.46
CA THR D 264 -16.12 7.61 7.94
C THR D 264 -15.15 8.67 7.43
N TYR D 265 -14.07 8.88 8.19
CA TYR D 265 -13.03 9.83 7.82
C TYR D 265 -11.69 9.14 7.93
N PRO D 266 -10.70 9.58 7.14
CA PRO D 266 -10.83 10.67 6.19
C PRO D 266 -11.43 10.27 4.84
N VAL D 267 -11.89 11.27 4.10
CA VAL D 267 -12.47 11.05 2.78
C VAL D 267 -11.73 11.92 1.78
N VAL D 268 -12.01 11.70 0.51
CA VAL D 268 -11.38 12.46 -0.55
C VAL D 268 -12.50 13.11 -1.35
N VAL D 269 -12.50 14.43 -1.41
CA VAL D 269 -13.52 15.15 -2.15
C VAL D 269 -12.94 15.51 -3.52
N LYS D 270 -13.68 15.17 -4.57
CA LYS D 270 -13.26 15.47 -5.93
C LYS D 270 -14.29 16.41 -6.48
N MET D 271 -13.89 17.67 -6.64
CA MET D 271 -14.77 18.73 -7.10
C MET D 271 -14.91 18.87 -8.60
N GLY D 272 -16.16 18.84 -9.05
CA GLY D 272 -16.46 19.00 -10.46
C GLY D 272 -15.71 18.06 -11.38
N HIS D 273 -15.26 18.61 -12.51
CA HIS D 273 -14.55 17.83 -13.53
C HIS D 273 -13.20 18.49 -13.84
N ALA D 274 -12.12 17.85 -13.39
CA ALA D 274 -10.76 18.37 -13.62
C ALA D 274 -9.72 17.25 -13.62
N HIS D 275 -8.49 17.57 -14.01
CA HIS D 275 -7.42 16.58 -14.11
C HIS D 275 -6.13 16.88 -13.33
N SER D 276 -5.21 15.91 -13.40
CA SER D 276 -3.91 15.98 -12.75
C SER D 276 -3.97 16.39 -11.28
N GLY D 277 -4.98 15.89 -10.58
CA GLY D 277 -5.12 16.16 -9.16
C GLY D 277 -5.91 17.40 -8.77
N MET D 278 -6.22 18.24 -9.76
CA MET D 278 -6.96 19.47 -9.50
C MET D 278 -8.34 19.27 -8.86
N GLY D 279 -8.62 20.04 -7.81
CA GLY D 279 -9.91 19.94 -7.14
C GLY D 279 -10.09 18.75 -6.23
N LYS D 280 -9.01 18.03 -5.93
CA LYS D 280 -9.06 16.86 -5.05
C LYS D 280 -8.42 17.16 -3.70
N VAL D 281 -9.18 16.99 -2.63
CA VAL D 281 -8.64 17.26 -1.31
C VAL D 281 -9.00 16.19 -0.30
N LYS D 282 -8.08 15.92 0.61
CA LYS D 282 -8.30 14.94 1.67
C LYS D 282 -8.97 15.67 2.83
N VAL D 283 -9.99 15.05 3.41
CA VAL D 283 -10.71 15.67 4.51
C VAL D 283 -10.70 14.70 5.70
N ASP D 284 -10.10 15.12 6.81
CA ASP D 284 -9.96 14.26 7.97
C ASP D 284 -11.05 14.31 9.02
N ASN D 285 -11.95 15.28 8.96
CA ASN D 285 -13.02 15.35 9.95
C ASN D 285 -14.22 16.16 9.52
N GLN D 286 -15.30 16.05 10.29
CA GLN D 286 -16.55 16.75 10.02
C GLN D 286 -16.36 18.26 9.83
N HIS D 287 -15.75 18.93 10.79
CA HIS D 287 -15.53 20.36 10.69
C HIS D 287 -14.86 20.74 9.38
N ASP D 288 -13.92 19.91 8.92
CA ASP D 288 -13.23 20.16 7.68
C ASP D 288 -14.12 19.83 6.48
N PHE D 289 -15.02 18.86 6.66
CA PHE D 289 -15.92 18.46 5.58
C PHE D 289 -16.89 19.61 5.29
N GLN D 290 -17.33 20.29 6.34
CA GLN D 290 -18.25 21.40 6.17
C GLN D 290 -17.57 22.59 5.52
N ASP D 291 -16.31 22.85 5.90
CA ASP D 291 -15.56 23.94 5.29
C ASP D 291 -15.41 23.66 3.79
N ILE D 292 -15.14 22.41 3.46
CA ILE D 292 -14.96 22.03 2.08
C ILE D 292 -16.30 22.03 1.33
N ALA D 293 -17.38 21.76 2.07
CA ALA D 293 -18.71 21.80 1.47
C ALA D 293 -19.00 23.24 1.05
N SER D 294 -18.57 24.20 1.88
CA SER D 294 -18.79 25.61 1.58
C SER D 294 -17.94 26.03 0.37
N VAL D 295 -16.80 25.38 0.17
CA VAL D 295 -15.94 25.69 -0.97
C VAL D 295 -16.62 25.17 -2.25
N VAL D 296 -17.21 23.99 -2.16
CA VAL D 296 -17.91 23.41 -3.31
C VAL D 296 -19.00 24.40 -3.76
N ALA D 297 -19.68 25.00 -2.79
CA ALA D 297 -20.73 25.98 -3.07
C ALA D 297 -20.17 27.05 -4.01
N LEU D 298 -18.92 27.45 -3.79
CA LEU D 298 -18.29 28.47 -4.61
C LEU D 298 -17.93 27.96 -6.02
N THR D 299 -17.75 26.65 -6.19
CA THR D 299 -17.44 26.14 -7.51
C THR D 299 -18.75 26.09 -8.31
N LYS D 300 -19.87 26.16 -7.58
CA LYS D 300 -21.20 26.13 -8.17
C LYS D 300 -21.39 24.91 -9.07
N THR D 301 -20.88 23.76 -8.65
CA THR D 301 -21.01 22.54 -9.45
C THR D 301 -21.09 21.31 -8.54
N TYR D 302 -21.10 20.13 -9.15
CA TYR D 302 -21.19 18.89 -8.40
C TYR D 302 -19.87 18.45 -7.78
N ALA D 303 -19.93 17.43 -6.94
CA ALA D 303 -18.73 16.91 -6.30
C ALA D 303 -19.01 15.48 -5.82
N THR D 304 -17.95 14.73 -5.60
CA THR D 304 -18.07 13.37 -5.11
C THR D 304 -17.19 13.23 -3.88
N ALA D 305 -17.50 12.26 -3.04
CA ALA D 305 -16.72 12.01 -1.85
C ALA D 305 -16.52 10.50 -1.84
N GLU D 306 -15.36 10.05 -1.38
CA GLU D 306 -15.09 8.62 -1.32
C GLU D 306 -14.14 8.33 -0.15
N PRO D 307 -14.09 7.07 0.29
CA PRO D 307 -13.21 6.71 1.40
C PRO D 307 -11.76 6.98 1.04
N PHE D 308 -11.00 7.52 1.98
CA PHE D 308 -9.59 7.74 1.73
C PHE D 308 -8.98 6.36 1.89
N ILE D 309 -8.13 5.97 0.94
CA ILE D 309 -7.48 4.67 1.01
C ILE D 309 -6.02 4.77 1.38
N ASP D 310 -5.65 4.10 2.46
CA ASP D 310 -4.25 4.07 2.88
C ASP D 310 -3.64 3.06 1.92
N ALA D 311 -3.20 3.54 0.77
CA ALA D 311 -2.66 2.67 -0.26
C ALA D 311 -1.18 2.36 -0.22
N LYS D 312 -0.85 1.11 -0.54
CA LYS D 312 0.52 0.65 -0.59
C LYS D 312 1.05 1.22 -1.90
N TYR D 313 0.12 1.42 -2.83
CA TYR D 313 0.43 1.95 -4.16
C TYR D 313 -0.89 1.98 -4.93
N ASP D 314 -0.89 2.58 -6.11
CA ASP D 314 -2.10 2.59 -6.92
C ASP D 314 -1.71 1.98 -8.26
N VAL D 315 -2.68 1.37 -8.93
CA VAL D 315 -2.41 0.70 -10.21
C VAL D 315 -3.27 1.22 -11.34
N ARG D 316 -2.76 1.09 -12.56
CA ARG D 316 -3.51 1.47 -13.74
C ARG D 316 -3.31 0.40 -14.80
N VAL D 317 -4.43 -0.15 -15.28
CA VAL D 317 -4.41 -1.17 -16.32
C VAL D 317 -4.90 -0.52 -17.59
N GLN D 318 -4.03 -0.45 -18.59
CA GLN D 318 -4.39 0.18 -19.86
C GLN D 318 -4.66 -0.83 -20.97
N LYS D 319 -5.43 -0.39 -21.95
CA LYS D 319 -5.76 -1.21 -23.11
C LYS D 319 -5.79 -0.33 -24.34
N ILE D 320 -4.88 -0.62 -25.28
CA ILE D 320 -4.80 0.11 -26.53
C ILE D 320 -5.09 -0.94 -27.60
N GLY D 321 -6.28 -0.88 -28.19
CA GLY D 321 -6.63 -1.87 -29.19
C GLY D 321 -6.68 -3.21 -28.48
N GLN D 322 -5.72 -4.09 -28.79
CA GLN D 322 -5.67 -5.40 -28.16
C GLN D 322 -4.45 -5.57 -27.25
N ASN D 323 -3.72 -4.48 -27.04
CA ASN D 323 -2.54 -4.53 -26.19
C ASN D 323 -2.84 -4.04 -24.77
N TYR D 324 -2.47 -4.86 -23.79
CA TYR D 324 -2.70 -4.53 -22.40
C TYR D 324 -1.37 -4.34 -21.67
N LYS D 325 -1.40 -3.50 -20.63
CA LYS D 325 -0.23 -3.23 -19.79
C LYS D 325 -0.73 -2.79 -18.42
N ALA D 326 0.09 -3.04 -17.39
CA ALA D 326 -0.29 -2.65 -16.04
C ALA D 326 0.90 -2.04 -15.34
N TYR D 327 0.71 -0.84 -14.79
CA TYR D 327 1.77 -0.13 -14.08
C TYR D 327 1.34 0.14 -12.65
N MET D 328 2.30 0.15 -11.74
CA MET D 328 2.00 0.44 -10.34
C MET D 328 2.81 1.69 -10.00
N ARG D 329 2.22 2.58 -9.22
CA ARG D 329 2.88 3.81 -8.86
C ARG D 329 2.79 4.08 -7.38
N THR D 330 3.92 4.48 -6.80
CA THR D 330 3.99 4.79 -5.38
C THR D 330 4.76 6.09 -5.23
N SER D 331 4.38 6.89 -4.24
CA SER D 331 5.03 8.18 -4.01
C SER D 331 6.33 8.11 -3.20
N VAL D 332 7.19 9.10 -3.42
CA VAL D 332 8.46 9.20 -2.69
C VAL D 332 8.74 10.65 -2.30
N SER D 333 7.74 11.50 -2.47
CA SER D 333 7.88 12.92 -2.13
C SER D 333 6.91 13.29 -1.02
N GLY D 334 6.35 12.27 -0.36
CA GLY D 334 5.43 12.49 0.74
C GLY D 334 4.01 12.92 0.44
N ASN D 335 3.49 12.57 -0.73
CA ASN D 335 2.14 12.98 -1.10
C ASN D 335 1.16 11.83 -1.34
N TRP D 336 -0.05 11.94 -0.79
CA TRP D 336 -1.06 10.90 -0.99
C TRP D 336 -1.50 10.89 -2.46
N LYS D 337 -1.38 12.04 -3.12
CA LYS D 337 -1.71 12.11 -4.55
C LYS D 337 -0.41 11.72 -5.23
N THR D 338 -0.26 10.43 -5.54
CA THR D 338 0.97 9.94 -6.16
C THR D 338 1.23 10.40 -7.58
N ASN D 339 0.53 11.43 -8.03
CA ASN D 339 0.71 11.97 -9.38
C ASN D 339 1.17 13.41 -9.18
N THR D 340 1.48 13.73 -7.93
CA THR D 340 1.93 15.06 -7.54
C THR D 340 3.25 14.90 -6.79
N GLY D 341 4.35 15.25 -7.46
CA GLY D 341 5.65 15.14 -6.85
C GLY D 341 6.39 13.92 -7.37
N SER D 342 7.63 13.74 -6.93
CA SER D 342 8.43 12.60 -7.36
C SER D 342 7.73 11.31 -6.94
N ALA D 343 7.73 10.34 -7.85
CA ALA D 343 7.12 9.04 -7.59
C ALA D 343 7.85 7.99 -8.41
N MET D 344 7.63 6.71 -8.10
CA MET D 344 8.28 5.63 -8.84
C MET D 344 7.25 4.75 -9.52
N LEU D 345 7.48 4.47 -10.79
CA LEU D 345 6.61 3.61 -11.60
C LEU D 345 7.27 2.26 -11.81
N GLU D 346 6.47 1.22 -11.86
CA GLU D 346 6.98 -0.13 -12.06
C GLU D 346 5.95 -0.90 -12.86
N GLN D 347 6.32 -1.41 -14.02
CA GLN D 347 5.38 -2.19 -14.81
C GLN D 347 5.25 -3.52 -14.11
N ILE D 348 4.03 -4.07 -14.11
CA ILE D 348 3.80 -5.36 -13.48
C ILE D 348 3.05 -6.25 -14.46
N ALA D 349 2.89 -7.51 -14.09
CA ALA D 349 2.23 -8.47 -14.96
C ALA D 349 0.72 -8.35 -15.03
N MET D 350 0.19 -8.52 -16.24
CA MET D 350 -1.25 -8.47 -16.45
C MET D 350 -1.83 -9.74 -15.84
N SER D 351 -3.01 -9.62 -15.26
CA SER D 351 -3.68 -10.76 -14.68
C SER D 351 -5.01 -10.84 -15.39
N ASP D 352 -5.78 -11.88 -15.15
CA ASP D 352 -7.08 -11.99 -15.78
C ASP D 352 -8.04 -11.06 -15.02
N ARG D 353 -7.68 -10.79 -13.76
CA ARG D 353 -8.46 -9.90 -12.91
C ARG D 353 -8.42 -8.49 -13.51
N TYR D 354 -7.23 -8.06 -13.91
CA TYR D 354 -7.02 -6.75 -14.52
C TYR D 354 -7.62 -6.67 -15.91
N LYS D 355 -7.40 -7.74 -16.69
CA LYS D 355 -7.91 -7.79 -18.05
C LYS D 355 -9.42 -7.58 -18.03
N LEU D 356 -10.08 -8.19 -17.04
CA LEU D 356 -11.53 -8.06 -16.92
C LEU D 356 -11.91 -6.61 -16.71
N TRP D 357 -11.16 -5.93 -15.85
CA TRP D 357 -11.42 -4.52 -15.55
C TRP D 357 -11.46 -3.65 -16.80
N VAL D 358 -10.34 -3.59 -17.49
CA VAL D 358 -10.27 -2.75 -18.68
C VAL D 358 -11.11 -3.27 -19.84
N ASP D 359 -11.36 -4.57 -19.88
CA ASP D 359 -12.18 -5.12 -20.96
C ASP D 359 -13.62 -4.67 -20.80
N THR D 360 -14.15 -4.81 -19.59
CA THR D 360 -15.52 -4.40 -19.31
C THR D 360 -15.73 -2.90 -19.56
N CYS D 361 -14.88 -2.06 -19.00
CA CYS D 361 -15.00 -0.61 -19.18
C CYS D 361 -14.82 -0.15 -20.62
N SER D 362 -14.01 -0.87 -21.39
CA SER D 362 -13.73 -0.52 -22.77
C SER D 362 -14.96 -0.62 -23.69
N GLU D 363 -16.03 -1.21 -23.19
CA GLU D 363 -17.23 -1.36 -23.99
C GLU D 363 -18.25 -0.23 -23.81
N ILE D 364 -17.99 0.68 -22.88
CA ILE D 364 -18.95 1.77 -22.65
C ILE D 364 -18.98 2.81 -23.77
N PHE D 365 -20.11 3.49 -23.86
CA PHE D 365 -20.36 4.52 -24.87
C PHE D 365 -20.03 4.08 -26.27
N GLY D 366 -20.44 2.85 -26.61
CA GLY D 366 -20.21 2.34 -27.95
C GLY D 366 -18.82 1.79 -28.20
N GLY D 367 -17.96 1.81 -27.18
CA GLY D 367 -16.61 1.28 -27.36
C GLY D 367 -15.47 2.29 -27.28
N LEU D 368 -14.51 2.01 -26.41
CA LEU D 368 -13.34 2.87 -26.23
C LEU D 368 -12.12 2.21 -26.85
N ASP D 369 -11.54 2.85 -27.85
CA ASP D 369 -10.35 2.32 -28.51
C ASP D 369 -9.13 2.37 -27.60
N ILE D 370 -9.01 3.48 -26.87
CA ILE D 370 -7.92 3.67 -25.91
C ILE D 370 -8.52 3.96 -24.54
N CYS D 371 -8.13 3.19 -23.54
CA CYS D 371 -8.65 3.42 -22.19
C CYS D 371 -7.84 2.71 -21.12
N ALA D 372 -8.09 3.06 -19.87
CA ALA D 372 -7.38 2.46 -18.75
C ALA D 372 -8.23 2.61 -17.50
N VAL D 373 -8.05 1.68 -16.57
CA VAL D 373 -8.77 1.67 -15.32
C VAL D 373 -7.77 1.90 -14.20
N GLU D 374 -8.06 2.88 -13.34
CA GLU D 374 -7.20 3.20 -12.23
C GLU D 374 -7.80 2.62 -10.96
N ALA D 375 -6.94 2.04 -10.12
CA ALA D 375 -7.38 1.46 -8.86
C ALA D 375 -6.33 1.68 -7.78
N LEU D 376 -6.77 1.72 -6.53
CA LEU D 376 -5.87 1.92 -5.40
C LEU D 376 -5.74 0.60 -4.66
N HIS D 377 -4.53 0.25 -4.25
CA HIS D 377 -4.32 -0.99 -3.51
C HIS D 377 -4.06 -0.68 -2.04
N GLY D 378 -5.08 -0.88 -1.21
CA GLY D 378 -4.95 -0.59 0.21
C GLY D 378 -3.93 -1.46 0.92
N LYS D 379 -3.52 -1.03 2.11
CA LYS D 379 -2.54 -1.77 2.89
C LYS D 379 -3.16 -3.04 3.43
N ASP D 380 -4.48 -3.12 3.40
CA ASP D 380 -5.21 -4.29 3.88
C ASP D 380 -5.34 -5.31 2.77
N GLY D 381 -4.74 -5.03 1.63
CA GLY D 381 -4.78 -5.95 0.50
C GLY D 381 -5.90 -5.76 -0.51
N ARG D 382 -6.90 -4.94 -0.18
CA ARG D 382 -8.03 -4.72 -1.08
C ARG D 382 -7.76 -3.68 -2.16
N ASP D 383 -8.38 -3.89 -3.32
CA ASP D 383 -8.27 -2.95 -4.43
C ASP D 383 -9.52 -2.08 -4.47
N HIS D 384 -9.39 -0.89 -5.02
CA HIS D 384 -10.52 0.03 -5.14
C HIS D 384 -10.36 0.76 -6.46
N ILE D 385 -11.26 0.47 -7.40
CA ILE D 385 -11.23 1.10 -8.70
C ILE D 385 -11.81 2.49 -8.52
N ILE D 386 -11.14 3.51 -9.04
CA ILE D 386 -11.63 4.87 -8.85
C ILE D 386 -11.93 5.64 -10.14
N GLU D 387 -11.56 5.08 -11.29
CA GLU D 387 -11.81 5.80 -12.52
C GLU D 387 -11.37 5.05 -13.77
N VAL D 388 -11.99 5.40 -14.89
CA VAL D 388 -11.63 4.84 -16.19
C VAL D 388 -11.40 6.06 -17.08
N VAL D 389 -10.26 6.08 -17.77
CA VAL D 389 -9.93 7.20 -18.65
C VAL D 389 -10.03 6.79 -20.10
N GLY D 390 -10.17 7.79 -20.99
CA GLY D 390 -10.29 7.53 -22.40
C GLY D 390 -9.04 7.75 -23.22
N SER D 391 -9.22 8.20 -24.47
CA SER D 391 -8.10 8.42 -25.40
C SER D 391 -7.13 9.53 -25.04
N SER D 392 -7.38 10.25 -23.94
CA SER D 392 -6.46 11.31 -23.55
C SER D 392 -5.74 10.90 -22.28
N MET D 393 -5.73 9.60 -22.01
CA MET D 393 -5.03 9.09 -20.84
C MET D 393 -3.54 9.32 -21.11
N PRO D 394 -2.79 9.78 -20.11
CA PRO D 394 -1.36 10.01 -20.34
C PRO D 394 -0.60 8.69 -20.47
N LEU D 395 0.41 8.69 -21.34
CA LEU D 395 1.24 7.51 -21.55
C LEU D 395 2.29 7.50 -20.46
N ILE D 396 2.37 6.41 -19.70
CA ILE D 396 3.33 6.29 -18.62
C ILE D 396 4.30 5.13 -18.78
N GLY D 397 5.29 5.09 -17.90
CA GLY D 397 6.27 4.02 -17.93
C GLY D 397 7.33 4.04 -19.01
N ASP D 398 8.08 2.95 -19.07
CA ASP D 398 9.18 2.77 -20.01
C ASP D 398 8.75 2.42 -21.44
N HIS D 399 7.46 2.18 -21.66
CA HIS D 399 6.99 1.82 -22.98
C HIS D 399 6.13 2.85 -23.70
N GLN D 400 6.44 4.13 -23.51
CA GLN D 400 5.68 5.19 -24.14
C GLN D 400 5.86 5.16 -25.66
N ASP D 401 7.07 4.84 -26.11
CA ASP D 401 7.35 4.77 -27.54
C ASP D 401 6.51 3.67 -28.17
N GLU D 402 6.42 2.54 -27.46
CA GLU D 402 5.65 1.40 -27.94
C GLU D 402 4.16 1.72 -27.96
N ASP D 403 3.70 2.46 -26.95
CA ASP D 403 2.30 2.83 -26.87
C ASP D 403 1.93 3.79 -27.99
N LYS D 404 2.82 4.72 -28.31
CA LYS D 404 2.58 5.68 -29.38
C LYS D 404 2.55 4.94 -30.71
N GLN D 405 3.31 3.85 -30.78
CA GLN D 405 3.39 3.01 -31.98
C GLN D 405 2.12 2.17 -32.12
N LEU D 406 1.60 1.72 -30.98
CA LEU D 406 0.38 0.92 -30.97
C LEU D 406 -0.76 1.84 -31.41
N ILE D 407 -0.73 3.07 -30.92
CA ILE D 407 -1.77 4.05 -31.24
C ILE D 407 -1.71 4.41 -32.73
N VAL D 408 -0.51 4.47 -33.31
CA VAL D 408 -0.39 4.78 -34.74
C VAL D 408 -1.02 3.65 -35.54
N GLU D 409 -0.68 2.42 -35.17
CA GLU D 409 -1.23 1.25 -35.84
C GLU D 409 -2.75 1.26 -35.75
N LEU D 410 -3.28 1.49 -34.55
CA LEU D 410 -4.72 1.52 -34.33
C LEU D 410 -5.37 2.56 -35.24
N VAL D 411 -4.81 3.76 -35.27
CA VAL D 411 -5.37 4.83 -36.10
C VAL D 411 -5.26 4.51 -37.58
N VAL D 412 -4.11 4.01 -38.02
CA VAL D 412 -3.94 3.69 -39.43
C VAL D 412 -5.05 2.74 -39.87
N ASN D 413 -5.26 1.69 -39.08
CA ASN D 413 -6.30 0.71 -39.37
C ASN D 413 -7.67 1.37 -39.48
N LYS D 414 -8.01 2.17 -38.46
CA LYS D 414 -9.30 2.87 -38.42
C LYS D 414 -9.45 3.77 -39.63
N MET D 415 -8.36 4.40 -40.05
CA MET D 415 -8.42 5.28 -41.22
C MET D 415 -8.62 4.45 -42.48
N THR D 416 -7.99 3.28 -42.51
CA THR D 416 -8.11 2.38 -43.65
C THR D 416 -9.58 2.07 -43.89
N GLN D 417 -10.35 1.97 -42.81
CA GLN D 417 -11.77 1.67 -42.93
C GLN D 417 -12.63 2.93 -43.00
N ALA D 418 -12.53 3.60 -44.15
CA ALA D 418 -13.26 4.83 -44.45
C ALA D 418 -12.68 5.41 -45.74
N ALA E 113 58.78 -9.96 27.28
CA ALA E 113 58.03 -11.08 26.65
C ALA E 113 56.81 -10.55 25.91
N ALA E 114 56.62 -11.02 24.69
CA ALA E 114 55.50 -10.56 23.86
C ALA E 114 54.13 -10.97 24.37
N ARG E 115 53.12 -10.23 23.92
CA ARG E 115 51.74 -10.49 24.26
C ARG E 115 51.13 -11.23 23.06
N VAL E 116 50.30 -12.24 23.31
CA VAL E 116 49.72 -13.01 22.22
C VAL E 116 48.26 -12.66 21.96
N LEU E 117 47.99 -12.16 20.76
CA LEU E 117 46.64 -11.79 20.36
C LEU E 117 46.10 -12.77 19.32
N LEU E 118 45.04 -13.51 19.69
CA LEU E 118 44.44 -14.42 18.72
C LEU E 118 43.30 -13.69 18.03
N VAL E 119 43.42 -13.51 16.72
CA VAL E 119 42.37 -12.86 15.95
C VAL E 119 41.66 -13.97 15.21
N ILE E 120 40.36 -14.09 15.46
CA ILE E 120 39.56 -15.11 14.81
C ILE E 120 38.86 -14.44 13.64
N ASP E 121 39.37 -14.72 12.44
CA ASP E 121 38.83 -14.11 11.23
C ASP E 121 39.30 -14.88 10.01
N GLU E 122 38.57 -14.77 8.90
CA GLU E 122 38.97 -15.47 7.67
C GLU E 122 40.34 -14.95 7.26
N PRO E 123 41.08 -15.74 6.45
CA PRO E 123 42.41 -15.36 5.99
C PRO E 123 42.55 -14.12 5.13
N HIS E 124 41.46 -13.64 4.55
CA HIS E 124 41.51 -12.49 3.65
C HIS E 124 42.07 -11.17 4.20
N THR E 125 42.15 -11.04 5.53
CA THR E 125 42.72 -9.82 6.12
C THR E 125 43.95 -10.26 6.91
N ASP E 126 45.08 -9.62 6.65
CA ASP E 126 46.31 -9.97 7.36
C ASP E 126 46.48 -9.02 8.53
N TRP E 127 45.99 -9.45 9.69
CA TRP E 127 46.05 -8.62 10.89
C TRP E 127 47.46 -8.47 11.45
N ALA E 128 48.32 -9.46 11.19
CA ALA E 128 49.70 -9.42 11.67
C ALA E 128 50.40 -8.23 11.03
N LYS E 129 49.92 -7.81 9.87
CA LYS E 129 50.47 -6.67 9.15
C LYS E 129 50.01 -5.37 9.81
N TYR E 130 48.70 -5.25 10.03
CA TYR E 130 48.11 -4.07 10.65
C TYR E 130 48.59 -3.85 12.08
N PHE E 131 48.83 -4.93 12.81
CA PHE E 131 49.31 -4.84 14.19
C PHE E 131 50.82 -4.68 14.27
N LYS E 132 51.50 -4.99 13.17
CA LYS E 132 52.96 -4.90 13.09
C LYS E 132 53.50 -3.62 13.70
N GLY E 133 54.51 -3.76 14.56
CA GLY E 133 55.11 -2.59 15.18
C GLY E 133 54.36 -2.00 16.36
N LYS E 134 53.08 -2.30 16.48
CA LYS E 134 52.30 -1.79 17.59
C LYS E 134 52.81 -2.47 18.85
N LYS E 135 53.01 -1.69 19.91
CA LYS E 135 53.52 -2.24 21.16
C LYS E 135 52.69 -1.75 22.33
N ILE E 136 52.50 -2.63 23.32
CA ILE E 136 51.73 -2.28 24.51
C ILE E 136 52.59 -1.38 25.40
N HIS E 137 52.02 -0.25 25.79
CA HIS E 137 52.75 0.73 26.59
C HIS E 137 53.86 1.25 25.68
N GLY E 138 55.11 0.93 25.98
CA GLY E 138 56.18 1.40 25.13
C GLY E 138 57.35 0.44 25.08
N GLU E 139 57.08 -0.84 25.32
CA GLU E 139 58.14 -1.83 25.33
C GLU E 139 57.71 -3.24 24.87
N ILE E 140 56.56 -3.69 25.36
CA ILE E 140 56.04 -5.02 25.05
C ILE E 140 55.51 -5.15 23.62
N ASP E 141 55.88 -6.25 22.97
CA ASP E 141 55.43 -6.50 21.61
C ASP E 141 54.17 -7.34 21.61
N ILE E 142 53.57 -7.47 20.43
CA ILE E 142 52.35 -8.24 20.29
C ILE E 142 52.50 -9.23 19.14
N LYS E 143 52.31 -10.51 19.43
CA LYS E 143 52.39 -11.53 18.39
C LYS E 143 50.96 -11.85 17.95
N VAL E 144 50.71 -11.79 16.65
CA VAL E 144 49.39 -12.07 16.12
C VAL E 144 49.21 -13.50 15.62
N GLU E 145 48.17 -14.17 16.12
CA GLU E 145 47.84 -15.53 15.72
C GLU E 145 46.45 -15.41 15.12
N GLN E 146 46.29 -15.84 13.87
CA GLN E 146 45.00 -15.73 13.19
C GLN E 146 44.49 -17.05 12.61
N ALA E 147 43.23 -17.37 12.89
CA ALA E 147 42.62 -18.60 12.40
C ALA E 147 41.10 -18.49 12.47
N GLU E 148 40.41 -19.30 11.68
CA GLU E 148 38.96 -19.28 11.66
C GLU E 148 38.40 -20.21 12.73
N PHE E 149 37.19 -19.92 13.19
CA PHE E 149 36.54 -20.75 14.20
C PHE E 149 36.59 -22.23 13.83
N SER E 150 36.40 -22.53 12.54
CA SER E 150 36.38 -23.91 12.08
C SER E 150 37.71 -24.67 12.23
N ASP E 151 38.79 -23.95 12.52
CA ASP E 151 40.10 -24.58 12.70
C ASP E 151 40.62 -24.41 14.11
N LEU E 152 39.70 -24.22 15.05
CA LEU E 152 40.08 -24.02 16.43
C LEU E 152 39.40 -24.96 17.41
N ASN E 153 40.07 -25.17 18.52
CA ASN E 153 39.57 -26.00 19.60
C ASN E 153 40.43 -25.57 20.79
N LEU E 154 40.12 -26.07 21.96
CA LEU E 154 40.90 -25.69 23.12
C LEU E 154 40.56 -26.57 24.29
N VAL E 155 41.30 -26.39 25.37
CA VAL E 155 41.08 -27.11 26.60
C VAL E 155 41.42 -26.08 27.68
N ALA E 156 40.50 -25.87 28.61
CA ALA E 156 40.71 -24.89 29.67
C ALA E 156 40.52 -25.53 31.01
N HIS E 157 41.34 -25.12 31.98
CA HIS E 157 41.27 -25.67 33.33
C HIS E 157 40.85 -24.61 34.34
N ALA E 158 40.14 -25.01 35.37
CA ALA E 158 39.70 -24.07 36.38
C ALA E 158 40.92 -23.44 37.07
N ASN E 159 41.99 -24.21 37.23
CA ASN E 159 43.18 -23.70 37.88
C ASN E 159 43.94 -22.66 37.06
N GLY E 160 43.38 -22.28 35.91
CA GLY E 160 44.02 -21.27 35.07
C GLY E 160 44.76 -21.75 33.84
N GLY E 161 45.19 -23.01 33.84
CA GLY E 161 45.91 -23.51 32.68
C GLY E 161 45.01 -23.69 31.48
N PHE E 162 45.52 -23.44 30.28
CA PHE E 162 44.72 -23.62 29.08
C PHE E 162 45.56 -23.65 27.82
N SER E 163 44.97 -24.17 26.75
CA SER E 163 45.65 -24.27 25.47
C SER E 163 44.66 -24.19 24.31
N VAL E 164 45.01 -23.40 23.30
CA VAL E 164 44.18 -23.26 22.11
C VAL E 164 44.90 -24.00 20.99
N ASP E 165 44.18 -24.84 20.26
CA ASP E 165 44.77 -25.62 19.18
C ASP E 165 44.30 -25.16 17.81
N MET E 166 45.24 -24.69 16.99
CA MET E 166 44.95 -24.20 15.65
C MET E 166 45.43 -25.19 14.57
N GLU E 167 44.52 -25.58 13.69
CA GLU E 167 44.85 -26.52 12.61
C GLU E 167 45.21 -25.80 11.31
N VAL E 176 48.57 -29.08 13.34
CA VAL E 176 47.96 -28.64 14.60
C VAL E 176 48.96 -27.99 15.54
N ARG E 177 48.94 -26.67 15.61
CA ARG E 177 49.84 -25.94 16.48
C ARG E 177 49.05 -25.35 17.64
N SER E 178 49.62 -25.40 18.85
CA SER E 178 48.94 -24.87 20.01
C SER E 178 49.48 -23.48 20.36
N LEU E 179 48.66 -22.71 21.08
CA LEU E 179 49.04 -21.37 21.49
C LEU E 179 48.31 -21.00 22.77
N LYS E 180 48.71 -19.90 23.37
CA LYS E 180 48.10 -19.42 24.60
C LYS E 180 47.90 -17.93 24.46
N PRO E 181 46.78 -17.52 23.85
CA PRO E 181 46.51 -16.09 23.67
C PRO E 181 46.26 -15.36 24.99
N ASP E 182 46.61 -14.09 25.02
CA ASP E 182 46.40 -13.26 26.21
C ASP E 182 45.18 -12.42 25.94
N PHE E 183 44.82 -12.34 24.66
CA PHE E 183 43.68 -11.53 24.24
C PHE E 183 43.14 -12.05 22.91
N VAL E 184 41.84 -11.89 22.68
CA VAL E 184 41.23 -12.35 21.45
C VAL E 184 40.38 -11.28 20.79
N LEU E 185 40.44 -11.25 19.46
CA LEU E 185 39.66 -10.32 18.65
C LEU E 185 38.77 -11.22 17.80
N ILE E 186 37.46 -11.13 18.02
CA ILE E 186 36.50 -11.97 17.28
C ILE E 186 35.82 -11.22 16.13
N ARG E 187 36.21 -11.59 14.91
CA ARG E 187 35.68 -10.97 13.71
C ARG E 187 34.73 -11.89 12.92
N GLN E 188 34.42 -13.05 13.48
CA GLN E 188 33.54 -14.00 12.82
C GLN E 188 32.31 -14.29 13.66
N HIS E 189 31.26 -14.79 13.03
CA HIS E 189 30.03 -15.14 13.72
C HIS E 189 30.33 -16.37 14.55
N ALA E 190 29.97 -16.32 15.84
CA ALA E 190 30.20 -17.44 16.74
C ALA E 190 29.10 -18.49 16.65
N PHE E 191 27.96 -18.12 16.08
CA PHE E 191 26.86 -19.07 15.98
C PHE E 191 26.05 -18.86 14.71
N SER E 192 25.65 -19.98 14.12
CA SER E 192 24.83 -20.00 12.91
C SER E 192 24.11 -21.33 12.96
N MET E 193 22.83 -21.36 12.60
CA MET E 193 22.09 -22.61 12.66
C MET E 193 22.29 -23.49 11.45
N ALA E 194 23.17 -23.08 10.54
CA ALA E 194 23.48 -23.89 9.37
C ALA E 194 24.43 -24.97 9.88
N ARG E 195 24.61 -26.04 9.12
CA ARG E 195 25.50 -27.11 9.55
C ARG E 195 26.91 -26.58 9.81
N ASN E 196 27.52 -27.05 10.89
CA ASN E 196 28.88 -26.65 11.28
C ASN E 196 29.10 -25.16 11.56
N GLY E 197 28.07 -24.44 11.97
CA GLY E 197 28.24 -23.04 12.27
C GLY E 197 28.19 -22.73 13.75
N ASP E 198 28.16 -23.77 14.58
CA ASP E 198 28.06 -23.58 16.02
C ASP E 198 29.40 -23.59 16.75
N TYR E 199 29.88 -22.40 17.11
CA TYR E 199 31.14 -22.26 17.81
C TYR E 199 30.95 -21.67 19.20
N ARG E 200 29.76 -21.84 19.76
CA ARG E 200 29.45 -21.32 21.07
C ARG E 200 30.33 -21.95 22.14
N SER E 201 30.57 -23.26 22.03
CA SER E 201 31.38 -23.98 23.00
C SER E 201 32.80 -23.41 23.07
N LEU E 202 33.26 -22.79 21.98
CA LEU E 202 34.58 -22.19 21.97
C LEU E 202 34.54 -20.86 22.73
N VAL E 203 33.47 -20.10 22.55
CA VAL E 203 33.34 -18.83 23.24
C VAL E 203 33.27 -19.12 24.74
N ILE E 204 32.53 -20.14 25.10
CA ILE E 204 32.41 -20.54 26.49
C ILE E 204 33.78 -20.94 27.02
N GLY E 205 34.54 -21.65 26.19
CA GLY E 205 35.87 -22.11 26.59
C GLY E 205 36.86 -20.98 26.75
N LEU E 206 36.80 -20.00 25.86
CA LEU E 206 37.71 -18.88 25.96
C LEU E 206 37.40 -18.11 27.24
N GLN E 207 36.13 -17.99 27.57
CA GLN E 207 35.72 -17.27 28.80
C GLN E 207 36.14 -18.08 30.02
N TYR E 208 35.91 -19.38 29.97
CA TYR E 208 36.27 -20.30 31.05
C TYR E 208 37.77 -20.19 31.32
N ALA E 209 38.53 -19.79 30.31
CA ALA E 209 39.97 -19.63 30.40
C ALA E 209 40.33 -18.22 30.86
N GLY E 210 39.33 -17.34 30.90
CA GLY E 210 39.57 -15.97 31.34
C GLY E 210 40.30 -15.08 30.35
N ILE E 211 40.10 -15.32 29.07
CA ILE E 211 40.78 -14.53 28.04
C ILE E 211 39.96 -13.31 27.64
N PRO E 212 40.52 -12.10 27.78
CA PRO E 212 39.85 -10.84 27.44
C PRO E 212 39.60 -10.80 25.94
N SER E 213 38.53 -10.14 25.52
CA SER E 213 38.20 -10.10 24.11
C SER E 213 37.49 -8.83 23.67
N VAL E 214 37.56 -8.56 22.36
CA VAL E 214 36.91 -7.44 21.71
C VAL E 214 36.14 -8.05 20.52
N ASN E 215 34.81 -8.02 20.55
CA ASN E 215 34.04 -7.46 21.66
C ASN E 215 34.17 -8.43 22.82
N SER E 216 33.57 -8.06 23.95
CA SER E 216 33.62 -8.91 25.14
C SER E 216 33.00 -10.27 24.87
N LEU E 217 33.59 -11.32 25.44
CA LEU E 217 33.07 -12.66 25.25
C LEU E 217 31.63 -12.70 25.72
N HIS E 218 31.31 -11.91 26.74
CA HIS E 218 29.95 -11.88 27.27
C HIS E 218 28.99 -11.37 26.20
N SER E 219 29.37 -10.30 25.52
CA SER E 219 28.53 -9.74 24.47
C SER E 219 28.42 -10.71 23.28
N VAL E 220 29.51 -11.39 22.96
CA VAL E 220 29.50 -12.32 21.85
C VAL E 220 28.59 -13.52 22.10
N TYR E 221 28.63 -14.04 23.32
CA TYR E 221 27.78 -15.16 23.68
C TYR E 221 26.30 -14.77 23.66
N ASN E 222 26.01 -13.57 24.13
CA ASN E 222 24.64 -13.07 24.16
C ASN E 222 24.15 -12.65 22.78
N PHE E 223 25.08 -12.49 21.83
CA PHE E 223 24.71 -12.13 20.47
C PHE E 223 24.39 -13.37 19.64
N CYS E 224 24.47 -14.54 20.26
CA CYS E 224 24.21 -15.78 19.52
C CYS E 224 22.76 -16.13 19.23
N ASP E 225 21.84 -15.23 19.60
CA ASP E 225 20.42 -15.42 19.33
C ASP E 225 19.89 -14.06 18.89
N LYS E 226 19.71 -13.86 17.59
CA LYS E 226 19.24 -12.57 17.09
C LYS E 226 18.06 -11.96 17.85
N PRO E 227 16.98 -12.75 18.08
CA PRO E 227 15.85 -12.17 18.80
C PRO E 227 16.20 -11.74 20.24
N TRP E 228 17.24 -12.35 20.81
CA TRP E 228 17.66 -11.99 22.16
C TRP E 228 18.32 -10.62 22.11
N VAL E 229 19.03 -10.34 21.02
CA VAL E 229 19.67 -9.04 20.86
C VAL E 229 18.57 -8.00 20.60
N PHE E 230 17.61 -8.41 19.78
CA PHE E 230 16.49 -7.55 19.40
C PHE E 230 15.69 -7.14 20.62
N ALA E 231 15.51 -8.08 21.56
CA ALA E 231 14.77 -7.79 22.78
C ALA E 231 15.40 -6.60 23.50
N GLN E 232 16.71 -6.48 23.42
CA GLN E 232 17.41 -5.37 24.07
C GLN E 232 16.98 -4.08 23.39
N MET E 233 16.86 -4.13 22.06
CA MET E 233 16.45 -2.96 21.31
C MET E 233 14.98 -2.64 21.61
N VAL E 234 14.19 -3.66 21.92
CA VAL E 234 12.80 -3.44 22.28
C VAL E 234 12.76 -2.56 23.54
N ARG E 235 13.61 -2.88 24.52
CA ARG E 235 13.68 -2.11 25.77
C ARG E 235 14.13 -0.66 25.51
N LEU E 236 15.09 -0.50 24.62
CA LEU E 236 15.59 0.82 24.29
C LEU E 236 14.47 1.61 23.63
N HIS E 237 13.77 0.97 22.70
CA HIS E 237 12.67 1.62 22.00
C HIS E 237 11.58 2.07 22.98
N LYS E 238 11.25 1.20 23.93
CA LYS E 238 10.22 1.50 24.92
C LYS E 238 10.59 2.78 25.68
N LYS E 239 11.86 2.89 26.05
CA LYS E 239 12.39 4.05 26.78
C LYS E 239 12.52 5.33 25.97
N LEU E 240 13.09 5.23 24.77
CA LEU E 240 13.32 6.39 23.90
C LEU E 240 12.11 6.85 23.06
N GLY E 241 11.30 5.90 22.60
CA GLY E 241 10.16 6.27 21.79
C GLY E 241 10.46 6.26 20.31
N THR E 242 9.44 5.99 19.52
CA THR E 242 9.55 5.92 18.06
C THR E 242 10.20 7.12 17.38
N GLU E 243 9.89 8.33 17.84
CA GLU E 243 10.48 9.51 17.23
C GLU E 243 12.00 9.57 17.41
N GLU E 244 12.50 8.90 18.45
CA GLU E 244 13.93 8.88 18.73
C GLU E 244 14.60 7.59 18.23
N PHE E 245 13.93 6.47 18.50
CA PHE E 245 14.44 5.14 18.17
C PHE E 245 13.34 4.36 17.45
N PRO E 246 13.24 4.51 16.12
CA PRO E 246 12.20 3.81 15.35
C PRO E 246 12.49 2.34 15.08
N LEU E 247 12.19 1.49 16.06
CA LEU E 247 12.42 0.06 15.91
C LEU E 247 11.30 -0.48 15.01
N ILE E 248 11.64 -1.37 14.08
CA ILE E 248 10.64 -1.91 13.18
C ILE E 248 9.68 -2.82 13.94
N ASP E 249 8.42 -2.84 13.50
CA ASP E 249 7.39 -3.68 14.13
C ASP E 249 7.68 -5.15 13.86
N GLN E 250 8.23 -5.84 14.84
CA GLN E 250 8.57 -7.24 14.65
C GLN E 250 7.85 -8.12 15.65
N THR E 251 7.53 -9.35 15.23
CA THR E 251 6.86 -10.30 16.08
C THR E 251 7.78 -11.50 16.26
N PHE E 252 7.89 -12.00 17.49
CA PHE E 252 8.73 -13.16 17.79
C PHE E 252 7.87 -14.38 18.07
N TYR E 253 8.21 -15.49 17.42
CA TYR E 253 7.49 -16.75 17.59
C TYR E 253 8.47 -17.79 18.11
N PRO E 254 8.26 -18.29 19.35
CA PRO E 254 9.13 -19.31 19.99
C PRO E 254 9.30 -20.55 19.11
N ASN E 255 8.25 -20.84 18.34
CA ASN E 255 8.23 -21.97 17.41
C ASN E 255 7.07 -21.74 16.47
N HIS E 256 7.00 -22.51 15.39
CA HIS E 256 5.94 -22.35 14.39
C HIS E 256 4.48 -22.36 14.86
N LYS E 257 4.18 -23.09 15.94
CA LYS E 257 2.80 -23.19 16.41
C LYS E 257 2.05 -21.88 16.66
N GLU E 258 2.77 -20.78 16.85
CA GLU E 258 2.13 -19.51 17.10
C GLU E 258 2.05 -18.63 15.84
N MET E 259 2.64 -19.10 14.75
CA MET E 259 2.61 -18.35 13.50
C MET E 259 1.28 -18.57 12.81
N LEU E 260 0.27 -17.81 13.22
CA LEU E 260 -1.07 -17.95 12.65
C LEU E 260 -1.36 -16.99 11.50
N SER E 261 -0.99 -15.73 11.65
CA SER E 261 -1.24 -14.76 10.59
C SER E 261 -0.50 -13.45 10.82
N SER E 262 -0.62 -12.56 9.85
CA SER E 262 0.02 -11.26 9.94
C SER E 262 -1.06 -10.19 9.82
N THR E 263 -0.83 -9.04 10.45
CA THR E 263 -1.80 -7.96 10.36
C THR E 263 -1.82 -7.52 8.90
N THR E 264 -0.64 -7.21 8.39
CA THR E 264 -0.50 -6.77 7.00
C THR E 264 0.48 -7.63 6.21
N TYR E 265 0.57 -7.33 4.92
CA TYR E 265 1.45 -8.03 4.01
C TYR E 265 1.91 -7.00 2.99
N PRO E 266 3.04 -7.24 2.32
CA PRO E 266 3.90 -8.42 2.48
C PRO E 266 4.71 -8.33 3.78
N VAL E 267 5.16 -9.49 4.28
CA VAL E 267 5.91 -9.52 5.52
C VAL E 267 7.20 -10.29 5.29
N VAL E 268 8.20 -10.06 6.15
CA VAL E 268 9.48 -10.77 6.03
C VAL E 268 9.66 -11.66 7.23
N VAL E 269 9.84 -12.95 6.97
CA VAL E 269 10.04 -13.91 8.03
C VAL E 269 11.53 -14.24 8.07
N LYS E 270 12.11 -14.17 9.26
CA LYS E 270 13.52 -14.47 9.47
C LYS E 270 13.56 -15.68 10.38
N MET E 271 14.04 -16.79 9.84
CA MET E 271 14.06 -18.04 10.58
C MET E 271 15.30 -18.26 11.43
N GLY E 272 15.06 -18.60 12.69
CA GLY E 272 16.13 -18.86 13.63
C GLY E 272 17.26 -17.84 13.66
N HIS E 273 18.48 -18.33 13.72
CA HIS E 273 19.66 -17.47 13.80
C HIS E 273 20.65 -17.76 12.65
N ALA E 274 20.68 -16.89 11.65
CA ALA E 274 21.56 -17.07 10.49
C ALA E 274 22.03 -15.72 9.97
N HIS E 275 23.02 -15.73 9.08
CA HIS E 275 23.57 -14.50 8.55
C HIS E 275 23.67 -14.50 7.01
N SER E 276 24.06 -13.35 6.46
CA SER E 276 24.21 -13.18 5.02
C SER E 276 22.95 -13.55 4.23
N GLY E 277 21.81 -13.11 4.75
CA GLY E 277 20.55 -13.37 4.09
C GLY E 277 19.89 -14.73 4.31
N MET E 278 20.63 -15.68 4.85
CA MET E 278 20.10 -17.03 5.08
C MET E 278 18.88 -17.11 6.00
N GLY E 279 17.89 -17.91 5.58
CA GLY E 279 16.69 -18.09 6.38
C GLY E 279 15.70 -16.93 6.32
N LYS E 280 15.96 -15.97 5.43
CA LYS E 280 15.08 -14.80 5.28
C LYS E 280 14.27 -14.83 4.00
N VAL E 281 12.95 -14.82 4.14
CA VAL E 281 12.06 -14.83 2.98
C VAL E 281 10.91 -13.84 3.09
N LYS E 282 10.54 -13.28 1.93
CA LYS E 282 9.43 -12.33 1.82
C LYS E 282 8.14 -13.13 1.59
N VAL E 283 7.12 -12.85 2.41
CA VAL E 283 5.83 -13.55 2.32
C VAL E 283 4.73 -12.55 1.93
N ASP E 284 4.14 -12.74 0.76
CA ASP E 284 3.12 -11.83 0.25
C ASP E 284 1.66 -12.05 0.68
N ASN E 285 1.33 -13.17 1.32
CA ASN E 285 -0.06 -13.37 1.72
C ASN E 285 -0.29 -14.49 2.73
N GLN E 286 -1.50 -14.52 3.29
CA GLN E 286 -1.89 -15.51 4.29
C GLN E 286 -1.53 -16.96 3.94
N HIS E 287 -1.87 -17.39 2.74
CA HIS E 287 -1.58 -18.76 2.35
C HIS E 287 -0.09 -19.04 2.30
N ASP E 288 0.67 -18.10 1.74
CA ASP E 288 2.12 -18.27 1.66
C ASP E 288 2.72 -18.28 3.06
N PHE E 289 2.07 -17.58 3.98
CA PHE E 289 2.54 -17.49 5.35
C PHE E 289 2.35 -18.83 6.05
N GLN E 290 1.22 -19.47 5.80
CA GLN E 290 0.95 -20.77 6.40
C GLN E 290 1.95 -21.78 5.86
N ASP E 291 2.30 -21.65 4.59
CA ASP E 291 3.29 -22.54 3.98
C ASP E 291 4.63 -22.36 4.67
N ILE E 292 5.06 -21.10 4.78
CA ILE E 292 6.34 -20.79 5.40
C ILE E 292 6.38 -21.22 6.87
N ALA E 293 5.25 -21.18 7.56
CA ALA E 293 5.20 -21.59 8.95
C ALA E 293 5.47 -23.09 9.07
N SER E 294 4.95 -23.87 8.13
CA SER E 294 5.15 -25.32 8.17
C SER E 294 6.64 -25.57 7.91
N VAL E 295 7.29 -24.63 7.25
CA VAL E 295 8.72 -24.71 6.96
C VAL E 295 9.49 -24.42 8.24
N VAL E 296 8.99 -23.48 9.05
CA VAL E 296 9.64 -23.14 10.31
C VAL E 296 9.62 -24.38 11.20
N ALA E 297 8.51 -25.11 11.16
CA ALA E 297 8.36 -26.32 11.95
C ALA E 297 9.52 -27.28 11.71
N LEU E 298 9.97 -27.34 10.46
CA LEU E 298 11.06 -28.23 10.07
C LEU E 298 12.44 -27.74 10.52
N THR E 299 12.57 -26.44 10.75
CA THR E 299 13.84 -25.89 11.22
C THR E 299 13.88 -26.17 12.72
N LYS E 300 12.71 -26.49 13.27
CA LYS E 300 12.55 -26.78 14.68
C LYS E 300 13.09 -25.70 15.61
N THR E 301 12.92 -24.45 15.21
CA THR E 301 13.40 -23.34 16.03
C THR E 301 12.49 -22.13 15.93
N TYR E 302 12.90 -21.01 16.53
CA TYR E 302 12.09 -19.82 16.52
C TYR E 302 12.19 -19.09 15.20
N ALA E 303 11.34 -18.08 15.05
CA ALA E 303 11.32 -17.27 13.84
C ALA E 303 10.64 -15.95 14.18
N THR E 304 10.92 -14.93 13.37
CA THR E 304 10.29 -13.64 13.56
C THR E 304 9.67 -13.20 12.24
N ALA E 305 8.69 -12.31 12.35
CA ALA E 305 8.01 -11.76 11.18
C ALA E 305 7.91 -10.26 11.40
N GLU E 306 8.20 -9.49 10.36
CA GLU E 306 8.15 -8.03 10.46
C GLU E 306 7.63 -7.50 9.13
N PRO E 307 6.95 -6.34 9.15
CA PRO E 307 6.43 -5.79 7.90
C PRO E 307 7.52 -5.62 6.85
N PHE E 308 7.19 -5.92 5.60
CA PHE E 308 8.14 -5.74 4.52
C PHE E 308 8.16 -4.23 4.27
N ILE E 309 9.34 -3.67 4.13
CA ILE E 309 9.44 -2.23 3.91
C ILE E 309 9.80 -1.91 2.48
N ASP E 310 8.89 -1.25 1.77
CA ASP E 310 9.16 -0.84 0.41
C ASP E 310 10.18 0.28 0.63
N ALA E 311 11.45 -0.10 0.65
CA ALA E 311 12.52 0.84 0.92
C ALA E 311 13.09 1.59 -0.26
N LYS E 312 13.51 2.82 0.01
CA LYS E 312 14.12 3.70 -0.97
C LYS E 312 15.61 3.39 -0.87
N TYR E 313 16.02 2.99 0.33
CA TYR E 313 17.41 2.64 0.62
C TYR E 313 17.51 2.15 2.06
N ASP E 314 18.67 1.62 2.42
CA ASP E 314 18.90 1.14 3.77
C ASP E 314 20.16 1.83 4.26
N VAL E 315 20.31 1.92 5.58
CA VAL E 315 21.47 2.58 6.14
C VAL E 315 22.09 1.79 7.29
N ARG E 316 23.40 1.84 7.38
CA ARG E 316 24.07 1.18 8.49
C ARG E 316 24.95 2.23 9.13
N VAL E 317 24.77 2.39 10.43
CA VAL E 317 25.54 3.35 11.22
C VAL E 317 26.49 2.55 12.08
N GLN E 318 27.79 2.74 11.88
CA GLN E 318 28.76 1.98 12.65
C GLN E 318 29.52 2.80 13.70
N LYS E 319 29.99 2.09 14.72
CA LYS E 319 30.75 2.69 15.80
C LYS E 319 31.85 1.74 16.25
N ILE E 320 33.09 2.16 16.00
CA ILE E 320 34.28 1.39 16.37
C ILE E 320 35.00 2.30 17.35
N GLY E 321 35.12 1.88 18.61
CA GLY E 321 35.77 2.72 19.58
C GLY E 321 34.93 3.99 19.65
N GLN E 322 35.52 5.13 19.27
CA GLN E 322 34.78 6.38 19.28
C GLN E 322 34.72 7.00 17.88
N ASN E 323 34.78 6.17 16.86
CA ASN E 323 34.70 6.64 15.47
C ASN E 323 33.37 6.24 14.85
N TYR E 324 32.73 7.19 14.18
CA TYR E 324 31.43 6.93 13.57
C TYR E 324 31.40 7.11 12.05
N LYS E 325 30.65 6.23 11.40
CA LYS E 325 30.49 6.29 9.95
C LYS E 325 29.10 5.78 9.60
N ALA E 326 28.48 6.39 8.59
CA ALA E 326 27.16 5.98 8.16
C ALA E 326 27.20 5.72 6.66
N TYR E 327 26.75 4.53 6.26
CA TYR E 327 26.75 4.16 4.85
C TYR E 327 25.35 3.92 4.34
N MET E 328 25.09 4.42 3.15
CA MET E 328 23.79 4.27 2.51
C MET E 328 23.89 3.24 1.39
N ARG E 329 23.05 2.21 1.44
CA ARG E 329 23.06 1.17 0.44
C ARG E 329 21.77 1.29 -0.37
N THR E 330 21.85 1.08 -1.68
CA THR E 330 20.67 1.18 -2.52
C THR E 330 20.78 0.31 -3.79
N TRP E 336 14.93 -7.61 -3.39
CA TRP E 336 14.52 -6.70 -2.28
C TRP E 336 15.54 -6.72 -1.15
N LYS E 337 16.40 -7.73 -1.09
CA LYS E 337 17.43 -7.74 -0.06
C LYS E 337 18.80 -7.54 -0.68
N THR E 338 19.32 -6.35 -0.42
CA THR E 338 20.59 -5.86 -0.92
C THR E 338 21.81 -6.49 -0.23
N LEU E 345 26.81 1.53 -2.55
CA LEU E 345 27.23 2.15 -1.26
C LEU E 345 27.66 3.60 -1.41
N GLU E 346 27.17 4.44 -0.50
CA GLU E 346 27.48 5.85 -0.52
C GLU E 346 27.61 6.36 0.91
N GLN E 347 28.82 6.72 1.32
CA GLN E 347 29.02 7.23 2.67
C GLN E 347 28.23 8.52 2.85
N ILE E 348 27.40 8.56 3.88
CA ILE E 348 26.61 9.74 4.17
C ILE E 348 27.03 10.35 5.51
N ALA E 349 26.68 11.60 5.71
CA ALA E 349 27.02 12.30 6.94
C ALA E 349 26.32 11.71 8.15
N MET E 350 26.97 11.82 9.30
CA MET E 350 26.42 11.35 10.56
C MET E 350 25.50 12.43 11.11
N SER E 351 24.33 12.03 11.57
CA SER E 351 23.40 12.98 12.15
C SER E 351 23.30 12.57 13.62
N ASP E 352 22.90 13.51 14.48
CA ASP E 352 22.78 13.19 15.90
C ASP E 352 21.72 12.10 16.06
N ARG E 353 20.85 11.98 15.07
CA ARG E 353 19.80 10.97 15.08
C ARG E 353 20.48 9.61 14.91
N TYR E 354 21.36 9.51 13.92
CA TYR E 354 22.07 8.25 13.68
C TYR E 354 22.98 7.93 14.86
N LYS E 355 23.69 8.94 15.36
CA LYS E 355 24.61 8.74 16.48
C LYS E 355 23.90 8.17 17.71
N LEU E 356 22.73 8.71 18.05
CA LEU E 356 22.00 8.23 19.20
C LEU E 356 21.68 6.74 19.08
N TRP E 357 21.20 6.34 17.91
CA TRP E 357 20.83 4.94 17.66
C TRP E 357 21.97 3.99 18.01
N VAL E 358 23.14 4.22 17.42
CA VAL E 358 24.27 3.36 17.66
C VAL E 358 24.89 3.53 19.04
N ASP E 359 24.90 4.75 19.56
CA ASP E 359 25.45 4.97 20.90
C ASP E 359 24.61 4.17 21.88
N THR E 360 23.29 4.27 21.75
CA THR E 360 22.39 3.56 22.64
C THR E 360 22.63 2.06 22.53
N CYS E 361 22.64 1.55 21.31
CA CYS E 361 22.85 0.12 21.10
C CYS E 361 24.22 -0.38 21.55
N SER E 362 25.24 0.45 21.42
CA SER E 362 26.59 0.06 21.83
C SER E 362 26.73 -0.22 23.33
N GLU E 363 25.74 0.18 24.11
CA GLU E 363 25.80 -0.03 25.56
C GLU E 363 25.22 -1.35 26.06
N ILE E 364 24.55 -2.10 25.19
CA ILE E 364 23.96 -3.37 25.62
C ILE E 364 25.00 -4.43 25.97
N PHE E 365 24.58 -5.38 26.80
CA PHE E 365 25.42 -6.48 27.24
C PHE E 365 26.76 -6.04 27.82
N GLY E 366 26.76 -4.89 28.47
CA GLY E 366 27.97 -4.38 29.09
C GLY E 366 28.83 -3.55 28.17
N GLY E 367 28.35 -3.30 26.95
CA GLY E 367 29.11 -2.49 26.01
C GLY E 367 29.71 -3.25 24.85
N LEU E 368 29.57 -2.68 23.65
CA LEU E 368 30.08 -3.28 22.42
C LEU E 368 31.13 -2.32 21.86
N ASP E 369 32.38 -2.76 21.81
CA ASP E 369 33.47 -1.95 21.30
C ASP E 369 33.33 -1.73 19.80
N ILE E 370 32.78 -2.73 19.12
CA ILE E 370 32.56 -2.69 17.68
C ILE E 370 31.11 -3.05 17.42
N CYS E 371 30.36 -2.14 16.80
CA CYS E 371 28.97 -2.44 16.49
C CYS E 371 28.40 -1.55 15.41
N ALA E 372 27.19 -1.87 14.98
CA ALA E 372 26.52 -1.10 13.96
C ALA E 372 25.01 -1.29 14.07
N VAL E 373 24.26 -0.32 13.57
CA VAL E 373 22.81 -0.40 13.59
C VAL E 373 22.33 -0.33 12.15
N GLU E 374 21.39 -1.20 11.80
CA GLU E 374 20.87 -1.24 10.45
C GLU E 374 19.44 -0.72 10.41
N ALA E 375 19.19 0.20 9.49
CA ALA E 375 17.87 0.79 9.33
C ALA E 375 17.48 0.85 7.86
N LEU E 376 16.17 0.71 7.63
CA LEU E 376 15.62 0.77 6.29
C LEU E 376 14.81 2.06 6.22
N HIS E 377 15.00 2.83 5.14
CA HIS E 377 14.27 4.07 4.96
C HIS E 377 13.25 3.90 3.84
N GLY E 378 11.98 3.75 4.22
CA GLY E 378 10.91 3.56 3.25
C GLY E 378 10.57 4.75 2.38
N LYS E 379 10.04 4.45 1.19
CA LYS E 379 9.63 5.46 0.22
C LYS E 379 8.74 6.53 0.85
N ASP E 380 8.04 6.15 1.93
CA ASP E 380 7.15 7.08 2.62
C ASP E 380 7.90 7.94 3.63
N GLY E 381 9.23 7.94 3.54
CA GLY E 381 10.05 8.74 4.44
C GLY E 381 10.32 8.21 5.85
N ARG E 382 9.70 7.11 6.23
CA ARG E 382 9.93 6.55 7.57
C ARG E 382 11.14 5.63 7.69
N ASP E 383 11.80 5.68 8.86
CA ASP E 383 12.96 4.84 9.15
C ASP E 383 12.54 3.62 9.96
N HIS E 384 13.21 2.49 9.72
CA HIS E 384 12.91 1.25 10.44
C HIS E 384 14.20 0.55 10.82
N ILE E 385 14.48 0.50 12.11
CA ILE E 385 15.67 -0.17 12.63
C ILE E 385 15.39 -1.68 12.67
N ILE E 386 16.21 -2.47 11.99
CA ILE E 386 15.98 -3.91 11.94
C ILE E 386 16.95 -4.79 12.69
N GLU E 387 18.14 -4.27 13.00
CA GLU E 387 19.11 -5.06 13.77
C GLU E 387 20.38 -4.29 14.10
N VAL E 388 21.09 -4.79 15.10
CA VAL E 388 22.35 -4.22 15.54
C VAL E 388 23.34 -5.38 15.50
N VAL E 389 24.47 -5.19 14.83
CA VAL E 389 25.49 -6.24 14.71
C VAL E 389 26.70 -5.97 15.62
N GLY E 390 27.37 -7.04 16.05
CA GLY E 390 28.52 -6.92 16.94
C GLY E 390 29.90 -6.84 16.29
N SER E 391 30.92 -7.35 16.97
CA SER E 391 32.29 -7.30 16.48
C SER E 391 32.57 -8.10 15.22
N SER E 392 31.57 -8.81 14.73
CA SER E 392 31.74 -9.59 13.50
C SER E 392 31.08 -8.85 12.34
N MET E 393 30.77 -7.57 12.55
CA MET E 393 30.14 -6.77 11.50
C MET E 393 31.09 -6.61 10.33
N PRO E 394 30.60 -6.86 9.12
CA PRO E 394 31.47 -6.71 7.96
C PRO E 394 31.94 -5.27 7.81
N LEU E 395 33.16 -5.08 7.32
CA LEU E 395 33.67 -3.73 7.09
C LEU E 395 33.28 -3.41 5.66
N ILE E 396 32.64 -2.27 5.46
CA ILE E 396 32.17 -1.88 4.14
C ILE E 396 32.68 -0.53 3.63
N GLY E 397 32.25 -0.18 2.43
CA GLY E 397 32.62 1.10 1.84
C GLY E 397 34.08 1.37 1.53
N ASP E 398 34.34 2.65 1.29
CA ASP E 398 35.67 3.17 0.94
C ASP E 398 36.74 3.17 2.03
N HIS E 399 36.34 3.07 3.29
CA HIS E 399 37.34 3.14 4.36
C HIS E 399 37.52 1.89 5.19
N GLN E 400 37.67 0.76 4.51
CA GLN E 400 37.85 -0.49 5.21
C GLN E 400 39.25 -0.55 5.84
N ASP E 401 40.22 0.05 5.16
CA ASP E 401 41.58 0.07 5.67
C ASP E 401 41.59 0.90 6.96
N GLU E 402 40.99 2.09 6.90
CA GLU E 402 40.91 2.95 8.07
C GLU E 402 40.26 2.26 9.25
N ASP E 403 39.16 1.54 8.98
CA ASP E 403 38.45 0.84 10.03
C ASP E 403 39.28 -0.26 10.66
N LYS E 404 40.13 -0.91 9.86
CA LYS E 404 40.97 -1.98 10.38
C LYS E 404 41.96 -1.36 11.36
N GLN E 405 42.58 -0.25 10.97
CA GLN E 405 43.54 0.44 11.83
C GLN E 405 42.87 0.91 13.12
N LEU E 406 41.60 1.31 13.02
CA LEU E 406 40.86 1.77 14.19
C LEU E 406 40.67 0.59 15.15
N ILE E 407 40.42 -0.58 14.59
CA ILE E 407 40.25 -1.76 15.41
C ILE E 407 41.58 -2.06 16.09
N VAL E 408 42.66 -1.92 15.33
CA VAL E 408 44.00 -2.15 15.87
C VAL E 408 44.21 -1.25 17.08
N GLU E 409 44.04 0.05 16.89
CA GLU E 409 44.20 1.02 17.97
C GLU E 409 43.30 0.63 19.14
N LEU E 410 42.07 0.28 18.83
CA LEU E 410 41.10 -0.13 19.84
C LEU E 410 41.60 -1.34 20.62
N VAL E 411 42.06 -2.36 19.90
CA VAL E 411 42.55 -3.57 20.55
C VAL E 411 43.81 -3.29 21.37
N VAL E 412 44.74 -2.54 20.78
CA VAL E 412 45.97 -2.22 21.50
C VAL E 412 45.59 -1.54 22.81
N ASN E 413 44.62 -0.64 22.74
CA ASN E 413 44.16 0.07 23.92
C ASN E 413 43.55 -0.90 24.94
N LYS E 414 42.71 -1.83 24.47
CA LYS E 414 42.09 -2.79 25.37
C LYS E 414 43.11 -3.73 25.98
N MET E 415 44.13 -4.09 25.20
CA MET E 415 45.17 -4.98 25.71
C MET E 415 45.99 -4.28 26.79
N THR E 416 46.42 -3.06 26.50
CA THR E 416 47.22 -2.29 27.45
C THR E 416 46.60 -2.33 28.84
N GLN E 417 45.29 -2.25 28.89
CA GLN E 417 44.55 -2.26 30.15
C GLN E 417 44.37 -3.64 30.74
N ALA F 114 -5.78 -5.89 39.45
CA ALA F 114 -4.85 -6.99 39.89
C ALA F 114 -3.65 -7.08 38.95
N ARG F 115 -2.59 -7.72 39.44
CA ARG F 115 -1.38 -7.91 38.67
C ARG F 115 -1.24 -9.41 38.44
N VAL F 116 -0.88 -9.81 37.22
CA VAL F 116 -0.75 -11.23 36.91
C VAL F 116 0.66 -11.77 37.11
N LEU F 117 0.77 -12.79 37.93
CA LEU F 117 2.05 -13.42 38.23
C LEU F 117 2.13 -14.82 37.63
N LEU F 118 2.98 -14.99 36.64
CA LEU F 118 3.16 -16.30 36.01
C LEU F 118 4.30 -17.03 36.71
N VAL F 119 3.98 -18.15 37.35
CA VAL F 119 4.99 -18.93 38.05
C VAL F 119 5.22 -20.24 37.30
N ILE F 120 6.37 -20.33 36.63
CA ILE F 120 6.72 -21.51 35.87
C ILE F 120 7.32 -22.54 36.83
N ASP F 121 6.52 -23.55 37.17
CA ASP F 121 6.96 -24.60 38.08
C ASP F 121 6.00 -25.79 38.07
N GLU F 122 6.50 -26.96 38.45
CA GLU F 122 5.68 -28.17 38.48
C GLU F 122 4.54 -28.00 39.48
N PRO F 123 3.45 -28.77 39.32
CA PRO F 123 2.29 -28.70 40.21
C PRO F 123 2.48 -29.17 41.65
N HIS F 124 3.54 -29.93 41.91
CA HIS F 124 3.82 -30.43 43.25
C HIS F 124 3.68 -29.36 44.33
N THR F 125 3.78 -28.10 43.94
CA THR F 125 3.66 -26.98 44.87
C THR F 125 2.64 -25.96 44.38
N ASP F 126 1.58 -25.79 45.14
CA ASP F 126 0.53 -24.84 44.80
C ASP F 126 0.91 -23.45 45.26
N TRP F 127 1.53 -22.68 44.37
CA TRP F 127 1.96 -21.33 44.71
C TRP F 127 0.85 -20.35 45.01
N ALA F 128 -0.29 -20.50 44.32
CA ALA F 128 -1.42 -19.60 44.55
C ALA F 128 -1.71 -19.54 46.05
N LYS F 129 -1.58 -20.68 46.71
CA LYS F 129 -1.81 -20.79 48.15
C LYS F 129 -0.94 -19.80 48.93
N TYR F 130 0.37 -19.88 48.73
CA TYR F 130 1.32 -19.02 49.44
C TYR F 130 1.16 -17.53 49.14
N PHE F 131 0.80 -17.20 47.91
CA PHE F 131 0.61 -15.81 47.54
C PHE F 131 -0.75 -15.28 47.99
N LYS F 132 -1.61 -16.20 48.41
CA LYS F 132 -2.95 -15.84 48.86
C LYS F 132 -2.99 -14.63 49.78
N GLY F 133 -3.92 -13.72 49.50
CA GLY F 133 -4.07 -12.53 50.32
C GLY F 133 -3.01 -11.46 50.14
N LYS F 134 -1.88 -11.81 49.53
CA LYS F 134 -0.81 -10.84 49.34
C LYS F 134 -1.22 -9.77 48.33
N LYS F 135 -1.12 -8.51 48.76
CA LYS F 135 -1.51 -7.38 47.93
C LYS F 135 -0.35 -6.41 47.75
N ILE F 136 -0.23 -5.85 46.55
CA ILE F 136 0.83 -4.90 46.23
C ILE F 136 0.46 -3.49 46.67
N HIS F 137 1.32 -2.88 47.48
CA HIS F 137 1.10 -1.54 48.01
C HIS F 137 -0.02 -1.53 49.04
N GLY F 138 -0.67 -2.68 49.22
CA GLY F 138 -1.73 -2.79 50.20
C GLY F 138 -3.10 -3.07 49.63
N GLU F 139 -3.36 -2.63 48.40
CA GLU F 139 -4.65 -2.85 47.77
C GLU F 139 -4.63 -3.73 46.52
N ILE F 140 -3.72 -3.42 45.60
CA ILE F 140 -3.60 -4.19 44.35
C ILE F 140 -3.39 -5.68 44.58
N ASP F 141 -4.39 -6.48 44.22
CA ASP F 141 -4.30 -7.93 44.38
C ASP F 141 -3.33 -8.56 43.39
N ILE F 142 -2.98 -9.82 43.65
CA ILE F 142 -2.07 -10.58 42.80
C ILE F 142 -2.71 -11.90 42.39
N LYS F 143 -2.92 -12.08 41.09
CA LYS F 143 -3.50 -13.32 40.57
C LYS F 143 -2.36 -14.23 40.17
N VAL F 144 -2.34 -15.44 40.72
CA VAL F 144 -1.28 -16.40 40.44
C VAL F 144 -1.65 -17.43 39.38
N GLU F 145 -0.87 -17.44 38.31
CA GLU F 145 -1.05 -18.37 37.20
C GLU F 145 0.13 -19.32 37.26
N GLN F 146 -0.10 -20.61 37.05
CA GLN F 146 0.99 -21.57 37.13
C GLN F 146 0.93 -22.64 36.06
N ALA F 147 2.09 -22.99 35.51
CA ALA F 147 2.21 -24.02 34.47
C ALA F 147 3.67 -24.40 34.30
N GLU F 148 3.91 -25.55 33.68
CA GLU F 148 5.28 -25.99 33.44
C GLU F 148 5.70 -25.52 32.06
N PHE F 149 7.00 -25.48 31.82
CA PHE F 149 7.51 -25.04 30.53
C PHE F 149 6.88 -25.80 29.38
N SER F 150 6.71 -27.11 29.57
CA SER F 150 6.14 -27.98 28.56
C SER F 150 4.73 -27.60 28.10
N ASP F 151 3.96 -26.97 28.97
CA ASP F 151 2.59 -26.58 28.63
C ASP F 151 2.43 -25.08 28.37
N LEU F 152 3.51 -24.42 27.95
CA LEU F 152 3.47 -23.00 27.69
C LEU F 152 4.00 -22.63 26.31
N ASN F 153 3.53 -21.49 25.82
CA ASN F 153 3.97 -20.94 24.55
C ASN F 153 3.57 -19.48 24.60
N LEU F 154 4.00 -18.69 23.63
CA LEU F 154 3.66 -17.28 23.62
C LEU F 154 3.97 -16.65 22.29
N VAL F 155 3.61 -15.38 22.15
CA VAL F 155 3.88 -14.60 20.95
C VAL F 155 4.14 -13.20 21.50
N ALA F 156 5.20 -12.55 21.01
CA ALA F 156 5.54 -11.23 21.52
C ALA F 156 5.75 -10.26 20.37
N HIS F 157 5.31 -9.03 20.57
CA HIS F 157 5.44 -8.01 19.55
C HIS F 157 6.36 -6.90 20.04
N ALA F 158 7.12 -6.34 19.12
CA ALA F 158 8.06 -5.27 19.45
C ALA F 158 7.34 -4.01 19.91
N ASN F 159 6.06 -3.86 19.56
CA ASN F 159 5.30 -2.68 19.94
C ASN F 159 4.86 -2.76 21.40
N GLY F 160 4.99 -3.93 22.01
CA GLY F 160 4.60 -4.08 23.40
C GLY F 160 3.51 -5.10 23.68
N GLY F 161 2.71 -5.43 22.66
CA GLY F 161 1.66 -6.41 22.84
C GLY F 161 2.23 -7.82 22.90
N PHE F 162 1.59 -8.68 23.68
CA PHE F 162 2.04 -10.06 23.80
C PHE F 162 0.98 -10.93 24.44
N SER F 163 1.18 -12.24 24.37
CA SER F 163 0.25 -13.20 24.95
C SER F 163 0.92 -14.53 25.27
N VAL F 164 0.70 -15.01 26.47
CA VAL F 164 1.26 -16.29 26.89
C VAL F 164 0.10 -17.27 26.86
N ASP F 165 0.26 -18.37 26.14
CA ASP F 165 -0.80 -19.36 26.06
C ASP F 165 -0.44 -20.58 26.90
N MET F 166 -1.35 -20.96 27.78
CA MET F 166 -1.15 -22.10 28.67
C MET F 166 -2.10 -23.25 28.32
N GLU F 167 -1.56 -24.45 28.15
CA GLU F 167 -2.39 -25.60 27.82
C GLU F 167 -3.00 -26.22 29.07
N VAL F 176 -6.49 -24.37 25.97
CA VAL F 176 -5.53 -23.30 25.70
C VAL F 176 -6.07 -21.94 26.10
N ARG F 177 -5.58 -21.42 27.22
CA ARG F 177 -6.01 -20.12 27.71
C ARG F 177 -4.86 -19.11 27.61
N SER F 178 -5.18 -17.88 27.24
CA SER F 178 -4.17 -16.84 27.09
C SER F 178 -4.15 -15.89 28.26
N LEU F 179 -2.94 -15.45 28.63
CA LEU F 179 -2.75 -14.52 29.74
C LEU F 179 -1.69 -13.49 29.38
N LYS F 180 -1.62 -12.43 30.18
CA LYS F 180 -0.67 -11.35 29.95
C LYS F 180 -0.02 -10.98 31.29
N PRO F 181 0.90 -11.83 31.78
CA PRO F 181 1.61 -11.64 33.05
C PRO F 181 2.32 -10.29 33.20
N ASP F 182 2.34 -9.77 34.42
CA ASP F 182 3.00 -8.52 34.72
C ASP F 182 4.38 -8.84 35.29
N PHE F 183 4.54 -10.08 35.72
CA PHE F 183 5.79 -10.53 36.30
C PHE F 183 5.82 -12.04 36.18
N VAL F 184 7.00 -12.62 36.23
CA VAL F 184 7.12 -14.07 36.14
C VAL F 184 8.18 -14.58 37.12
N LEU F 185 7.88 -15.73 37.72
CA LEU F 185 8.78 -16.38 38.67
C LEU F 185 9.16 -17.73 38.03
N ILE F 186 10.42 -17.86 37.66
CA ILE F 186 10.88 -19.09 37.03
C ILE F 186 11.53 -20.04 38.02
N ARG F 187 10.83 -21.13 38.32
CA ARG F 187 11.27 -22.15 39.27
C ARG F 187 11.69 -23.45 38.59
N GLN F 188 11.60 -23.47 37.26
CA GLN F 188 11.93 -24.67 36.50
C GLN F 188 13.14 -24.42 35.60
N HIS F 189 13.90 -25.47 35.32
CA HIS F 189 15.07 -25.35 34.45
C HIS F 189 14.62 -24.95 33.04
N ALA F 190 15.21 -23.89 32.51
CA ALA F 190 14.87 -23.39 31.19
C ALA F 190 15.51 -24.19 30.07
N PHE F 191 16.59 -24.91 30.39
CA PHE F 191 17.29 -25.69 29.38
C PHE F 191 17.85 -27.00 29.90
N SER F 192 17.90 -27.97 29.01
CA SER F 192 18.44 -29.29 29.28
C SER F 192 18.67 -29.95 27.93
N MET F 193 19.73 -30.74 27.80
CA MET F 193 20.00 -31.36 26.52
C MET F 193 19.29 -32.69 26.32
N ALA F 194 18.34 -32.99 27.19
CA ALA F 194 17.53 -34.19 27.05
C ALA F 194 16.39 -33.79 26.12
N ARG F 195 15.74 -34.78 25.48
CA ARG F 195 14.64 -34.47 24.57
C ARG F 195 13.56 -33.63 25.25
N ASN F 196 13.10 -32.61 24.55
CA ASN F 196 12.05 -31.72 25.05
C ASN F 196 12.43 -30.99 26.33
N GLY F 197 13.71 -30.66 26.49
CA GLY F 197 14.13 -29.95 27.67
C GLY F 197 14.56 -28.53 27.31
N ASP F 198 14.46 -28.20 26.02
CA ASP F 198 14.87 -26.89 25.56
C ASP F 198 13.75 -25.86 25.51
N TYR F 199 13.75 -24.98 26.50
CA TYR F 199 12.75 -23.93 26.59
C TYR F 199 13.37 -22.54 26.48
N ARG F 200 14.57 -22.47 25.96
CA ARG F 200 15.27 -21.20 25.81
C ARG F 200 14.48 -20.17 24.99
N SER F 201 13.73 -20.62 23.99
CA SER F 201 12.97 -19.71 23.15
C SER F 201 11.89 -19.01 23.97
N LEU F 202 11.36 -19.71 24.97
CA LEU F 202 10.35 -19.13 25.83
C LEU F 202 10.97 -18.02 26.70
N VAL F 203 12.19 -18.27 27.20
CA VAL F 203 12.88 -17.27 28.01
C VAL F 203 13.21 -16.08 27.13
N ILE F 204 13.51 -16.34 25.86
CA ILE F 204 13.83 -15.27 24.92
C ILE F 204 12.57 -14.46 24.61
N GLY F 205 11.44 -15.16 24.50
CA GLY F 205 10.19 -14.49 24.20
C GLY F 205 9.75 -13.61 25.37
N LEU F 206 9.81 -14.17 26.57
CA LEU F 206 9.44 -13.42 27.77
C LEU F 206 10.24 -12.12 27.84
N GLN F 207 11.54 -12.18 27.55
CA GLN F 207 12.39 -10.99 27.57
C GLN F 207 12.03 -10.07 26.41
N TYR F 208 11.67 -10.67 25.27
CA TYR F 208 11.29 -9.93 24.08
C TYR F 208 10.05 -9.10 24.43
N ALA F 209 9.19 -9.66 25.27
CA ALA F 209 7.98 -9.00 25.71
C ALA F 209 8.24 -8.01 26.85
N GLY F 210 9.45 -8.05 27.40
CA GLY F 210 9.81 -7.15 28.49
C GLY F 210 9.17 -7.45 29.83
N ILE F 211 8.97 -8.72 30.13
CA ILE F 211 8.36 -9.13 31.39
C ILE F 211 9.37 -9.28 32.52
N PRO F 212 9.20 -8.53 33.62
CA PRO F 212 10.10 -8.59 34.76
C PRO F 212 10.07 -9.99 35.33
N SER F 213 11.20 -10.47 35.83
CA SER F 213 11.26 -11.83 36.35
C SER F 213 12.15 -12.02 37.58
N VAL F 214 12.07 -13.21 38.16
CA VAL F 214 12.87 -13.63 39.30
C VAL F 214 13.17 -15.10 39.12
N ASN F 215 14.44 -15.43 38.86
CA ASN F 215 15.50 -14.45 38.75
C ASN F 215 15.35 -13.71 37.44
N SER F 216 16.16 -12.66 37.25
CA SER F 216 16.09 -11.88 36.02
C SER F 216 16.18 -12.84 34.84
N LEU F 217 15.52 -12.50 33.75
CA LEU F 217 15.54 -13.34 32.55
C LEU F 217 16.96 -13.40 31.98
N HIS F 218 17.71 -12.30 32.12
CA HIS F 218 19.07 -12.25 31.62
C HIS F 218 19.94 -13.31 32.31
N SER F 219 19.71 -13.53 33.59
CA SER F 219 20.49 -14.51 34.33
C SER F 219 20.01 -15.93 34.01
N VAL F 220 18.72 -16.08 33.75
CA VAL F 220 18.19 -17.40 33.40
C VAL F 220 18.78 -17.83 32.07
N TYR F 221 18.77 -16.93 31.09
CA TYR F 221 19.31 -17.23 29.76
C TYR F 221 20.80 -17.59 29.86
N ASN F 222 21.56 -16.80 30.60
CA ASN F 222 22.99 -17.06 30.74
C ASN F 222 23.30 -18.27 31.59
N PHE F 223 22.30 -18.78 32.31
CA PHE F 223 22.48 -19.97 33.14
C PHE F 223 22.20 -21.25 32.33
N CYS F 224 21.88 -21.12 31.05
CA CYS F 224 21.58 -22.31 30.23
C CYS F 224 22.79 -23.10 29.71
N ASP F 225 23.96 -22.87 30.32
CA ASP F 225 25.20 -23.59 29.98
C ASP F 225 26.04 -23.63 31.24
N LYS F 226 26.01 -24.76 31.93
CA LYS F 226 26.75 -24.86 33.18
C LYS F 226 28.18 -24.35 33.10
N PRO F 227 28.93 -24.71 32.05
CA PRO F 227 30.32 -24.22 31.96
C PRO F 227 30.45 -22.70 31.82
N TRP F 228 29.41 -22.07 31.30
CA TRP F 228 29.40 -20.62 31.11
C TRP F 228 29.24 -19.97 32.49
N VAL F 229 28.45 -20.62 33.35
CA VAL F 229 28.25 -20.14 34.71
C VAL F 229 29.52 -20.46 35.52
N PHE F 230 30.01 -21.68 35.38
CA PHE F 230 31.21 -22.12 36.08
C PHE F 230 32.36 -21.16 35.79
N ALA F 231 32.41 -20.64 34.57
CA ALA F 231 33.44 -19.71 34.17
C ALA F 231 33.43 -18.48 35.08
N GLN F 232 32.23 -18.06 35.50
CA GLN F 232 32.09 -16.92 36.38
C GLN F 232 32.76 -17.25 37.72
N MET F 233 32.51 -18.45 38.22
CA MET F 233 33.12 -18.89 39.48
C MET F 233 34.65 -18.99 39.35
N VAL F 234 35.13 -19.35 38.15
CA VAL F 234 36.57 -19.45 37.94
C VAL F 234 37.20 -18.08 38.11
N ARG F 235 36.49 -17.04 37.70
CA ARG F 235 36.97 -15.67 37.83
C ARG F 235 36.95 -15.30 39.30
N LEU F 236 35.91 -15.72 40.00
CA LEU F 236 35.77 -15.44 41.41
C LEU F 236 36.87 -16.13 42.20
N HIS F 237 37.18 -17.36 41.81
CA HIS F 237 38.21 -18.13 42.49
C HIS F 237 39.59 -17.51 42.32
N LYS F 238 39.88 -17.02 41.11
CA LYS F 238 41.17 -16.40 40.86
C LYS F 238 41.26 -15.12 41.69
N LYS F 239 40.18 -14.36 41.71
CA LYS F 239 40.13 -13.12 42.45
C LYS F 239 40.15 -13.32 43.96
N LEU F 240 39.43 -14.31 44.45
CA LEU F 240 39.38 -14.57 45.88
C LEU F 240 40.45 -15.49 46.46
N GLY F 241 40.83 -16.52 45.72
CA GLY F 241 41.84 -17.45 46.22
C GLY F 241 41.20 -18.72 46.78
N THR F 242 41.96 -19.81 46.73
CA THR F 242 41.48 -21.10 47.20
C THR F 242 40.96 -21.15 48.62
N GLU F 243 41.64 -20.48 49.54
CA GLU F 243 41.22 -20.50 50.94
C GLU F 243 39.83 -19.91 51.09
N GLU F 244 39.59 -18.79 50.43
CA GLU F 244 38.30 -18.10 50.49
C GLU F 244 37.22 -18.73 49.59
N PHE F 245 37.64 -19.18 48.40
CA PHE F 245 36.72 -19.75 47.41
C PHE F 245 37.34 -21.01 46.83
N PRO F 246 37.21 -22.15 47.55
CA PRO F 246 37.78 -23.42 47.11
C PRO F 246 37.05 -24.09 45.94
N LEU F 247 37.14 -23.49 44.76
CA LEU F 247 36.51 -24.04 43.56
C LEU F 247 37.16 -25.34 43.15
N ILE F 248 36.36 -26.37 42.92
CA ILE F 248 36.91 -27.65 42.50
C ILE F 248 37.73 -27.49 41.22
N ASP F 249 38.69 -28.39 41.02
CA ASP F 249 39.52 -28.38 39.82
C ASP F 249 38.61 -28.95 38.76
N GLN F 250 38.52 -28.30 37.62
CA GLN F 250 37.66 -28.81 36.56
C GLN F 250 38.29 -28.47 35.23
N THR F 251 38.06 -29.33 34.25
CA THR F 251 38.57 -29.11 32.90
C THR F 251 37.38 -29.04 31.96
N PHE F 252 37.39 -28.05 31.09
CA PHE F 252 36.32 -27.86 30.11
C PHE F 252 36.73 -28.31 28.72
N TYR F 253 35.93 -29.19 28.10
CA TYR F 253 36.21 -29.69 26.75
C TYR F 253 35.13 -29.19 25.81
N PRO F 254 35.48 -28.37 24.82
CA PRO F 254 34.49 -27.85 23.86
C PRO F 254 33.79 -29.00 23.15
N ASN F 255 34.54 -30.09 22.96
CA ASN F 255 34.04 -31.30 22.33
C ASN F 255 34.94 -32.48 22.73
N HIS F 256 34.55 -33.68 22.33
CA HIS F 256 35.28 -34.90 22.69
C HIS F 256 36.73 -35.01 22.21
N LYS F 257 37.08 -34.30 21.14
CA LYS F 257 38.42 -34.39 20.58
C LYS F 257 39.58 -33.89 21.45
N GLU F 258 39.26 -33.26 22.56
CA GLU F 258 40.32 -32.74 23.43
C GLU F 258 40.39 -33.57 24.70
N MET F 259 39.44 -34.49 24.86
CA MET F 259 39.41 -35.36 26.02
C MET F 259 40.41 -36.50 25.82
N LEU F 260 41.65 -36.26 26.18
CA LEU F 260 42.68 -37.28 26.01
C LEU F 260 42.88 -38.13 27.25
N SER F 261 43.17 -37.49 28.37
CA SER F 261 43.38 -38.21 29.60
C SER F 261 43.20 -37.32 30.83
N SER F 262 43.48 -37.89 31.99
CA SER F 262 43.35 -37.14 33.22
C SER F 262 44.61 -37.35 34.07
N THR F 263 45.06 -36.28 34.73
CA THR F 263 46.23 -36.35 35.58
C THR F 263 46.02 -37.34 36.73
N THR F 264 44.80 -37.38 37.25
CA THR F 264 44.47 -38.28 38.35
C THR F 264 43.12 -38.96 38.13
N TYR F 265 42.93 -40.08 38.82
CA TYR F 265 41.70 -40.85 38.75
C TYR F 265 41.33 -41.28 40.16
N PRO F 266 40.02 -41.45 40.46
CA PRO F 266 38.88 -41.27 39.55
C PRO F 266 38.55 -39.80 39.28
N VAL F 267 37.73 -39.59 38.25
CA VAL F 267 37.28 -38.27 37.83
C VAL F 267 35.76 -38.39 37.62
N VAL F 268 35.08 -37.24 37.56
CA VAL F 268 33.66 -37.23 37.33
C VAL F 268 33.46 -36.48 36.02
N VAL F 269 32.84 -37.15 35.07
CA VAL F 269 32.60 -36.55 33.77
C VAL F 269 31.16 -36.07 33.73
N LYS F 270 30.99 -34.80 33.38
CA LYS F 270 29.67 -34.17 33.29
C LYS F 270 29.51 -33.71 31.83
N MET F 271 28.59 -34.35 31.13
CA MET F 271 28.34 -34.05 29.71
C MET F 271 27.27 -33.02 29.41
N GLY F 272 27.61 -32.05 28.58
CA GLY F 272 26.67 -31.01 28.19
C GLY F 272 25.98 -30.32 29.36
N HIS F 273 24.72 -29.96 29.14
CA HIS F 273 23.92 -29.26 30.15
C HIS F 273 22.68 -30.08 30.51
N ALA F 274 22.64 -30.62 31.71
CA ALA F 274 21.50 -31.42 32.15
C ALA F 274 21.39 -31.36 33.68
N HIS F 275 20.31 -31.91 34.23
CA HIS F 275 20.09 -31.85 35.67
C HIS F 275 19.75 -33.17 36.36
N SER F 276 19.61 -33.11 37.68
CA SER F 276 19.28 -34.25 38.52
C SER F 276 20.22 -35.44 38.41
N GLY F 277 21.47 -35.18 38.01
CA GLY F 277 22.45 -36.25 37.89
C GLY F 277 22.64 -36.75 36.47
N MET F 278 21.77 -36.31 35.56
CA MET F 278 21.84 -36.73 34.17
C MET F 278 23.15 -36.33 33.47
N GLY F 279 23.74 -37.27 32.73
CA GLY F 279 24.97 -37.01 32.01
C GLY F 279 26.22 -36.98 32.87
N LYS F 280 26.12 -37.49 34.08
CA LYS F 280 27.26 -37.49 35.00
C LYS F 280 27.66 -38.92 35.40
N VAL F 281 28.90 -39.25 35.07
CA VAL F 281 29.47 -40.58 35.32
C VAL F 281 30.85 -40.53 35.99
N LYS F 282 31.14 -41.55 36.79
CA LYS F 282 32.41 -41.66 37.50
C LYS F 282 33.34 -42.51 36.65
N VAL F 283 34.52 -41.99 36.34
CA VAL F 283 35.50 -42.70 35.52
C VAL F 283 36.69 -43.10 36.40
N ASP F 284 37.03 -44.38 36.39
CA ASP F 284 38.13 -44.89 37.22
C ASP F 284 39.50 -45.03 36.58
N ASN F 285 39.59 -44.93 35.26
CA ASN F 285 40.89 -45.06 34.62
C ASN F 285 40.92 -44.58 33.18
N GLN F 286 42.12 -44.54 32.60
CA GLN F 286 42.33 -44.08 31.24
C GLN F 286 41.45 -44.77 30.20
N HIS F 287 41.41 -46.11 30.23
CA HIS F 287 40.61 -46.85 29.27
C HIS F 287 39.13 -46.48 29.37
N ASP F 288 38.61 -46.48 30.59
CA ASP F 288 37.22 -46.10 30.80
C ASP F 288 37.01 -44.66 30.35
N PHE F 289 37.99 -43.80 30.64
CA PHE F 289 37.94 -42.40 30.26
C PHE F 289 37.86 -42.26 28.74
N GLN F 290 38.59 -43.11 28.04
CA GLN F 290 38.60 -43.09 26.58
C GLN F 290 37.26 -43.56 26.02
N ASP F 291 36.61 -44.49 26.72
CA ASP F 291 35.32 -44.98 26.29
C ASP F 291 34.28 -43.89 26.48
N ILE F 292 34.29 -43.28 27.67
CA ILE F 292 33.34 -42.22 27.98
C ILE F 292 33.53 -41.06 27.01
N ALA F 293 34.78 -40.84 26.60
CA ALA F 293 35.06 -39.77 25.66
C ALA F 293 34.40 -40.06 24.31
N SER F 294 34.31 -41.34 23.94
CA SER F 294 33.69 -41.68 22.65
C SER F 294 32.18 -41.51 22.75
N VAL F 295 31.64 -41.56 23.96
CA VAL F 295 30.22 -41.36 24.20
C VAL F 295 29.93 -39.86 24.04
N VAL F 296 30.80 -39.03 24.59
CA VAL F 296 30.65 -37.58 24.48
C VAL F 296 30.56 -37.21 23.00
N ALA F 297 31.31 -37.95 22.19
CA ALA F 297 31.33 -37.71 20.76
C ALA F 297 29.92 -37.88 20.21
N LEU F 298 29.17 -38.81 20.79
CA LEU F 298 27.80 -39.04 20.34
C LEU F 298 26.83 -37.98 20.85
N THR F 299 27.13 -37.35 21.98
CA THR F 299 26.25 -36.29 22.49
C THR F 299 26.50 -35.07 21.61
N LYS F 300 27.60 -35.11 20.85
CA LYS F 300 27.97 -34.01 19.96
C LYS F 300 28.00 -32.65 20.67
N THR F 301 28.38 -32.64 21.94
CA THR F 301 28.44 -31.39 22.66
C THR F 301 29.66 -31.33 23.58
N TYR F 302 29.75 -30.26 24.37
CA TYR F 302 30.87 -30.08 25.29
C TYR F 302 30.74 -30.96 26.53
N ALA F 303 31.81 -31.01 27.33
CA ALA F 303 31.82 -31.80 28.55
C ALA F 303 32.89 -31.31 29.51
N THR F 304 32.74 -31.68 30.76
CA THR F 304 33.74 -31.31 31.76
C THR F 304 34.16 -32.56 32.51
N ALA F 305 35.35 -32.47 33.12
CA ALA F 305 35.91 -33.55 33.92
C ALA F 305 36.45 -32.85 35.16
N GLU F 306 36.33 -33.49 36.31
CA GLU F 306 36.80 -32.92 37.56
C GLU F 306 37.17 -34.07 38.48
N PRO F 307 38.13 -33.85 39.39
CA PRO F 307 38.54 -34.91 40.31
C PRO F 307 37.36 -35.51 41.04
N PHE F 308 37.36 -36.83 41.22
CA PHE F 308 36.29 -37.45 41.97
C PHE F 308 36.63 -37.18 43.42
N ILE F 309 35.63 -36.82 44.20
CA ILE F 309 35.87 -36.54 45.61
C ILE F 309 35.14 -37.54 46.48
N ASP F 310 35.90 -38.32 47.24
CA ASP F 310 35.27 -39.27 48.14
C ASP F 310 34.88 -38.38 49.30
N ALA F 311 33.64 -37.92 49.27
CA ALA F 311 33.13 -37.01 50.28
C ALA F 311 32.47 -37.60 51.50
N LYS F 312 32.68 -36.91 52.61
CA LYS F 312 32.12 -37.29 53.90
C LYS F 312 30.66 -36.91 53.77
N TYR F 313 30.42 -35.81 53.06
CA TYR F 313 29.09 -35.26 52.83
C TYR F 313 29.23 -34.04 51.93
N ASP F 314 28.14 -33.64 51.28
CA ASP F 314 28.20 -32.44 50.45
C ASP F 314 27.34 -31.39 51.12
N VAL F 315 27.65 -30.12 50.86
CA VAL F 315 26.92 -29.02 51.48
C VAL F 315 26.34 -28.05 50.46
N ARG F 316 25.27 -27.38 50.84
CA ARG F 316 24.67 -26.39 49.96
C ARG F 316 24.29 -25.15 50.76
N VAL F 317 24.78 -24.01 50.29
CA VAL F 317 24.53 -22.73 50.93
C VAL F 317 23.58 -21.94 50.03
N GLN F 318 22.40 -21.64 50.54
CA GLN F 318 21.40 -20.92 49.76
C GLN F 318 21.19 -19.49 50.23
N LYS F 319 20.79 -18.64 49.29
CA LYS F 319 20.51 -17.26 49.59
C LYS F 319 19.22 -16.87 48.89
N ILE F 320 18.19 -16.59 49.68
CA ILE F 320 16.90 -16.17 49.16
C ILE F 320 16.73 -14.75 49.64
N GLY F 321 17.00 -13.79 48.76
CA GLY F 321 16.89 -12.40 49.15
C GLY F 321 18.01 -12.07 50.12
N GLN F 322 17.70 -12.04 51.40
CA GLN F 322 18.69 -11.74 52.42
C GLN F 322 18.70 -12.86 53.45
N ASN F 323 17.95 -13.92 53.16
CA ASN F 323 17.86 -15.07 54.05
C ASN F 323 18.85 -16.15 53.62
N TYR F 324 19.66 -16.60 54.57
CA TYR F 324 20.65 -17.64 54.29
C TYR F 324 20.29 -18.93 55.00
N LYS F 325 20.82 -20.04 54.49
CA LYS F 325 20.60 -21.35 55.08
C LYS F 325 21.67 -22.30 54.54
N ALA F 326 22.09 -23.24 55.39
CA ALA F 326 23.10 -24.21 55.01
C ALA F 326 22.59 -25.61 55.26
N TYR F 327 22.76 -26.49 54.28
CA TYR F 327 22.32 -27.85 54.43
C TYR F 327 23.42 -28.84 54.13
N MET F 328 23.50 -29.85 55.00
CA MET F 328 24.49 -30.91 54.90
C MET F 328 23.75 -32.18 54.49
N ARG F 329 24.18 -32.80 53.40
CA ARG F 329 23.56 -34.02 52.91
C ARG F 329 24.61 -35.13 52.99
N THR F 330 24.17 -36.33 53.37
CA THR F 330 25.10 -37.45 53.51
C THR F 330 24.49 -38.80 53.11
N TRP F 336 27.17 -42.87 45.22
CA TRP F 336 28.00 -41.67 45.41
C TRP F 336 27.39 -40.34 44.90
N LYS F 337 26.30 -40.41 44.12
CA LYS F 337 25.67 -39.18 43.71
C LYS F 337 24.35 -39.16 44.52
N THR F 338 24.57 -38.94 45.81
CA THR F 338 23.53 -38.80 46.85
C THR F 338 22.01 -38.38 46.37
N LEU F 345 19.61 -35.53 55.08
CA LEU F 345 19.74 -34.04 55.13
C LEU F 345 19.87 -33.53 56.57
N GLU F 346 20.59 -32.42 56.72
CA GLU F 346 20.79 -31.83 58.02
C GLU F 346 21.15 -30.37 57.92
N GLN F 347 20.27 -29.50 58.42
CA GLN F 347 20.54 -28.07 58.38
C GLN F 347 21.68 -27.82 59.33
N ILE F 348 22.59 -26.94 58.94
CA ILE F 348 23.74 -26.62 59.78
C ILE F 348 23.95 -25.12 59.87
N ALA F 349 24.76 -24.69 60.82
CA ALA F 349 25.04 -23.28 61.03
C ALA F 349 25.69 -22.60 59.84
N MET F 350 25.42 -21.31 59.72
CA MET F 350 25.99 -20.50 58.65
C MET F 350 27.30 -19.94 59.19
N SER F 351 28.28 -19.81 58.31
CA SER F 351 29.58 -19.28 58.71
C SER F 351 29.95 -18.13 57.79
N ASP F 352 30.76 -17.21 58.30
CA ASP F 352 31.18 -16.06 57.50
C ASP F 352 31.78 -16.56 56.19
N ARG F 353 32.30 -17.77 56.22
CA ARG F 353 32.91 -18.41 55.07
C ARG F 353 31.82 -18.76 54.06
N TYR F 354 30.83 -19.54 54.51
CA TYR F 354 29.72 -19.93 53.64
C TYR F 354 29.09 -18.69 53.05
N LYS F 355 28.75 -17.73 53.91
CA LYS F 355 28.14 -16.49 53.50
C LYS F 355 28.92 -15.81 52.39
N LEU F 356 30.24 -15.95 52.43
CA LEU F 356 31.09 -15.34 51.42
C LEU F 356 30.86 -16.00 50.05
N TRP F 357 30.74 -17.31 50.03
CA TRP F 357 30.52 -18.03 48.78
C TRP F 357 29.25 -17.57 48.07
N VAL F 358 28.12 -17.77 48.74
CA VAL F 358 26.82 -17.41 48.18
C VAL F 358 26.69 -15.93 47.84
N ASP F 359 27.28 -15.06 48.67
CA ASP F 359 27.21 -13.62 48.41
C ASP F 359 27.99 -13.26 47.16
N THR F 360 29.15 -13.87 46.97
CA THR F 360 29.96 -13.56 45.80
C THR F 360 29.32 -14.09 44.51
N CYS F 361 28.77 -15.30 44.57
CA CYS F 361 28.13 -15.88 43.39
C CYS F 361 26.83 -15.16 43.04
N SER F 362 26.09 -14.75 44.07
CA SER F 362 24.82 -14.05 43.90
C SER F 362 24.91 -12.79 43.05
N GLU F 363 26.12 -12.29 42.83
CA GLU F 363 26.29 -11.08 42.04
C GLU F 363 26.53 -11.30 40.56
N ILE F 364 26.78 -12.54 40.14
CA ILE F 364 27.03 -12.76 38.71
C ILE F 364 25.82 -12.46 37.84
N PHE F 365 26.09 -12.12 36.58
CA PHE F 365 25.06 -11.80 35.60
C PHE F 365 24.07 -10.75 36.08
N GLY F 366 24.59 -9.72 36.76
CA GLY F 366 23.76 -8.63 37.24
C GLY F 366 23.00 -8.86 38.53
N GLY F 367 23.12 -10.04 39.12
CA GLY F 367 22.44 -10.32 40.37
C GLY F 367 21.47 -11.48 40.37
N LEU F 368 21.60 -12.36 41.35
CA LEU F 368 20.73 -13.53 41.47
C LEU F 368 19.90 -13.40 42.75
N ASP F 369 18.59 -13.20 42.59
CA ASP F 369 17.70 -13.06 43.73
C ASP F 369 17.63 -14.38 44.51
N ILE F 370 17.66 -15.49 43.77
CA ILE F 370 17.63 -16.81 44.39
C ILE F 370 18.82 -17.61 43.87
N CYS F 371 19.63 -18.13 44.78
CA CYS F 371 20.77 -18.93 44.34
C CYS F 371 21.40 -19.66 45.51
N ALA F 372 22.12 -20.72 45.18
CA ALA F 372 22.78 -21.53 46.18
C ALA F 372 24.10 -22.06 45.61
N VAL F 373 25.04 -22.34 46.50
CA VAL F 373 26.33 -22.86 46.07
C VAL F 373 26.51 -24.25 46.68
N GLU F 374 26.83 -25.21 45.82
CA GLU F 374 27.04 -26.59 46.25
C GLU F 374 28.52 -26.83 46.43
N ALA F 375 28.87 -27.53 47.50
CA ALA F 375 30.25 -27.85 47.78
C ALA F 375 30.34 -29.28 48.28
N LEU F 376 31.47 -29.91 48.01
CA LEU F 376 31.68 -31.27 48.47
C LEU F 376 32.74 -31.22 49.57
N HIS F 377 32.48 -31.93 50.66
CA HIS F 377 33.43 -31.98 51.76
C HIS F 377 34.08 -33.36 51.78
N GLY F 378 35.30 -33.44 51.28
CA GLY F 378 35.99 -34.71 51.24
C GLY F 378 36.26 -35.36 52.59
N LYS F 379 36.68 -36.63 52.54
CA LYS F 379 37.00 -37.36 53.75
C LYS F 379 38.38 -36.93 54.22
N ASP F 380 39.06 -36.14 53.40
CA ASP F 380 40.38 -35.64 53.74
C ASP F 380 40.30 -34.20 54.25
N GLY F 381 39.11 -33.83 54.74
CA GLY F 381 38.88 -32.50 55.29
C GLY F 381 38.85 -31.32 54.35
N ARG F 382 39.03 -31.54 53.06
CA ARG F 382 39.01 -30.45 52.09
C ARG F 382 37.61 -30.23 51.51
N ASP F 383 37.29 -28.98 51.20
CA ASP F 383 35.99 -28.64 50.63
C ASP F 383 36.23 -28.35 49.16
N HIS F 384 35.20 -28.53 48.34
CA HIS F 384 35.31 -28.24 46.91
C HIS F 384 33.96 -27.75 46.40
N ILE F 385 33.92 -26.49 45.96
CA ILE F 385 32.70 -25.93 45.42
C ILE F 385 32.56 -26.50 44.00
N ILE F 386 31.43 -27.13 43.72
CA ILE F 386 31.24 -27.71 42.41
C ILE F 386 30.20 -27.01 41.52
N GLU F 387 29.33 -26.18 42.10
CA GLU F 387 28.32 -25.51 41.28
C GLU F 387 27.50 -24.46 42.01
N VAL F 388 27.03 -23.48 41.24
CA VAL F 388 26.17 -22.42 41.74
C VAL F 388 24.86 -22.57 40.97
N VAL F 389 23.73 -22.63 41.68
CA VAL F 389 22.43 -22.79 41.04
C VAL F 389 21.57 -21.54 41.13
N GLY F 390 20.62 -21.42 40.21
CA GLY F 390 19.74 -20.26 40.17
C GLY F 390 18.40 -20.39 40.86
N SER F 391 17.41 -19.66 40.35
CA SER F 391 16.06 -19.67 40.94
C SER F 391 15.32 -20.98 40.76
N SER F 392 15.95 -21.95 40.13
CA SER F 392 15.32 -23.25 39.93
C SER F 392 15.80 -24.22 41.01
N MET F 393 16.72 -23.75 41.84
CA MET F 393 17.27 -24.58 42.91
C MET F 393 16.15 -25.24 43.72
N PRO F 394 16.17 -26.57 43.81
CA PRO F 394 15.13 -27.23 44.60
C PRO F 394 15.16 -26.73 46.03
N LEU F 395 13.99 -26.70 46.66
CA LEU F 395 13.91 -26.27 48.05
C LEU F 395 14.03 -27.57 48.83
N ILE F 396 14.99 -27.63 49.74
CA ILE F 396 15.22 -28.84 50.52
C ILE F 396 15.07 -28.68 52.01
N GLY F 397 15.25 -29.78 52.73
CA GLY F 397 15.16 -29.76 54.18
C GLY F 397 13.82 -29.46 54.83
N ASP F 398 13.90 -29.29 56.14
CA ASP F 398 12.75 -29.02 56.99
C ASP F 398 12.13 -27.62 56.94
N HIS F 399 12.64 -26.75 56.08
CA HIS F 399 12.08 -25.40 56.01
C HIS F 399 11.66 -24.99 54.60
N GLN F 400 11.18 -25.97 53.83
CA GLN F 400 10.76 -25.70 52.47
C GLN F 400 9.72 -24.58 52.46
N ASP F 401 8.65 -24.76 53.24
CA ASP F 401 7.58 -23.78 53.30
C ASP F 401 8.03 -22.38 53.74
N GLU F 402 9.01 -22.31 54.62
CA GLU F 402 9.50 -21.00 55.06
C GLU F 402 10.18 -20.35 53.86
N ASP F 403 10.89 -21.17 53.08
CA ASP F 403 11.57 -20.70 51.88
C ASP F 403 10.58 -20.20 50.85
N LYS F 404 9.50 -20.95 50.64
CA LYS F 404 8.47 -20.55 49.69
C LYS F 404 7.94 -19.18 50.07
N GLN F 405 7.60 -19.03 51.35
CA GLN F 405 7.07 -17.76 51.85
C GLN F 405 8.11 -16.66 51.65
N LEU F 406 9.38 -16.99 51.87
CA LEU F 406 10.45 -16.02 51.69
C LEU F 406 10.46 -15.56 50.24
N ILE F 407 10.34 -16.52 49.31
CA ILE F 407 10.31 -16.21 47.90
C ILE F 407 9.09 -15.33 47.61
N VAL F 408 7.96 -15.64 48.24
CA VAL F 408 6.76 -14.84 48.06
C VAL F 408 7.10 -13.40 48.42
N GLU F 409 7.57 -13.22 49.65
CA GLU F 409 7.96 -11.90 50.13
C GLU F 409 8.83 -11.24 49.09
N LEU F 410 9.84 -11.97 48.62
CA LEU F 410 10.78 -11.47 47.62
C LEU F 410 10.10 -11.03 46.32
N VAL F 411 9.30 -11.91 45.73
CA VAL F 411 8.61 -11.56 44.48
C VAL F 411 7.70 -10.35 44.68
N VAL F 412 6.91 -10.39 45.75
CA VAL F 412 6.00 -9.29 46.06
C VAL F 412 6.73 -7.96 46.00
N ASN F 413 7.90 -7.90 46.63
CA ASN F 413 8.69 -6.68 46.65
C ASN F 413 9.20 -6.30 45.26
N LYS F 414 9.66 -7.29 44.50
CA LYS F 414 10.15 -7.03 43.15
C LYS F 414 9.02 -6.46 42.30
N MET F 415 7.83 -7.05 42.43
CA MET F 415 6.68 -6.58 41.68
C MET F 415 6.31 -5.17 42.10
N THR F 416 6.23 -4.93 43.41
CA THR F 416 5.90 -3.61 43.94
C THR F 416 6.72 -2.55 43.21
N GLN F 417 7.99 -2.85 42.95
CA GLN F 417 8.85 -1.93 42.23
C GLN F 417 8.62 -2.15 40.74
N ALA F 418 7.51 -1.60 40.24
CA ALA F 418 7.10 -1.71 38.85
C ALA F 418 5.65 -1.22 38.73
N ALA G 113 33.68 -46.91 -25.06
CA ALA G 113 33.49 -45.93 -23.95
C ALA G 113 33.76 -46.59 -22.61
N ALA G 114 34.72 -46.03 -21.87
CA ALA G 114 35.10 -46.55 -20.56
C ALA G 114 33.96 -46.51 -19.53
N ARG G 115 33.92 -47.53 -18.68
CA ARG G 115 32.91 -47.59 -17.62
C ARG G 115 33.48 -46.96 -16.37
N VAL G 116 32.83 -45.91 -15.89
CA VAL G 116 33.28 -45.20 -14.71
C VAL G 116 32.82 -45.86 -13.42
N LEU G 117 33.78 -46.23 -12.58
CA LEU G 117 33.49 -46.85 -11.30
C LEU G 117 33.95 -45.94 -10.19
N LEU G 118 33.03 -45.56 -9.30
CA LEU G 118 33.37 -44.72 -8.17
C LEU G 118 33.57 -45.58 -6.94
N VAL G 119 34.73 -45.45 -6.32
CA VAL G 119 35.02 -46.19 -5.11
C VAL G 119 35.07 -45.16 -4.00
N ILE G 120 34.16 -45.30 -3.05
CA ILE G 120 34.09 -44.40 -1.92
C ILE G 120 34.84 -45.09 -0.80
N ASP G 121 36.04 -44.62 -0.55
CA ASP G 121 36.92 -45.20 0.46
C ASP G 121 38.03 -44.21 0.71
N GLU G 122 38.71 -44.33 1.84
CA GLU G 122 39.81 -43.44 2.16
C GLU G 122 40.94 -43.63 1.15
N PRO G 123 41.98 -42.77 1.19
CA PRO G 123 43.11 -42.84 0.27
C PRO G 123 44.17 -43.91 0.58
N HIS G 124 44.08 -44.51 1.76
CA HIS G 124 45.05 -45.53 2.17
C HIS G 124 45.22 -46.63 1.13
N THR G 125 44.11 -47.08 0.56
CA THR G 125 44.14 -48.13 -0.46
C THR G 125 43.98 -47.52 -1.85
N ASP G 126 44.87 -47.87 -2.76
CA ASP G 126 44.81 -47.36 -4.13
C ASP G 126 44.03 -48.32 -5.00
N TRP G 127 42.74 -48.05 -5.18
CA TRP G 127 41.89 -48.93 -5.97
C TRP G 127 42.14 -48.85 -7.47
N ALA G 128 42.51 -47.68 -7.96
CA ALA G 128 42.79 -47.52 -9.39
C ALA G 128 43.85 -48.55 -9.77
N LYS G 129 44.85 -48.71 -8.90
CA LYS G 129 45.92 -49.67 -9.11
C LYS G 129 45.32 -51.05 -9.34
N TYR G 130 44.76 -51.62 -8.28
CA TYR G 130 44.14 -52.94 -8.29
C TYR G 130 43.21 -53.23 -9.48
N PHE G 131 42.53 -52.21 -9.99
CA PHE G 131 41.62 -52.39 -11.13
C PHE G 131 42.31 -52.16 -12.47
N LYS G 132 43.57 -51.74 -12.42
CA LYS G 132 44.36 -51.48 -13.61
C LYS G 132 44.48 -52.72 -14.49
N GLY G 133 43.97 -52.64 -15.72
CA GLY G 133 44.04 -53.77 -16.61
C GLY G 133 42.74 -54.54 -16.70
N LYS G 134 41.95 -54.48 -15.63
CA LYS G 134 40.67 -55.18 -15.60
C LYS G 134 39.76 -54.55 -16.65
N LYS G 135 39.09 -55.38 -17.43
CA LYS G 135 38.21 -54.88 -18.48
C LYS G 135 36.94 -55.71 -18.62
N ILE G 136 35.81 -55.02 -18.78
CA ILE G 136 34.51 -55.64 -18.91
C ILE G 136 34.27 -56.25 -20.29
N HIS G 137 34.14 -57.58 -20.33
CA HIS G 137 33.90 -58.33 -21.57
C HIS G 137 35.15 -58.55 -22.40
N GLY G 138 36.28 -58.00 -21.98
CA GLY G 138 37.51 -58.19 -22.73
C GLY G 138 38.09 -56.95 -23.38
N GLU G 139 37.27 -55.95 -23.67
CA GLU G 139 37.77 -54.74 -24.31
C GLU G 139 37.26 -53.44 -23.69
N ILE G 140 36.18 -53.50 -22.93
CA ILE G 140 35.64 -52.30 -22.30
C ILE G 140 36.44 -51.98 -21.03
N ASP G 141 37.07 -50.81 -21.01
CA ASP G 141 37.89 -50.40 -19.88
C ASP G 141 37.11 -49.91 -18.67
N ILE G 142 37.82 -49.81 -17.56
CA ILE G 142 37.24 -49.35 -16.31
C ILE G 142 38.06 -48.18 -15.79
N LYS G 143 37.44 -47.00 -15.69
CA LYS G 143 38.13 -45.83 -15.17
C LYS G 143 37.72 -45.74 -13.71
N VAL G 144 38.72 -45.61 -12.82
CA VAL G 144 38.44 -45.55 -11.39
C VAL G 144 38.60 -44.18 -10.73
N GLU G 145 37.48 -43.68 -10.21
CA GLU G 145 37.46 -42.42 -9.48
C GLU G 145 37.32 -42.84 -8.03
N GLN G 146 38.14 -42.27 -7.15
CA GLN G 146 38.09 -42.63 -5.74
C GLN G 146 37.94 -41.37 -4.89
N ALA G 147 37.27 -41.49 -3.76
CA ALA G 147 37.06 -40.36 -2.84
C ALA G 147 36.29 -40.81 -1.62
N GLU G 148 36.32 -39.98 -0.57
CA GLU G 148 35.60 -40.29 0.65
C GLU G 148 34.26 -39.59 0.62
N PHE G 149 33.33 -40.07 1.44
CA PHE G 149 32.00 -39.49 1.51
C PHE G 149 32.01 -37.99 1.79
N SER G 150 32.93 -37.54 2.62
CA SER G 150 33.00 -36.13 2.98
C SER G 150 33.43 -35.19 1.86
N ASP G 151 33.99 -35.74 0.79
CA ASP G 151 34.42 -34.91 -0.34
C ASP G 151 33.44 -35.03 -1.51
N LEU G 152 32.28 -35.61 -1.24
CA LEU G 152 31.28 -35.81 -2.28
C LEU G 152 29.94 -35.15 -2.06
N ASN G 153 29.27 -34.91 -3.18
CA ASN G 153 27.93 -34.35 -3.21
C ASN G 153 27.41 -34.72 -4.59
N LEU G 154 26.11 -34.66 -4.78
CA LEU G 154 25.54 -35.01 -6.07
C LEU G 154 24.21 -34.33 -6.31
N VAL G 155 23.66 -34.56 -7.48
CA VAL G 155 22.37 -34.04 -7.85
C VAL G 155 21.78 -35.11 -8.75
N ALA G 156 20.54 -35.48 -8.49
CA ALA G 156 19.88 -36.52 -9.28
C ALA G 156 18.54 -36.05 -9.80
N HIS G 157 18.19 -36.50 -11.00
CA HIS G 157 16.94 -36.13 -11.64
C HIS G 157 16.13 -37.38 -11.95
N ALA G 158 14.81 -37.29 -11.86
CA ALA G 158 13.95 -38.42 -12.15
C ALA G 158 14.21 -38.89 -13.59
N ASN G 159 14.44 -37.94 -14.49
CA ASN G 159 14.68 -38.26 -15.90
C ASN G 159 15.93 -39.10 -16.17
N GLY G 160 16.68 -39.42 -15.12
CA GLY G 160 17.89 -40.22 -15.30
C GLY G 160 19.14 -39.36 -15.25
N GLY G 161 18.99 -38.07 -15.49
CA GLY G 161 20.13 -37.18 -15.44
C GLY G 161 20.64 -37.03 -14.00
N PHE G 162 21.96 -36.95 -13.85
CA PHE G 162 22.56 -36.78 -12.54
C PHE G 162 24.03 -36.43 -12.69
N SER G 163 24.64 -36.03 -11.58
CA SER G 163 26.05 -35.67 -11.57
C SER G 163 26.59 -35.77 -10.15
N VAL G 164 27.78 -36.35 -10.02
CA VAL G 164 28.42 -36.46 -8.72
C VAL G 164 29.64 -35.55 -8.73
N ASP G 165 29.67 -34.58 -7.81
CA ASP G 165 30.77 -33.64 -7.74
C ASP G 165 31.75 -34.09 -6.67
N MET G 166 33.04 -34.03 -7.00
CA MET G 166 34.09 -34.49 -6.09
C MET G 166 35.14 -33.47 -5.65
N GLU G 167 35.40 -33.47 -4.34
CA GLU G 167 36.40 -32.62 -3.68
C GLU G 167 36.10 -31.13 -3.69
N VAL G 176 36.78 -28.88 -7.37
CA VAL G 176 35.49 -29.56 -7.54
C VAL G 176 35.30 -30.09 -8.96
N ARG G 177 35.54 -31.38 -9.16
CA ARG G 177 35.34 -31.98 -10.47
C ARG G 177 34.13 -32.88 -10.39
N SER G 178 33.36 -32.94 -11.47
CA SER G 178 32.15 -33.75 -11.50
C SER G 178 32.26 -34.98 -12.40
N LEU G 179 31.56 -36.05 -12.03
CA LEU G 179 31.57 -37.28 -12.81
C LEU G 179 30.21 -37.98 -12.83
N LYS G 180 30.10 -39.02 -13.65
CA LYS G 180 28.88 -39.81 -13.75
C LYS G 180 29.24 -41.28 -13.64
N PRO G 181 29.35 -41.80 -12.41
CA PRO G 181 29.69 -43.20 -12.19
C PRO G 181 28.64 -44.15 -12.78
N ASP G 182 29.10 -45.25 -13.35
CA ASP G 182 28.19 -46.25 -13.91
C ASP G 182 28.02 -47.30 -12.84
N PHE G 183 28.86 -47.24 -11.81
CA PHE G 183 28.83 -48.22 -10.74
C PHE G 183 29.55 -47.68 -9.50
N VAL G 184 29.15 -48.15 -8.32
CA VAL G 184 29.79 -47.70 -7.09
C VAL G 184 30.21 -48.87 -6.19
N LEU G 185 31.33 -48.69 -5.50
CA LEU G 185 31.86 -49.66 -4.56
C LEU G 185 31.97 -48.87 -3.26
N ILE G 186 31.17 -49.25 -2.26
CA ILE G 186 31.18 -48.51 -1.00
C ILE G 186 31.94 -49.23 0.10
N ARG G 187 33.11 -48.69 0.43
CA ARG G 187 33.98 -49.24 1.47
C ARG G 187 33.93 -48.44 2.77
N GLN G 188 33.25 -47.31 2.72
CA GLN G 188 33.15 -46.41 3.88
C GLN G 188 31.78 -46.48 4.56
N HIS G 189 31.76 -46.27 5.88
CA HIS G 189 30.50 -46.28 6.63
C HIS G 189 29.63 -45.12 6.14
N ALA G 190 28.38 -45.40 5.82
CA ALA G 190 27.48 -44.37 5.32
C ALA G 190 26.88 -43.51 6.43
N PHE G 191 26.86 -44.05 7.64
CA PHE G 191 26.29 -43.33 8.77
C PHE G 191 26.99 -43.55 10.11
N SER G 192 26.96 -42.50 10.92
CA SER G 192 27.54 -42.49 12.26
C SER G 192 26.83 -41.34 13.00
N MET G 193 26.57 -41.51 14.28
CA MET G 193 25.91 -40.44 15.01
C MET G 193 26.87 -39.41 15.55
N ALA G 194 28.10 -39.43 15.06
CA ALA G 194 29.12 -38.45 15.45
C ALA G 194 29.00 -37.30 14.46
N ARG G 195 29.44 -36.11 14.86
CA ARG G 195 29.37 -34.94 13.98
C ARG G 195 29.93 -35.23 12.60
N ASN G 196 29.19 -34.82 11.56
CA ASN G 196 29.61 -35.00 10.18
C ASN G 196 29.76 -36.44 9.66
N GLY G 197 29.05 -37.39 10.25
CA GLY G 197 29.17 -38.77 9.79
C GLY G 197 27.92 -39.25 9.08
N ASP G 198 27.00 -38.33 8.81
CA ASP G 198 25.74 -38.66 8.17
C ASP G 198 25.79 -38.46 6.66
N TYR G 199 26.01 -39.55 5.93
CA TYR G 199 26.09 -39.50 4.47
C TYR G 199 24.91 -40.26 3.85
N ARG G 200 23.88 -40.48 4.64
CA ARG G 200 22.70 -41.19 4.17
C ARG G 200 22.03 -40.53 2.97
N SER G 201 22.05 -39.20 2.94
CA SER G 201 21.43 -38.48 1.82
C SER G 201 22.17 -38.75 0.52
N LEU G 202 23.46 -39.07 0.61
CA LEU G 202 24.21 -39.38 -0.59
C LEU G 202 23.85 -40.78 -1.07
N VAL G 203 23.53 -41.67 -0.13
CA VAL G 203 23.14 -43.03 -0.49
C VAL G 203 21.78 -42.99 -1.18
N ILE G 204 20.88 -42.17 -0.65
CA ILE G 204 19.56 -42.02 -1.22
C ILE G 204 19.75 -41.46 -2.63
N GLY G 205 20.58 -40.42 -2.74
CA GLY G 205 20.85 -39.80 -4.03
C GLY G 205 21.44 -40.75 -5.06
N LEU G 206 22.34 -41.63 -4.65
CA LEU G 206 22.93 -42.58 -5.59
C LEU G 206 21.84 -43.54 -6.09
N GLN G 207 20.89 -43.87 -5.21
CA GLN G 207 19.78 -44.76 -5.57
C GLN G 207 18.81 -44.01 -6.48
N TYR G 208 18.57 -42.75 -6.14
CA TYR G 208 17.67 -41.89 -6.90
C TYR G 208 18.15 -41.80 -8.35
N ALA G 209 19.46 -41.88 -8.53
CA ALA G 209 20.07 -41.84 -9.87
C ALA G 209 20.15 -43.23 -10.50
N GLY G 210 19.77 -44.25 -9.73
CA GLY G 210 19.81 -45.61 -10.24
C GLY G 210 21.18 -46.20 -10.49
N ILE G 211 22.19 -45.74 -9.76
CA ILE G 211 23.55 -46.26 -9.93
C ILE G 211 23.68 -47.58 -9.20
N PRO G 212 24.12 -48.64 -9.90
CA PRO G 212 24.30 -49.97 -9.30
C PRO G 212 25.46 -49.90 -8.30
N SER G 213 25.41 -50.73 -7.26
CA SER G 213 26.46 -50.70 -6.24
C SER G 213 26.80 -52.02 -5.54
N VAL G 214 27.92 -52.02 -4.83
CA VAL G 214 28.41 -53.16 -4.04
C VAL G 214 28.92 -52.61 -2.72
N ASN G 215 28.27 -52.96 -1.60
CA ASN G 215 27.08 -53.81 -1.61
C ASN G 215 25.94 -52.98 -2.20
N SER G 216 24.76 -53.60 -2.34
CA SER G 216 23.61 -52.90 -2.89
C SER G 216 23.30 -51.67 -2.03
N LEU G 217 22.89 -50.59 -2.69
CA LEU G 217 22.54 -49.37 -1.99
C LEU G 217 21.41 -49.70 -1.01
N HIS G 218 20.49 -50.55 -1.44
CA HIS G 218 19.39 -50.94 -0.57
C HIS G 218 19.95 -51.50 0.74
N SER G 219 20.95 -52.38 0.63
CA SER G 219 21.55 -52.96 1.83
C SER G 219 22.34 -51.89 2.61
N VAL G 220 23.04 -51.02 1.90
CA VAL G 220 23.81 -49.99 2.57
C VAL G 220 22.88 -49.09 3.39
N TYR G 221 21.73 -48.74 2.80
CA TYR G 221 20.78 -47.88 3.49
C TYR G 221 20.21 -48.56 4.73
N ASN G 222 19.79 -49.82 4.59
CA ASN G 222 19.22 -50.53 5.74
C ASN G 222 20.26 -50.91 6.78
N PHE G 223 21.53 -50.71 6.44
CA PHE G 223 22.62 -51.02 7.37
C PHE G 223 22.92 -49.80 8.24
N CYS G 224 22.20 -48.71 8.04
CA CYS G 224 22.44 -47.48 8.80
C CYS G 224 21.89 -47.39 10.21
N ASP G 225 21.42 -48.50 10.77
CA ASP G 225 20.93 -48.59 12.15
C ASP G 225 21.31 -49.98 12.62
N LYS G 226 22.38 -50.09 13.39
CA LYS G 226 22.82 -51.39 13.86
C LYS G 226 21.74 -52.30 14.44
N PRO G 227 20.85 -51.78 15.29
CA PRO G 227 19.81 -52.65 15.85
C PRO G 227 18.82 -53.13 14.78
N TRP G 228 18.74 -52.39 13.66
CA TRP G 228 17.85 -52.75 12.56
C TRP G 228 18.47 -53.99 11.91
N VAL G 229 19.79 -53.98 11.81
CA VAL G 229 20.53 -55.10 11.24
C VAL G 229 20.47 -56.27 12.24
N PHE G 230 20.69 -55.97 13.51
CA PHE G 230 20.66 -57.01 14.53
C PHE G 230 19.31 -57.70 14.53
N ALA G 231 18.25 -56.93 14.30
CA ALA G 231 16.90 -57.49 14.27
C ALA G 231 16.75 -58.54 13.16
N GLN G 232 17.56 -58.43 12.10
CA GLN G 232 17.48 -59.41 11.03
C GLN G 232 18.11 -60.71 11.56
N MET G 233 19.20 -60.55 12.34
CA MET G 233 19.87 -61.70 12.95
C MET G 233 18.99 -62.34 14.01
N VAL G 234 18.19 -61.53 14.71
CA VAL G 234 17.29 -62.07 15.73
C VAL G 234 16.33 -63.00 15.03
N ARG G 235 15.85 -62.58 13.86
CA ARG G 235 14.93 -63.40 13.07
C ARG G 235 15.65 -64.69 12.68
N LEU G 236 16.89 -64.57 12.24
CA LEU G 236 17.66 -65.73 11.84
C LEU G 236 17.85 -66.67 13.03
N HIS G 237 18.15 -66.10 14.19
CA HIS G 237 18.34 -66.88 15.39
C HIS G 237 17.07 -67.64 15.77
N LYS G 238 15.93 -66.98 15.65
CA LYS G 238 14.66 -67.61 16.00
C LYS G 238 14.43 -68.85 15.14
N LYS G 239 14.78 -68.75 13.87
CA LYS G 239 14.60 -69.85 12.93
C LYS G 239 15.61 -70.99 13.12
N LEU G 240 16.89 -70.64 13.21
CA LEU G 240 17.95 -71.65 13.35
C LEU G 240 18.21 -72.20 14.76
N GLY G 241 18.02 -71.38 15.80
CA GLY G 241 18.28 -71.84 17.15
C GLY G 241 19.72 -71.61 17.60
N THR G 242 19.90 -71.49 18.91
CA THR G 242 21.20 -71.23 19.52
C THR G 242 22.28 -72.23 19.14
N GLU G 243 21.93 -73.51 19.07
CA GLU G 243 22.91 -74.55 18.74
C GLU G 243 23.48 -74.38 17.33
N GLU G 244 22.77 -73.62 16.50
CA GLU G 244 23.19 -73.38 15.12
C GLU G 244 23.66 -71.96 14.89
N PHE G 245 22.97 -71.00 15.54
CA PHE G 245 23.27 -69.58 15.39
C PHE G 245 23.23 -68.96 16.80
N PRO G 246 24.35 -69.03 17.55
CA PRO G 246 24.41 -68.47 18.90
C PRO G 246 24.45 -66.96 19.03
N LEU G 247 23.34 -66.30 18.71
CA LEU G 247 23.25 -64.85 18.80
C LEU G 247 23.31 -64.43 20.28
N ILE G 248 24.15 -63.46 20.58
CA ILE G 248 24.27 -62.97 21.94
C ILE G 248 22.88 -62.48 22.36
N ASP G 249 22.54 -62.64 23.63
CA ASP G 249 21.23 -62.18 24.07
C ASP G 249 21.28 -60.68 24.34
N GLN G 250 20.84 -59.92 23.36
CA GLN G 250 20.84 -58.47 23.43
C GLN G 250 19.47 -57.91 23.76
N THR G 251 19.45 -56.72 24.34
CA THR G 251 18.20 -56.04 24.69
C THR G 251 18.18 -54.68 24.02
N PHE G 252 17.05 -54.32 23.42
CA PHE G 252 16.92 -53.05 22.70
C PHE G 252 16.03 -52.03 23.43
N TYR G 253 16.56 -50.81 23.61
CA TYR G 253 15.83 -49.74 24.27
C TYR G 253 15.62 -48.62 23.26
N PRO G 254 14.36 -48.33 22.89
CA PRO G 254 14.07 -47.26 21.93
C PRO G 254 14.69 -45.94 22.39
N ASN G 255 14.65 -45.72 23.70
CA ASN G 255 15.21 -44.52 24.32
C ASN G 255 15.60 -44.88 25.76
N HIS G 256 16.26 -43.95 26.44
CA HIS G 256 16.74 -44.19 27.81
C HIS G 256 15.68 -44.52 28.84
N LYS G 257 14.44 -44.11 28.60
CA LYS G 257 13.36 -44.35 29.54
C LYS G 257 13.09 -45.81 29.86
N GLU G 258 13.48 -46.71 28.97
CA GLU G 258 13.25 -48.14 29.18
C GLU G 258 14.44 -48.84 29.86
N MET G 259 15.53 -48.11 30.03
CA MET G 259 16.74 -48.65 30.65
C MET G 259 16.65 -48.64 32.16
N LEU G 260 16.05 -49.67 32.74
CA LEU G 260 15.91 -49.74 34.18
C LEU G 260 17.00 -50.55 34.85
N SER G 261 17.24 -51.76 34.36
CA SER G 261 18.28 -52.59 34.95
C SER G 261 18.65 -53.76 34.07
N SER G 262 19.51 -54.63 34.60
CA SER G 262 19.95 -55.81 33.88
C SER G 262 19.75 -57.02 34.79
N THR G 263 19.70 -58.21 34.21
CA THR G 263 19.52 -59.43 34.99
C THR G 263 20.86 -59.85 35.56
N THR G 264 21.92 -59.57 34.82
CA THR G 264 23.26 -59.92 35.24
C THR G 264 24.24 -58.81 34.89
N TYR G 265 25.40 -58.86 35.52
CA TYR G 265 26.47 -57.88 35.29
C TYR G 265 27.78 -58.64 35.24
N PRO G 266 28.77 -58.11 34.49
CA PRO G 266 28.70 -56.88 33.72
C PRO G 266 27.91 -57.01 32.41
N VAL G 267 27.64 -55.86 31.80
CA VAL G 267 26.94 -55.79 30.53
C VAL G 267 27.67 -54.74 29.70
N VAL G 268 27.48 -54.80 28.39
CA VAL G 268 28.10 -53.81 27.51
C VAL G 268 26.95 -53.01 26.92
N VAL G 269 27.04 -51.69 27.04
CA VAL G 269 26.00 -50.84 26.50
C VAL G 269 26.55 -50.20 25.23
N LYS G 270 25.81 -50.31 24.14
CA LYS G 270 26.23 -49.75 22.86
C LYS G 270 25.20 -48.70 22.46
N MET G 271 25.62 -47.45 22.49
CA MET G 271 24.75 -46.34 22.20
C MET G 271 24.63 -45.96 20.74
N GLY G 272 23.39 -45.76 20.31
CA GLY G 272 23.13 -45.35 18.94
C GLY G 272 23.82 -46.16 17.88
N HIS G 273 24.25 -45.47 16.82
CA HIS G 273 24.91 -46.08 15.67
C HIS G 273 26.26 -45.40 15.52
N ALA G 274 27.32 -46.13 15.84
CA ALA G 274 28.67 -45.59 15.74
C ALA G 274 29.62 -46.73 15.48
N HIS G 275 30.87 -46.44 15.15
CA HIS G 275 31.84 -47.49 14.83
C HIS G 275 33.18 -47.39 15.57
N SER G 276 34.06 -48.35 15.30
CA SER G 276 35.39 -48.43 15.90
C SER G 276 35.40 -48.32 17.42
N GLY G 277 34.41 -48.92 18.05
CA GLY G 277 34.31 -48.90 19.49
C GLY G 277 33.62 -47.68 20.06
N MET G 278 33.25 -46.74 19.19
CA MET G 278 32.58 -45.52 19.68
C MET G 278 31.23 -45.80 20.35
N GLY G 279 31.01 -45.14 21.49
CA GLY G 279 29.76 -45.29 22.21
C GLY G 279 29.52 -46.60 22.94
N LYS G 280 30.57 -47.40 23.11
CA LYS G 280 30.43 -48.68 23.79
C LYS G 280 31.17 -48.73 25.12
N VAL G 281 30.43 -48.98 26.19
CA VAL G 281 31.01 -49.02 27.51
C VAL G 281 30.64 -50.26 28.29
N LYS G 282 31.50 -50.63 29.22
CA LYS G 282 31.30 -51.80 30.07
C LYS G 282 30.68 -51.29 31.37
N VAL G 283 29.60 -51.93 31.80
CA VAL G 283 28.89 -51.53 33.02
C VAL G 283 28.88 -52.69 34.03
N ASP G 284 29.55 -52.49 35.17
CA ASP G 284 29.65 -53.54 36.18
C ASP G 284 28.53 -53.68 37.21
N ASN G 285 27.66 -52.68 37.32
CA ASN G 285 26.57 -52.77 38.30
C ASN G 285 25.40 -51.82 38.05
N GLN G 286 24.33 -52.02 38.81
CA GLN G 286 23.09 -51.24 38.71
C GLN G 286 23.23 -49.72 38.86
N HIS G 287 23.96 -49.26 39.88
CA HIS G 287 24.12 -47.81 40.05
C HIS G 287 24.76 -47.24 38.79
N ASP G 288 25.75 -47.97 38.28
CA ASP G 288 26.48 -47.56 37.09
C ASP G 288 25.58 -47.67 35.87
N PHE G 289 24.66 -48.64 35.88
CA PHE G 289 23.77 -48.83 34.75
C PHE G 289 22.89 -47.59 34.63
N GLN G 290 22.33 -47.17 35.77
CA GLN G 290 21.46 -46.00 35.81
C GLN G 290 22.19 -44.72 35.41
N ASP G 291 23.49 -44.66 35.65
CA ASP G 291 24.27 -43.47 35.28
C ASP G 291 24.40 -43.44 33.77
N ILE G 292 24.79 -44.57 33.21
CA ILE G 292 24.94 -44.70 31.76
C ILE G 292 23.62 -44.46 31.04
N ALA G 293 22.52 -44.93 31.64
CA ALA G 293 21.21 -44.75 31.06
C ALA G 293 20.91 -43.26 30.99
N SER G 294 21.35 -42.53 32.01
CA SER G 294 21.14 -41.09 32.08
C SER G 294 21.92 -40.41 30.97
N VAL G 295 23.05 -41.02 30.59
CA VAL G 295 23.87 -40.47 29.52
C VAL G 295 23.21 -40.76 28.17
N VAL G 296 22.56 -41.92 28.06
CA VAL G 296 21.88 -42.26 26.82
C VAL G 296 20.87 -41.14 26.55
N ALA G 297 20.21 -40.66 27.61
CA ALA G 297 19.24 -39.59 27.50
C ALA G 297 19.81 -38.40 26.71
N LEU G 298 21.09 -38.12 26.90
CA LEU G 298 21.71 -36.99 26.23
C LEU G 298 22.13 -37.27 24.79
N THR G 299 22.15 -38.53 24.40
CA THR G 299 22.49 -38.87 23.02
C THR G 299 21.18 -38.72 22.23
N LYS G 300 20.08 -38.75 22.97
CA LYS G 300 18.76 -38.61 22.38
C LYS G 300 18.49 -39.67 21.30
N THR G 301 19.03 -40.86 21.50
CA THR G 301 18.83 -41.93 20.55
C THR G 301 18.61 -43.25 21.29
N TYR G 302 18.62 -44.36 20.54
CA TYR G 302 18.41 -45.67 21.11
C TYR G 302 19.70 -46.28 21.64
N ALA G 303 19.57 -47.38 22.37
CA ALA G 303 20.73 -48.07 22.91
C ALA G 303 20.40 -49.54 23.13
N THR G 304 21.44 -50.38 23.17
CA THR G 304 21.27 -51.80 23.42
C THR G 304 22.20 -52.19 24.57
N ALA G 305 21.85 -53.26 25.25
CA ALA G 305 22.65 -53.78 26.35
C ALA G 305 22.77 -55.28 26.11
N GLU G 306 23.94 -55.83 26.41
CA GLU G 306 24.16 -57.26 26.24
C GLU G 306 25.14 -57.76 27.29
N PRO G 307 25.01 -59.04 27.69
CA PRO G 307 25.94 -59.56 28.70
C PRO G 307 27.39 -59.36 28.26
N PHE G 308 28.24 -59.02 29.23
CA PHE G 308 29.66 -58.85 28.96
C PHE G 308 30.22 -60.25 28.82
N ILE G 309 31.02 -60.48 27.78
CA ILE G 309 31.60 -61.80 27.59
C ILE G 309 33.06 -61.83 28.01
N ASP G 310 33.37 -62.70 28.97
CA ASP G 310 34.73 -62.88 29.45
C ASP G 310 35.31 -63.76 28.35
N ALA G 311 35.71 -63.10 27.25
CA ALA G 311 36.21 -63.78 26.07
C ALA G 311 37.65 -64.20 25.98
N LYS G 312 37.83 -65.44 25.52
CA LYS G 312 39.15 -66.02 25.31
C LYS G 312 39.70 -65.23 24.13
N TYR G 313 38.82 -64.99 23.16
CA TYR G 313 39.13 -64.26 21.94
C TYR G 313 37.85 -64.06 21.13
N ASP G 314 37.89 -63.18 20.13
CA ASP G 314 36.72 -62.97 19.28
C ASP G 314 37.10 -63.38 17.87
N VAL G 315 36.11 -63.82 17.11
CA VAL G 315 36.34 -64.29 15.75
C VAL G 315 35.48 -63.55 14.72
N ARG G 316 36.00 -63.45 13.51
CA ARG G 316 35.25 -62.83 12.44
C ARG G 316 35.27 -63.72 11.21
N VAL G 317 34.10 -64.18 10.80
CA VAL G 317 34.00 -65.03 9.62
C VAL G 317 33.58 -64.12 8.47
N GLN G 318 34.42 -64.00 7.45
CA GLN G 318 34.09 -63.13 6.34
C GLN G 318 33.71 -63.88 5.08
N LYS G 319 32.99 -63.20 4.20
CA LYS G 319 32.55 -63.79 2.94
C LYS G 319 32.53 -62.70 1.87
N ILE G 320 33.43 -62.84 0.89
CA ILE G 320 33.54 -61.89 -0.23
C ILE G 320 33.23 -62.73 -1.46
N GLY G 321 32.06 -62.52 -2.05
CA GLY G 321 31.69 -63.32 -3.20
C GLY G 321 31.54 -64.74 -2.70
N GLN G 322 32.44 -65.63 -3.10
CA GLN G 322 32.37 -67.02 -2.63
C GLN G 322 33.63 -67.40 -1.85
N ASN G 323 34.38 -66.42 -1.38
CA ASN G 323 35.58 -66.72 -0.63
C ASN G 323 35.37 -66.49 0.85
N TYR G 324 35.71 -67.50 1.65
CA TYR G 324 35.56 -67.42 3.09
C TYR G 324 36.92 -67.40 3.79
N LYS G 325 36.98 -66.67 4.89
CA LYS G 325 38.17 -66.59 5.72
C LYS G 325 37.70 -66.38 7.14
N ALA G 326 38.39 -67.00 8.08
CA ALA G 326 38.06 -66.86 9.48
C ALA G 326 39.29 -66.29 10.19
N TYR G 327 39.09 -65.25 10.98
CA TYR G 327 40.19 -64.63 11.72
C TYR G 327 39.83 -64.54 13.20
N MET G 328 40.79 -64.93 14.03
CA MET G 328 40.66 -64.93 15.46
C MET G 328 41.48 -63.75 15.95
N ARG G 329 40.89 -62.91 16.80
CA ARG G 329 41.61 -61.74 17.31
C ARG G 329 41.69 -61.75 18.83
N THR G 330 42.89 -61.48 19.35
CA THR G 330 43.09 -61.45 20.79
C THR G 330 43.73 -60.13 21.22
N SER G 331 43.28 -59.63 22.36
CA SER G 331 43.76 -58.37 22.91
C SER G 331 45.10 -58.45 23.64
N VAL G 332 45.93 -57.44 23.43
CA VAL G 332 47.24 -57.38 24.08
C VAL G 332 47.36 -56.08 24.88
N ASN G 335 42.54 -53.33 26.18
CA ASN G 335 41.87 -54.15 27.23
C ASN G 335 40.65 -54.87 26.66
N TRP G 336 39.52 -54.84 27.38
CA TRP G 336 38.34 -55.58 26.92
C TRP G 336 37.92 -55.32 25.45
N LYS G 337 38.03 -54.09 24.96
CA LYS G 337 37.70 -53.85 23.57
C LYS G 337 38.90 -54.26 22.73
N THR G 338 38.86 -55.49 22.22
CA THR G 338 39.96 -55.96 21.38
C THR G 338 40.06 -55.05 20.12
N ASN G 339 39.14 -54.12 19.92
CA ASN G 339 39.10 -53.14 18.75
C ASN G 339 40.43 -52.41 18.61
N ALA G 343 46.32 -55.75 20.33
CA ALA G 343 45.53 -56.50 19.31
C ALA G 343 46.44 -57.45 18.51
N MET G 344 46.04 -58.72 18.40
CA MET G 344 46.82 -59.73 17.70
C MET G 344 45.95 -60.68 16.88
N LEU G 345 46.21 -60.77 15.58
CA LEU G 345 45.43 -61.61 14.67
C LEU G 345 46.08 -62.92 14.24
N GLU G 346 45.24 -63.93 14.02
CA GLU G 346 45.68 -65.25 13.60
C GLU G 346 44.56 -65.89 12.79
N GLN G 347 44.80 -66.14 11.51
CA GLN G 347 43.78 -66.77 10.68
C GLN G 347 43.58 -68.20 11.15
N ILE G 348 42.33 -68.64 11.16
CA ILE G 348 42.02 -69.99 11.59
C ILE G 348 41.22 -70.69 10.50
N ALA G 349 40.96 -71.98 10.70
CA ALA G 349 40.25 -72.77 9.70
C ALA G 349 38.75 -72.49 9.66
N MET G 350 38.20 -72.47 8.45
CA MET G 350 36.77 -72.26 8.26
C MET G 350 36.13 -73.57 8.65
N SER G 351 34.94 -73.51 9.21
CA SER G 351 34.23 -74.72 9.60
C SER G 351 32.81 -74.62 9.06
N ASP G 352 32.09 -75.74 9.04
CA ASP G 352 30.73 -75.72 8.54
C ASP G 352 29.89 -74.82 9.43
N ARG G 353 30.22 -74.80 10.71
CA ARG G 353 29.53 -73.97 11.69
C ARG G 353 29.71 -72.50 11.29
N TYR G 354 30.95 -72.09 11.10
CA TYR G 354 31.25 -70.72 10.71
C TYR G 354 30.65 -70.36 9.34
N LYS G 355 30.74 -71.29 8.39
CA LYS G 355 30.20 -71.04 7.05
C LYS G 355 28.70 -70.78 7.10
N LEU G 356 28.00 -71.52 7.96
CA LEU G 356 26.56 -71.33 8.10
C LEU G 356 26.27 -69.93 8.63
N TRP G 357 26.97 -69.52 9.67
CA TRP G 357 26.76 -68.21 10.25
C TRP G 357 26.77 -67.13 9.18
N VAL G 358 27.85 -67.08 8.42
CA VAL G 358 28.00 -66.07 7.39
C VAL G 358 27.14 -66.25 6.14
N ASP G 359 26.85 -67.49 5.75
CA ASP G 359 25.99 -67.73 4.58
C ASP G 359 24.61 -67.16 4.86
N THR G 360 24.07 -67.50 6.03
CA THR G 360 22.74 -67.04 6.43
C THR G 360 22.68 -65.53 6.55
N CYS G 361 23.68 -64.92 7.17
CA CYS G 361 23.70 -63.47 7.31
C CYS G 361 23.85 -62.77 5.97
N SER G 362 24.61 -63.36 5.05
CA SER G 362 24.85 -62.77 3.73
C SER G 362 23.58 -62.66 2.88
N GLU G 363 22.49 -63.29 3.31
CA GLU G 363 21.26 -63.23 2.54
C GLU G 363 20.35 -62.07 2.92
N ILE G 364 20.62 -61.41 4.03
CA ILE G 364 19.76 -60.31 4.46
C ILE G 364 19.76 -59.09 3.53
N PHE G 365 18.62 -58.39 3.52
CA PHE G 365 18.39 -57.20 2.72
C PHE G 365 18.65 -57.42 1.23
N GLY G 366 18.27 -58.58 0.73
CA GLY G 366 18.47 -58.89 -0.68
C GLY G 366 19.82 -59.50 -1.03
N GLY G 367 20.70 -59.62 -0.04
CA GLY G 367 21.99 -60.22 -0.30
C GLY G 367 23.16 -59.27 -0.13
N LEU G 368 24.14 -59.69 0.64
CA LEU G 368 25.33 -58.89 0.89
C LEU G 368 26.50 -59.53 0.13
N ASP G 369 27.05 -58.80 -0.84
CA ASP G 369 28.17 -59.30 -1.62
C ASP G 369 29.43 -59.42 -0.78
N ILE G 370 29.56 -58.50 0.17
CA ILE G 370 30.70 -58.45 1.09
C ILE G 370 30.16 -58.32 2.49
N CYS G 371 30.49 -59.28 3.36
CA CYS G 371 30.02 -59.21 4.73
C CYS G 371 30.87 -60.09 5.64
N ALA G 372 30.59 -60.01 6.94
CA ALA G 372 31.33 -60.81 7.91
C ALA G 372 30.56 -60.88 9.21
N VAL G 373 30.67 -62.02 9.89
CA VAL G 373 29.97 -62.18 11.17
C VAL G 373 31.01 -62.14 12.30
N GLU G 374 30.74 -61.32 13.31
CA GLU G 374 31.64 -61.20 14.46
C GLU G 374 31.06 -62.00 15.62
N ALA G 375 31.89 -62.82 16.24
CA ALA G 375 31.44 -63.61 17.37
C ALA G 375 32.50 -63.58 18.48
N LEU G 376 32.05 -63.77 19.71
CA LEU G 376 32.94 -63.76 20.87
C LEU G 376 33.03 -65.17 21.45
N HIS G 377 34.26 -65.66 21.66
CA HIS G 377 34.43 -66.99 22.21
C HIS G 377 34.72 -66.93 23.71
N GLY G 378 33.70 -67.19 24.50
CA GLY G 378 33.87 -67.15 25.95
C GLY G 378 34.85 -68.20 26.43
N LYS G 379 35.41 -67.98 27.61
CA LYS G 379 36.36 -68.93 28.18
C LYS G 379 35.67 -70.25 28.49
N ASP G 380 34.37 -70.21 28.75
CA ASP G 380 33.61 -71.42 29.06
C ASP G 380 33.33 -72.24 27.81
N GLY G 381 33.93 -71.85 26.68
CA GLY G 381 33.74 -72.56 25.43
C GLY G 381 32.56 -72.14 24.57
N ARG G 382 31.72 -71.23 25.09
CA ARG G 382 30.55 -70.76 24.35
C ARG G 382 30.83 -69.63 23.37
N ASP G 383 30.18 -69.69 22.20
CA ASP G 383 30.31 -68.64 21.19
C ASP G 383 29.12 -67.68 21.31
N HIS G 384 29.37 -66.42 20.96
CA HIS G 384 28.34 -65.40 21.02
C HIS G 384 28.45 -64.48 19.82
N ILE G 385 27.42 -64.53 18.95
CA ILE G 385 27.37 -63.70 17.75
C ILE G 385 26.89 -62.31 18.15
N ILE G 386 27.66 -61.29 17.82
CA ILE G 386 27.27 -59.94 18.19
C ILE G 386 27.01 -58.97 17.04
N GLU G 387 27.44 -59.30 15.84
CA GLU G 387 27.25 -58.37 14.74
C GLU G 387 27.61 -58.90 13.34
N VAL G 388 26.89 -58.43 12.34
CA VAL G 388 27.18 -58.77 10.95
C VAL G 388 27.51 -57.42 10.33
N VAL G 389 28.61 -57.34 9.59
CA VAL G 389 28.99 -56.07 8.95
C VAL G 389 28.92 -56.14 7.42
N GLY G 390 28.66 -54.98 6.81
CA GLY G 390 28.53 -54.91 5.36
C GLY G 390 29.79 -54.70 4.52
N SER G 391 29.62 -54.03 3.38
CA SER G 391 30.72 -53.80 2.44
C SER G 391 31.78 -52.81 2.87
N SER G 392 31.65 -52.26 4.07
CA SER G 392 32.66 -51.33 4.56
C SER G 392 33.47 -52.03 5.65
N MET G 393 33.30 -53.35 5.73
CA MET G 393 34.02 -54.14 6.73
C MET G 393 35.53 -53.97 6.54
N PRO G 394 36.26 -53.77 7.63
CA PRO G 394 37.70 -53.60 7.50
C PRO G 394 38.38 -54.89 7.04
N LEU G 395 39.40 -54.76 6.19
CA LEU G 395 40.15 -55.92 5.72
C LEU G 395 41.23 -56.12 6.77
N ILE G 396 41.37 -57.35 7.25
CA ILE G 396 42.35 -57.62 8.30
C ILE G 396 43.28 -58.77 7.94
N GLY G 397 44.19 -59.08 8.87
CA GLY G 397 45.12 -60.18 8.68
C GLY G 397 46.17 -60.07 7.58
N ASP G 398 46.82 -61.19 7.31
CA ASP G 398 47.88 -61.29 6.31
C ASP G 398 47.44 -61.35 4.84
N HIS G 399 46.14 -61.35 4.56
CA HIS G 399 45.69 -61.42 3.18
C HIS G 399 44.89 -60.23 2.67
N GLN G 400 45.20 -59.04 3.18
CA GLN G 400 44.48 -57.84 2.78
C GLN G 400 44.52 -57.62 1.27
N ASP G 401 45.68 -57.84 0.66
CA ASP G 401 45.81 -57.65 -0.77
C ASP G 401 44.96 -58.65 -1.53
N GLU G 402 44.91 -59.89 -1.06
CA GLU G 402 44.12 -60.91 -1.74
C GLU G 402 42.66 -60.47 -1.73
N ASP G 403 42.18 -60.04 -0.57
CA ASP G 403 40.80 -59.59 -0.44
C ASP G 403 40.48 -58.45 -1.39
N LYS G 404 41.34 -57.44 -1.45
CA LYS G 404 41.12 -56.31 -2.35
C LYS G 404 41.00 -56.84 -3.78
N GLN G 405 41.81 -57.85 -4.10
CA GLN G 405 41.77 -58.45 -5.42
C GLN G 405 40.49 -59.24 -5.62
N LEU G 406 40.02 -59.88 -4.55
CA LEU G 406 38.77 -60.63 -4.62
C LEU G 406 37.64 -59.63 -4.80
N ILE G 407 37.72 -58.51 -4.09
CA ILE G 407 36.73 -57.46 -4.20
C ILE G 407 36.71 -56.95 -5.64
N VAL G 408 37.88 -56.87 -6.25
CA VAL G 408 37.99 -56.41 -7.63
C VAL G 408 37.29 -57.39 -8.56
N GLU G 409 37.58 -58.68 -8.37
CA GLU G 409 36.95 -59.72 -9.18
C GLU G 409 35.44 -59.56 -9.08
N LEU G 410 34.98 -59.48 -7.83
CA LEU G 410 33.56 -59.34 -7.52
C LEU G 410 32.92 -58.13 -8.22
N VAL G 411 33.55 -56.97 -8.11
CA VAL G 411 33.02 -55.76 -8.73
C VAL G 411 32.99 -55.86 -10.26
N VAL G 412 34.10 -56.25 -10.87
CA VAL G 412 34.15 -56.37 -12.33
C VAL G 412 33.03 -57.25 -12.87
N ASN G 413 32.74 -58.36 -12.19
CA ASN G 413 31.69 -59.24 -12.67
C ASN G 413 30.32 -58.61 -12.49
N LYS G 414 30.12 -57.90 -11.38
CA LYS G 414 28.85 -57.23 -11.16
C LYS G 414 28.68 -56.18 -12.25
N MET G 415 29.75 -55.44 -12.51
CA MET G 415 29.71 -54.40 -13.53
C MET G 415 29.40 -55.01 -14.90
N THR G 416 30.02 -56.15 -15.20
CA THR G 416 29.80 -56.83 -16.47
C THR G 416 28.32 -57.07 -16.69
N GLN G 417 27.61 -57.35 -15.62
CA GLN G 417 26.17 -57.58 -15.70
C GLN G 417 25.45 -56.23 -15.69
N ALA G 418 25.62 -55.50 -16.79
CA ALA G 418 25.03 -54.18 -17.00
C ALA G 418 25.72 -53.54 -18.21
N ALA H 113 -6.98 -69.00 23.80
CA ALA H 113 -6.13 -67.81 24.11
C ALA H 113 -6.19 -66.81 22.97
N ALA H 114 -6.71 -65.62 23.28
CA ALA H 114 -6.84 -64.56 22.28
C ALA H 114 -5.52 -64.02 21.73
N ARG H 115 -5.59 -63.49 20.51
CA ARG H 115 -4.45 -62.89 19.83
C ARG H 115 -4.54 -61.39 20.02
N VAL H 116 -3.44 -60.76 20.38
CA VAL H 116 -3.47 -59.32 20.61
C VAL H 116 -3.02 -58.51 19.40
N LEU H 117 -3.88 -57.60 18.98
CA LEU H 117 -3.59 -56.73 17.85
C LEU H 117 -3.45 -55.31 18.37
N LEU H 118 -2.33 -54.68 18.04
CA LEU H 118 -2.10 -53.30 18.44
C LEU H 118 -2.24 -52.46 17.21
N VAL H 119 -3.15 -51.49 17.24
CA VAL H 119 -3.35 -50.60 16.10
C VAL H 119 -2.77 -49.26 16.51
N ILE H 120 -1.81 -48.76 15.74
CA ILE H 120 -1.20 -47.48 16.02
C ILE H 120 -1.93 -46.48 15.14
N ASP H 121 -2.91 -45.81 15.74
CA ASP H 121 -3.76 -44.85 15.05
C ASP H 121 -4.32 -43.89 16.11
N GLU H 122 -4.80 -42.73 15.68
CA GLU H 122 -5.36 -41.78 16.63
C GLU H 122 -6.70 -42.34 17.08
N PRO H 123 -7.29 -41.80 18.15
CA PRO H 123 -8.58 -42.28 18.66
C PRO H 123 -9.81 -42.10 17.76
N HIS H 124 -9.73 -41.16 16.81
CA HIS H 124 -10.85 -40.89 15.91
C HIS H 124 -11.57 -42.14 15.40
N THR H 125 -10.82 -43.20 15.11
CA THR H 125 -11.42 -44.45 14.63
C THR H 125 -11.42 -45.45 15.77
N ASP H 126 -12.52 -46.15 15.97
CA ASP H 126 -12.60 -47.14 17.05
C ASP H 126 -12.39 -48.54 16.50
N TRP H 127 -11.14 -48.86 16.17
CA TRP H 127 -10.83 -50.17 15.61
C TRP H 127 -11.34 -51.36 16.41
N ALA H 128 -11.39 -51.26 17.73
CA ALA H 128 -11.89 -52.37 18.54
C ALA H 128 -13.28 -52.74 18.01
N LYS H 129 -14.04 -51.72 17.64
CA LYS H 129 -15.38 -51.90 17.11
C LYS H 129 -15.36 -52.69 15.80
N TYR H 130 -14.51 -52.27 14.86
CA TYR H 130 -14.43 -52.93 13.57
C TYR H 130 -13.94 -54.37 13.62
N PHE H 131 -13.10 -54.68 14.61
CA PHE H 131 -12.58 -56.04 14.74
C PHE H 131 -13.47 -56.94 15.57
N LYS H 132 -14.44 -56.34 16.25
CA LYS H 132 -15.38 -57.08 17.09
C LYS H 132 -15.98 -58.29 16.37
N GLY H 133 -16.02 -59.43 17.05
CA GLY H 133 -16.59 -60.63 16.47
C GLY H 133 -15.75 -61.34 15.43
N LYS H 134 -14.60 -60.78 15.07
CA LYS H 134 -13.75 -61.43 14.09
C LYS H 134 -12.89 -62.49 14.77
N LYS H 135 -12.90 -63.70 14.22
CA LYS H 135 -12.12 -64.78 14.79
C LYS H 135 -11.12 -65.33 13.80
N ILE H 136 -10.02 -65.85 14.34
CA ILE H 136 -8.96 -66.44 13.54
C ILE H 136 -9.21 -67.93 13.47
N HIS H 137 -9.24 -68.47 12.25
CA HIS H 137 -9.49 -69.88 12.03
C HIS H 137 -10.80 -70.35 12.63
N GLY H 138 -11.66 -69.40 13.00
CA GLY H 138 -12.96 -69.77 13.55
C GLY H 138 -13.20 -69.69 15.04
N GLU H 139 -12.17 -69.85 15.87
CA GLU H 139 -12.39 -69.79 17.30
C GLU H 139 -11.42 -68.98 18.16
N ILE H 140 -10.33 -68.49 17.58
CA ILE H 140 -9.41 -67.67 18.37
C ILE H 140 -9.86 -66.22 18.25
N ASP H 141 -10.08 -65.57 19.39
CA ASP H 141 -10.52 -64.18 19.39
C ASP H 141 -9.34 -63.22 19.23
N ILE H 142 -9.67 -61.98 18.91
CA ILE H 142 -8.67 -60.94 18.73
C ILE H 142 -8.95 -59.78 19.69
N LYS H 143 -8.02 -59.52 20.60
CA LYS H 143 -8.17 -58.40 21.52
C LYS H 143 -7.45 -57.23 20.86
N VAL H 144 -8.16 -56.11 20.72
CA VAL H 144 -7.58 -54.95 20.10
C VAL H 144 -7.12 -53.88 21.08
N GLU H 145 -5.89 -53.41 20.88
CA GLU H 145 -5.30 -52.36 21.69
C GLU H 145 -4.93 -51.24 20.73
N GLN H 146 -5.36 -50.01 21.04
CA GLN H 146 -5.09 -48.88 20.16
C GLN H 146 -4.37 -47.75 20.89
N ALA H 147 -3.58 -46.98 20.14
CA ALA H 147 -2.82 -45.86 20.70
C ALA H 147 -1.92 -45.25 19.62
N GLU H 148 -1.53 -43.99 19.82
CA GLU H 148 -0.66 -43.30 18.87
C GLU H 148 0.80 -43.52 19.24
N PHE H 149 1.69 -43.37 18.26
CA PHE H 149 3.11 -43.54 18.50
C PHE H 149 3.58 -42.78 19.76
N SER H 150 3.17 -41.51 19.86
CA SER H 150 3.56 -40.65 20.97
C SER H 150 3.23 -41.18 22.36
N ASP H 151 2.25 -42.06 22.47
CA ASP H 151 1.89 -42.62 23.78
C ASP H 151 2.44 -44.03 23.93
N LEU H 152 3.53 -44.33 23.21
CA LEU H 152 4.11 -45.67 23.24
C LEU H 152 5.61 -45.77 23.42
N ASN H 153 6.03 -46.84 24.08
CA ASN H 153 7.44 -47.14 24.26
C ASN H 153 7.51 -48.66 24.34
N LEU H 154 8.72 -49.22 24.31
CA LEU H 154 8.84 -50.66 24.36
C LEU H 154 10.24 -51.12 24.70
N VAL H 155 10.35 -52.42 24.99
CA VAL H 155 11.64 -53.05 25.29
C VAL H 155 11.61 -54.39 24.58
N ALA H 156 12.68 -54.71 23.88
CA ALA H 156 12.73 -55.98 23.16
C ALA H 156 14.04 -56.72 23.43
N HIS H 157 13.92 -58.04 23.62
CA HIS H 157 15.08 -58.89 23.90
C HIS H 157 15.34 -59.87 22.77
N ALA H 158 16.62 -60.12 22.49
CA ALA H 158 16.99 -61.03 21.43
C ALA H 158 16.38 -62.42 21.64
N ASN H 159 16.20 -62.82 22.90
CA ASN H 159 15.61 -64.13 23.17
C ASN H 159 14.12 -64.19 22.86
N GLY H 160 13.53 -63.07 22.43
CA GLY H 160 12.12 -63.08 22.10
C GLY H 160 11.17 -62.48 23.11
N GLY H 161 11.65 -62.14 24.30
CA GLY H 161 10.78 -61.54 25.30
C GLY H 161 10.63 -60.07 24.94
N PHE H 162 9.56 -59.44 25.39
CA PHE H 162 9.37 -58.02 25.09
C PHE H 162 8.07 -57.50 25.68
N SER H 163 7.94 -56.19 25.72
CA SER H 163 6.75 -55.54 26.25
C SER H 163 6.57 -54.19 25.57
N VAL H 164 5.33 -53.83 25.32
CA VAL H 164 5.02 -52.54 24.71
C VAL H 164 4.26 -51.76 25.79
N ASP H 165 4.78 -50.59 26.14
CA ASP H 165 4.15 -49.78 27.19
C ASP H 165 3.35 -48.63 26.61
N MET H 166 2.08 -48.58 26.99
CA MET H 166 1.13 -47.58 26.50
C MET H 166 0.71 -46.49 27.50
N GLU H 167 0.78 -45.25 27.03
CA GLU H 167 0.42 -44.04 27.79
C GLU H 167 1.62 -43.36 28.46
N VAL H 176 0.25 -46.07 32.77
CA VAL H 176 1.07 -46.92 31.87
C VAL H 176 0.75 -48.40 32.01
N ARG H 177 0.22 -48.99 30.93
CA ARG H 177 -0.11 -50.40 30.91
C ARG H 177 0.78 -51.05 29.85
N SER H 178 1.28 -52.25 30.15
CA SER H 178 2.15 -52.94 29.22
C SER H 178 1.43 -54.09 28.54
N LEU H 179 1.75 -54.32 27.28
CA LEU H 179 1.14 -55.39 26.51
C LEU H 179 2.14 -56.13 25.64
N LYS H 180 1.69 -57.24 25.06
CA LYS H 180 2.51 -58.06 24.19
C LYS H 180 1.70 -58.29 22.92
N PRO H 181 1.80 -57.38 21.95
CA PRO H 181 1.05 -57.54 20.70
C PRO H 181 1.55 -58.74 19.91
N ASP H 182 0.62 -59.48 19.30
CA ASP H 182 0.96 -60.62 18.47
C ASP H 182 1.04 -60.12 17.03
N PHE H 183 0.47 -58.94 16.80
CA PHE H 183 0.45 -58.35 15.47
C PHE H 183 0.23 -56.85 15.60
N VAL H 184 0.70 -56.08 14.62
CA VAL H 184 0.55 -54.63 14.65
C VAL H 184 0.02 -54.09 13.33
N LEU H 185 -0.87 -53.10 13.41
CA LEU H 185 -1.43 -52.44 12.24
C LEU H 185 -1.01 -50.99 12.41
N ILE H 186 -0.15 -50.51 11.50
CA ILE H 186 0.35 -49.14 11.59
C ILE H 186 -0.38 -48.16 10.67
N ARG H 187 -1.16 -47.27 11.29
CA ARG H 187 -1.90 -46.28 10.54
C ARG H 187 -1.33 -44.86 10.63
N GLN H 188 -0.29 -44.68 11.45
CA GLN H 188 0.31 -43.36 11.62
C GLN H 188 1.68 -43.26 10.97
N HIS H 189 2.15 -42.03 10.77
CA HIS H 189 3.47 -41.80 10.17
C HIS H 189 4.53 -42.12 11.21
N ALA H 190 5.47 -42.98 10.85
CA ALA H 190 6.54 -43.38 11.77
C ALA H 190 7.61 -42.31 11.89
N PHE H 191 7.69 -41.42 10.89
CA PHE H 191 8.72 -40.41 10.92
C PHE H 191 8.29 -39.08 10.29
N SER H 192 8.79 -38.00 10.89
CA SER H 192 8.53 -36.64 10.44
C SER H 192 9.70 -35.83 10.99
N MET H 193 10.21 -34.90 10.19
CA MET H 193 11.33 -34.10 10.65
C MET H 193 10.87 -32.94 11.53
N ALA H 194 9.59 -32.96 11.88
CA ALA H 194 9.02 -31.93 12.75
C ALA H 194 9.29 -32.43 14.16
N ARG H 195 9.44 -31.51 15.10
CA ARG H 195 9.72 -31.86 16.49
C ARG H 195 8.77 -32.93 17.00
N ASN H 196 9.33 -33.96 17.62
CA ASN H 196 8.57 -35.08 18.18
C ASN H 196 7.88 -36.00 17.16
N GLY H 197 8.31 -35.95 15.91
CA GLY H 197 7.71 -36.79 14.90
C GLY H 197 8.56 -38.01 14.56
N ASP H 198 9.65 -38.20 15.30
CA ASP H 198 10.55 -39.32 15.07
C ASP H 198 10.21 -40.57 15.89
N TYR H 199 9.58 -41.55 15.26
CA TYR H 199 9.22 -42.79 15.94
C TYR H 199 9.91 -44.00 15.31
N ARG H 200 10.94 -43.75 14.53
CA ARG H 200 11.68 -44.83 13.88
C ARG H 200 12.21 -45.86 14.86
N SER H 201 12.75 -45.41 16.00
CA SER H 201 13.30 -46.36 16.96
C SER H 201 12.19 -47.31 17.43
N LEU H 202 10.94 -46.85 17.41
CA LEU H 202 9.85 -47.73 17.80
C LEU H 202 9.57 -48.78 16.72
N VAL H 203 9.77 -48.40 15.46
CA VAL H 203 9.56 -49.35 14.36
C VAL H 203 10.69 -50.38 14.45
N ILE H 204 11.89 -49.90 14.71
CA ILE H 204 13.06 -50.78 14.85
C ILE H 204 12.81 -51.75 16.00
N GLY H 205 12.24 -51.23 17.08
CA GLY H 205 11.96 -52.05 18.25
C GLY H 205 10.95 -53.15 18.00
N LEU H 206 9.90 -52.82 17.27
CA LEU H 206 8.85 -53.79 16.95
C LEU H 206 9.43 -54.91 16.07
N GLN H 207 10.33 -54.55 15.16
CA GLN H 207 10.94 -55.53 14.26
C GLN H 207 11.91 -56.39 15.07
N TYR H 208 12.60 -55.74 16.01
CA TYR H 208 13.57 -56.40 16.89
C TYR H 208 12.84 -57.47 17.68
N ALA H 209 11.59 -57.18 18.03
CA ALA H 209 10.75 -58.10 18.78
C ALA H 209 10.12 -59.11 17.83
N GLY H 210 10.31 -58.89 16.53
CA GLY H 210 9.77 -59.79 15.53
C GLY H 210 8.25 -59.85 15.45
N ILE H 211 7.60 -58.71 15.64
CA ILE H 211 6.14 -58.64 15.57
C ILE H 211 5.67 -58.41 14.14
N PRO H 212 4.83 -59.32 13.60
CA PRO H 212 4.32 -59.18 12.23
C PRO H 212 3.48 -57.90 12.13
N SER H 213 3.42 -57.30 10.95
CA SER H 213 2.67 -56.06 10.79
C SER H 213 2.18 -55.72 9.38
N VAL H 214 1.21 -54.80 9.35
CA VAL H 214 0.61 -54.28 8.13
C VAL H 214 0.66 -52.75 8.22
N ASN H 215 1.40 -52.08 7.33
CA ASN H 215 2.21 -52.73 6.28
C ASN H 215 3.40 -53.35 7.00
N SER H 216 4.18 -54.14 6.28
CA SER H 216 5.34 -54.78 6.91
C SER H 216 6.21 -53.71 7.57
N LEU H 217 6.89 -54.09 8.64
CA LEU H 217 7.75 -53.14 9.33
C LEU H 217 8.92 -52.76 8.42
N HIS H 218 9.34 -53.70 7.56
CA HIS H 218 10.43 -53.43 6.65
C HIS H 218 10.07 -52.27 5.71
N SER H 219 8.86 -52.26 5.17
CA SER H 219 8.44 -51.18 4.26
C SER H 219 8.22 -49.90 5.06
N VAL H 220 7.65 -50.02 6.24
CA VAL H 220 7.42 -48.85 7.08
C VAL H 220 8.74 -48.13 7.34
N TYR H 221 9.78 -48.89 7.65
CA TYR H 221 11.10 -48.33 7.91
C TYR H 221 11.66 -47.69 6.65
N ASN H 222 11.53 -48.36 5.51
CA ASN H 222 12.06 -47.82 4.27
C ASN H 222 11.22 -46.68 3.71
N PHE H 223 10.05 -46.46 4.28
CA PHE H 223 9.20 -45.36 3.84
C PHE H 223 9.51 -44.06 4.60
N CYS H 224 10.44 -44.11 5.55
CA CYS H 224 10.80 -42.93 6.35
C CYS H 224 11.67 -41.85 5.69
N ASP H 225 11.89 -41.97 4.38
CA ASP H 225 12.65 -40.96 3.61
C ASP H 225 11.96 -40.87 2.25
N LYS H 226 11.04 -39.93 2.11
CA LYS H 226 10.30 -39.78 0.86
C LYS H 226 11.12 -39.91 -0.41
N PRO H 227 12.32 -39.31 -0.45
CA PRO H 227 13.15 -39.42 -1.65
C PRO H 227 13.58 -40.86 -1.90
N TRP H 228 13.71 -41.64 -0.81
CA TRP H 228 14.10 -43.04 -0.93
C TRP H 228 12.96 -43.79 -1.59
N VAL H 229 11.74 -43.48 -1.20
CA VAL H 229 10.59 -44.12 -1.78
C VAL H 229 10.48 -43.70 -3.24
N PHE H 230 10.64 -42.40 -3.49
CA PHE H 230 10.56 -41.87 -4.84
C PHE H 230 11.57 -42.57 -5.75
N ALA H 231 12.76 -42.86 -5.21
CA ALA H 231 13.80 -43.53 -6.00
C ALA H 231 13.28 -44.83 -6.59
N GLN H 232 12.42 -45.52 -5.85
CA GLN H 232 11.84 -46.76 -6.36
C GLN H 232 10.94 -46.45 -7.55
N MET H 233 10.17 -45.36 -7.46
CA MET H 233 9.28 -44.99 -8.55
C MET H 233 10.08 -44.60 -9.77
N VAL H 234 11.25 -44.02 -9.54
CA VAL H 234 12.11 -43.63 -10.65
C VAL H 234 12.47 -44.89 -11.42
N ARG H 235 12.82 -45.94 -10.69
CA ARG H 235 13.19 -47.21 -11.31
C ARG H 235 12.03 -47.73 -12.14
N LEU H 236 10.84 -47.73 -11.56
CA LEU H 236 9.65 -48.21 -12.26
C LEU H 236 9.37 -47.38 -13.51
N HIS H 237 9.65 -46.09 -13.44
CA HIS H 237 9.43 -45.20 -14.58
C HIS H 237 10.42 -45.52 -15.70
N LYS H 238 11.64 -45.86 -15.31
CA LYS H 238 12.69 -46.19 -16.25
C LYS H 238 12.36 -47.50 -16.96
N LYS H 239 11.65 -48.38 -16.25
CA LYS H 239 11.26 -49.69 -16.76
C LYS H 239 9.96 -49.68 -17.55
N LEU H 240 9.02 -48.81 -17.18
CA LEU H 240 7.73 -48.76 -17.85
C LEU H 240 7.57 -47.68 -18.91
N GLY H 241 8.28 -46.57 -18.76
CA GLY H 241 8.17 -45.48 -19.71
C GLY H 241 7.10 -44.48 -19.30
N THR H 242 7.21 -43.26 -19.80
CA THR H 242 6.27 -42.20 -19.48
C THR H 242 4.81 -42.56 -19.74
N GLU H 243 4.54 -43.08 -20.93
CA GLU H 243 3.19 -43.43 -21.33
C GLU H 243 2.41 -44.23 -20.29
N GLU H 244 3.02 -45.26 -19.73
CA GLU H 244 2.34 -46.10 -18.74
C GLU H 244 2.51 -45.63 -17.30
N PHE H 245 3.66 -45.02 -17.00
CA PHE H 245 3.97 -44.55 -15.65
C PHE H 245 4.50 -43.14 -15.78
N PRO H 246 3.60 -42.15 -15.83
CA PRO H 246 4.02 -40.75 -15.97
C PRO H 246 4.50 -40.08 -14.68
N LEU H 247 5.68 -40.49 -14.20
CA LEU H 247 6.25 -39.92 -12.98
C LEU H 247 6.66 -38.47 -13.19
N ILE H 248 6.28 -37.60 -12.26
CA ILE H 248 6.62 -36.18 -12.38
C ILE H 248 8.12 -36.01 -12.46
N ASP H 249 8.58 -34.98 -13.16
CA ASP H 249 10.00 -34.69 -13.24
C ASP H 249 10.34 -34.16 -11.84
N GLN H 250 11.39 -34.70 -11.22
CA GLN H 250 11.77 -34.23 -9.90
C GLN H 250 13.29 -34.25 -9.79
N THR H 251 13.81 -33.37 -8.95
CA THR H 251 15.24 -33.29 -8.73
C THR H 251 15.52 -33.44 -7.24
N PHE H 252 16.53 -34.23 -6.92
CA PHE H 252 16.91 -34.47 -5.53
C PHE H 252 18.20 -33.76 -5.18
N TYR H 253 18.18 -33.05 -4.06
CA TYR H 253 19.34 -32.32 -3.56
C TYR H 253 19.73 -32.91 -2.21
N PRO H 254 20.91 -33.53 -2.13
CA PRO H 254 21.35 -34.13 -0.86
C PRO H 254 21.31 -33.08 0.24
N ASN H 255 21.70 -31.86 -0.12
CA ASN H 255 21.70 -30.72 0.78
C ASN H 255 21.56 -29.43 -0.03
N HIS H 256 21.35 -28.31 0.66
CA HIS H 256 21.17 -27.03 0.00
C HIS H 256 22.26 -26.62 -0.97
N LYS H 257 23.47 -27.10 -0.74
CA LYS H 257 24.60 -26.73 -1.58
C LYS H 257 24.44 -27.00 -3.08
N GLU H 258 23.62 -27.97 -3.44
CA GLU H 258 23.42 -28.29 -4.86
C GLU H 258 22.27 -27.51 -5.48
N MET H 259 21.43 -26.90 -4.63
CA MET H 259 20.28 -26.12 -5.10
C MET H 259 20.68 -24.80 -5.74
N LEU H 260 21.08 -24.83 -7.01
CA LEU H 260 21.48 -23.61 -7.68
C LEU H 260 20.34 -22.92 -8.42
N SER H 261 19.67 -23.64 -9.31
CA SER H 261 18.57 -23.05 -10.06
C SER H 261 17.63 -24.07 -10.67
N SER H 262 16.67 -23.58 -11.46
CA SER H 262 15.71 -24.47 -12.10
C SER H 262 15.49 -24.12 -13.56
N THR H 263 15.39 -25.15 -14.40
CA THR H 263 15.16 -24.97 -15.82
C THR H 263 13.92 -24.11 -16.03
N THR H 264 12.82 -24.50 -15.39
CA THR H 264 11.57 -23.77 -15.51
C THR H 264 11.03 -23.28 -14.18
N TYR H 265 9.98 -22.47 -14.26
CA TYR H 265 9.31 -21.91 -13.10
C TYR H 265 7.83 -21.77 -13.41
N PRO H 266 6.95 -21.91 -12.42
CA PRO H 266 7.28 -22.19 -11.02
C PRO H 266 7.58 -23.66 -10.75
N VAL H 267 8.17 -23.92 -9.58
CA VAL H 267 8.52 -25.26 -9.15
C VAL H 267 7.99 -25.41 -7.73
N VAL H 268 7.84 -26.65 -7.28
CA VAL H 268 7.39 -26.89 -5.92
C VAL H 268 8.56 -27.51 -5.18
N VAL H 269 9.02 -26.84 -4.12
CA VAL H 269 10.13 -27.35 -3.34
C VAL H 269 9.55 -28.12 -2.17
N LYS H 270 10.09 -29.30 -1.92
CA LYS H 270 9.62 -30.14 -0.82
C LYS H 270 10.84 -30.47 0.05
N MET H 271 10.85 -29.89 1.24
CA MET H 271 11.93 -30.03 2.19
C MET H 271 11.88 -31.26 3.09
N GLY H 272 12.98 -31.99 3.09
CA GLY H 272 13.10 -33.18 3.92
C GLY H 272 11.93 -34.12 3.85
N HIS H 273 11.62 -34.73 4.99
CA HIS H 273 10.53 -35.69 5.11
C HIS H 273 9.45 -35.16 6.06
N ALA H 274 8.29 -34.81 5.52
CA ALA H 274 7.19 -34.28 6.33
C ALA H 274 5.83 -34.52 5.66
N HIS H 275 4.75 -34.42 6.44
CA HIS H 275 3.41 -34.69 5.92
C HIS H 275 2.37 -33.56 6.04
N SER H 276 1.23 -33.77 5.37
CA SER H 276 0.11 -32.82 5.36
C SER H 276 0.46 -31.44 4.82
N GLY H 277 1.30 -31.42 3.79
CA GLY H 277 1.70 -30.16 3.19
C GLY H 277 2.88 -29.50 3.87
N MET H 278 3.32 -30.05 4.99
CA MET H 278 4.44 -29.46 5.72
C MET H 278 5.74 -29.43 4.95
N GLY H 279 6.33 -28.24 4.84
CA GLY H 279 7.59 -28.09 4.15
C GLY H 279 7.51 -27.95 2.65
N LYS H 280 6.30 -27.85 2.10
CA LYS H 280 6.14 -27.71 0.65
C LYS H 280 5.81 -26.27 0.28
N VAL H 281 6.56 -25.72 -0.67
CA VAL H 281 6.36 -24.35 -1.09
C VAL H 281 6.48 -24.18 -2.60
N LYS H 282 5.72 -23.24 -3.14
CA LYS H 282 5.73 -22.92 -4.56
C LYS H 282 6.70 -21.76 -4.76
N VAL H 283 7.67 -21.96 -5.64
CA VAL H 283 8.69 -20.95 -5.95
C VAL H 283 8.51 -20.50 -7.39
N ASP H 284 8.20 -19.22 -7.58
CA ASP H 284 7.94 -18.69 -8.92
C ASP H 284 9.11 -18.07 -9.67
N ASN H 285 10.28 -17.97 -9.04
CA ASN H 285 11.42 -17.37 -9.74
C ASN H 285 12.76 -17.69 -9.08
N GLN H 286 13.83 -17.45 -9.84
CA GLN H 286 15.21 -17.69 -9.41
C GLN H 286 15.56 -17.10 -8.05
N HIS H 287 15.29 -15.81 -7.86
CA HIS H 287 15.60 -15.15 -6.60
C HIS H 287 14.89 -15.81 -5.43
N ASP H 288 13.62 -16.13 -5.61
CA ASP H 288 12.86 -16.79 -4.55
C ASP H 288 13.45 -18.18 -4.34
N PHE H 289 13.88 -18.81 -5.42
CA PHE H 289 14.48 -20.14 -5.33
C PHE H 289 15.73 -20.08 -4.45
N GLN H 290 16.54 -19.05 -4.66
CA GLN H 290 17.78 -18.89 -3.89
C GLN H 290 17.48 -18.61 -2.42
N ASP H 291 16.34 -17.97 -2.14
CA ASP H 291 15.95 -17.70 -0.74
C ASP H 291 15.52 -18.98 -0.06
N ILE H 292 14.64 -19.73 -0.73
CA ILE H 292 14.13 -20.98 -0.19
C ILE H 292 15.27 -21.97 0.01
N ALA H 293 16.31 -21.87 -0.82
CA ALA H 293 17.46 -22.75 -0.69
C ALA H 293 18.20 -22.45 0.62
N SER H 294 18.35 -21.17 0.93
CA SER H 294 19.04 -20.75 2.16
C SER H 294 18.25 -21.31 3.34
N VAL H 295 16.94 -21.40 3.20
CA VAL H 295 16.11 -21.96 4.26
C VAL H 295 16.39 -23.46 4.36
N VAL H 296 16.57 -24.11 3.22
CA VAL H 296 16.85 -25.54 3.22
C VAL H 296 18.08 -25.76 4.11
N ALA H 297 19.08 -24.91 3.93
CA ALA H 297 20.31 -25.01 4.71
C ALA H 297 20.03 -25.05 6.20
N LEU H 298 19.03 -24.28 6.65
CA LEU H 298 18.69 -24.27 8.06
C LEU H 298 18.02 -25.57 8.51
N THR H 299 17.35 -26.26 7.58
CA THR H 299 16.73 -27.53 7.94
C THR H 299 17.86 -28.56 8.03
N LYS H 300 19.01 -28.22 7.45
CA LYS H 300 20.17 -29.09 7.44
C LYS H 300 19.82 -30.50 6.98
N THR H 301 19.07 -30.60 5.89
CA THR H 301 18.67 -31.89 5.36
C THR H 301 18.51 -31.77 3.84
N TYR H 302 17.98 -32.81 3.22
CA TYR H 302 17.80 -32.82 1.77
C TYR H 302 16.46 -32.18 1.38
N ALA H 303 16.27 -31.99 0.07
CA ALA H 303 15.04 -31.41 -0.44
C ALA H 303 14.90 -31.73 -1.91
N THR H 304 13.67 -31.63 -2.41
CA THR H 304 13.44 -31.88 -3.82
C THR H 304 12.72 -30.69 -4.46
N ALA H 305 12.86 -30.60 -5.77
CA ALA H 305 12.23 -29.54 -6.55
C ALA H 305 11.60 -30.22 -7.76
N GLU H 306 10.36 -29.87 -8.06
CA GLU H 306 9.67 -30.47 -9.20
C GLU H 306 8.83 -29.39 -9.87
N PRO H 307 8.50 -29.59 -11.16
CA PRO H 307 7.70 -28.60 -11.87
C PRO H 307 6.37 -28.39 -11.16
N PHE H 308 5.91 -27.14 -11.13
CA PHE H 308 4.63 -26.86 -10.54
C PHE H 308 3.66 -27.22 -11.65
N ILE H 309 2.58 -27.91 -11.31
CA ILE H 309 1.60 -28.29 -12.32
C ILE H 309 0.28 -27.54 -12.14
N ASP H 310 -0.13 -26.84 -13.19
CA ASP H 310 -1.39 -26.11 -13.16
C ASP H 310 -2.41 -27.23 -13.31
N ALA H 311 -2.83 -27.78 -12.18
CA ALA H 311 -3.74 -28.91 -12.16
C ALA H 311 -5.23 -28.62 -12.22
N LYS H 312 -5.90 -29.40 -13.08
CA LYS H 312 -7.34 -29.32 -13.27
C LYS H 312 -7.92 -30.03 -12.06
N TYR H 313 -7.21 -31.08 -11.63
CA TYR H 313 -7.59 -31.87 -10.47
C TYR H 313 -6.49 -32.90 -10.21
N ASP H 314 -6.57 -33.58 -9.08
CA ASP H 314 -5.59 -34.60 -8.79
C ASP H 314 -6.37 -35.89 -8.59
N VAL H 315 -5.67 -37.01 -8.66
CA VAL H 315 -6.34 -38.30 -8.49
C VAL H 315 -5.51 -39.15 -7.57
N ARG H 316 -6.17 -40.01 -6.81
CA ARG H 316 -5.46 -40.92 -5.93
C ARG H 316 -6.02 -42.32 -6.18
N VAL H 317 -5.12 -43.23 -6.52
CA VAL H 317 -5.49 -44.60 -6.80
C VAL H 317 -5.00 -45.44 -5.64
N GLN H 318 -5.93 -46.03 -4.91
CA GLN H 318 -5.58 -46.83 -3.74
C GLN H 318 -5.77 -48.32 -3.95
N LYS H 319 -5.03 -49.09 -3.16
CA LYS H 319 -5.11 -50.54 -3.20
C LYS H 319 -4.97 -51.09 -1.78
N ILE H 320 -6.03 -51.72 -1.31
CA ILE H 320 -6.05 -52.32 0.01
C ILE H 320 -6.25 -53.79 -0.28
N GLY H 321 -5.23 -54.61 0.02
CA GLY H 321 -5.35 -56.03 -0.27
C GLY H 321 -5.58 -56.16 -1.76
N GLN H 322 -6.75 -56.65 -2.15
CA GLN H 322 -7.07 -56.80 -3.56
C GLN H 322 -8.18 -55.84 -4.00
N ASN H 323 -8.54 -54.89 -3.13
CA ASN H 323 -9.59 -53.92 -3.46
C ASN H 323 -9.00 -52.61 -3.94
N TYR H 324 -9.42 -52.17 -5.12
CA TYR H 324 -8.96 -50.92 -5.71
C TYR H 324 -10.06 -49.86 -5.73
N LYS H 325 -9.65 -48.60 -5.67
CA LYS H 325 -10.58 -47.47 -5.72
C LYS H 325 -9.79 -46.27 -6.23
N ALA H 326 -10.46 -45.40 -6.99
CA ALA H 326 -9.84 -44.20 -7.54
C ALA H 326 -10.68 -42.99 -7.18
N TYR H 327 -10.02 -41.94 -6.69
CA TYR H 327 -10.74 -40.73 -6.31
C TYR H 327 -10.20 -39.46 -6.96
N MET H 328 -11.12 -38.65 -7.47
CA MET H 328 -10.76 -37.39 -8.10
C MET H 328 -11.03 -36.31 -7.06
N ARG H 329 -10.04 -35.45 -6.85
CA ARG H 329 -10.16 -34.36 -5.89
C ARG H 329 -9.99 -33.07 -6.67
N THR H 330 -10.77 -32.04 -6.34
CA THR H 330 -10.66 -30.77 -7.04
C THR H 330 -10.95 -29.55 -6.18
N TRP H 336 -3.31 -23.94 -5.56
CA TRP H 336 -1.97 -24.44 -5.16
C TRP H 336 -2.15 -25.71 -4.32
N LYS H 337 -2.11 -25.59 -3.00
CA LYS H 337 -2.26 -26.77 -2.16
C LYS H 337 -3.70 -27.17 -1.94
N LEU H 345 -14.22 -33.95 -3.89
CA LEU H 345 -13.94 -35.42 -3.93
C LEU H 345 -15.04 -36.23 -4.63
N GLU H 346 -14.64 -37.05 -5.59
CA GLU H 346 -15.56 -37.89 -6.33
C GLU H 346 -14.88 -39.20 -6.72
N GLN H 347 -15.53 -40.32 -6.47
CA GLN H 347 -14.95 -41.60 -6.84
C GLN H 347 -15.12 -41.84 -8.33
N ILE H 348 -14.03 -42.15 -9.01
CA ILE H 348 -14.09 -42.42 -10.43
C ILE H 348 -13.70 -43.85 -10.75
N ALA H 349 -14.00 -44.27 -11.97
CA ALA H 349 -13.72 -45.62 -12.41
C ALA H 349 -12.24 -45.97 -12.41
N MET H 350 -11.96 -47.21 -12.02
CA MET H 350 -10.60 -47.72 -12.03
C MET H 350 -10.29 -48.06 -13.49
N SER H 351 -9.19 -47.53 -14.01
CA SER H 351 -8.80 -47.82 -15.38
C SER H 351 -7.66 -48.83 -15.28
N ASP H 352 -7.31 -49.45 -16.40
CA ASP H 352 -6.20 -50.41 -16.38
C ASP H 352 -4.92 -49.60 -16.20
N ARG H 353 -4.99 -48.32 -16.57
CA ARG H 353 -3.87 -47.39 -16.44
C ARG H 353 -3.65 -47.13 -14.94
N TYR H 354 -4.74 -46.86 -14.22
CA TYR H 354 -4.67 -46.60 -12.78
C TYR H 354 -4.26 -47.87 -12.06
N LYS H 355 -4.76 -49.01 -12.53
CA LYS H 355 -4.45 -50.28 -11.91
C LYS H 355 -2.95 -50.56 -12.03
N LEU H 356 -2.39 -50.30 -13.20
CA LEU H 356 -0.96 -50.54 -13.37
C LEU H 356 -0.15 -49.69 -12.39
N TRP H 357 -0.52 -48.43 -12.25
CA TRP H 357 0.19 -47.52 -11.34
C TRP H 357 0.31 -48.08 -9.94
N VAL H 358 -0.83 -48.35 -9.32
CA VAL H 358 -0.83 -48.85 -7.97
C VAL H 358 -0.32 -50.28 -7.86
N ASP H 359 -0.56 -51.10 -8.89
CA ASP H 359 -0.09 -52.48 -8.84
C ASP H 359 1.43 -52.51 -8.82
N THR H 360 2.06 -51.67 -9.65
CA THR H 360 3.51 -51.63 -9.70
C THR H 360 4.12 -51.11 -8.39
N CYS H 361 3.61 -49.98 -7.90
CA CYS H 361 4.13 -49.40 -6.66
C CYS H 361 3.89 -50.30 -5.45
N SER H 362 2.83 -51.11 -5.50
CA SER H 362 2.49 -51.98 -4.38
C SER H 362 3.49 -53.12 -4.17
N GLU H 363 4.47 -53.24 -5.07
CA GLU H 363 5.46 -54.31 -4.99
C GLU H 363 6.79 -53.90 -4.35
N ILE H 364 7.06 -52.62 -4.22
CA ILE H 364 8.33 -52.19 -3.65
C ILE H 364 8.50 -52.61 -2.18
N PHE H 365 9.75 -52.65 -1.74
CA PHE H 365 10.11 -53.03 -0.39
C PHE H 365 9.44 -54.33 0.07
N GLY H 366 9.27 -55.26 -0.87
CA GLY H 366 8.70 -56.55 -0.52
C GLY H 366 7.19 -56.65 -0.53
N GLY H 367 6.51 -55.57 -0.88
CA GLY H 367 5.05 -55.61 -0.93
C GLY H 367 4.37 -54.70 0.07
N LEU H 368 3.41 -53.91 -0.41
CA LEU H 368 2.67 -53.00 0.43
C LEU H 368 1.21 -53.47 0.46
N ASP H 369 0.73 -53.89 1.63
CA ASP H 369 -0.64 -54.36 1.74
C ASP H 369 -1.61 -53.20 1.54
N ILE H 370 -1.23 -52.01 2.00
CA ILE H 370 -2.06 -50.84 1.86
C ILE H 370 -1.21 -49.76 1.19
N CYS H 371 -1.68 -49.21 0.07
CA CYS H 371 -0.94 -48.13 -0.57
C CYS H 371 -1.77 -47.40 -1.61
N ALA H 372 -1.26 -46.26 -2.06
CA ALA H 372 -1.97 -45.46 -3.05
C ALA H 372 -0.99 -44.61 -3.81
N VAL H 373 -1.36 -44.25 -5.04
CA VAL H 373 -0.52 -43.42 -5.86
C VAL H 373 -1.23 -42.12 -6.13
N GLU H 374 -0.53 -41.01 -5.96
CA GLU H 374 -1.09 -39.68 -6.16
C GLU H 374 -0.57 -39.09 -7.45
N ALA H 375 -1.48 -38.57 -8.27
CA ALA H 375 -1.12 -37.97 -9.55
C ALA H 375 -1.89 -36.69 -9.76
N LEU H 376 -1.24 -35.75 -10.42
CA LEU H 376 -1.87 -34.47 -10.72
C LEU H 376 -2.18 -34.46 -12.21
N HIS H 377 -3.41 -34.10 -12.56
CA HIS H 377 -3.80 -34.04 -13.96
C HIS H 377 -3.73 -32.58 -14.42
N GLY H 378 -2.72 -32.26 -15.19
CA GLY H 378 -2.57 -30.90 -15.67
C GLY H 378 -3.68 -30.46 -16.60
N LYS H 379 -3.87 -29.15 -16.70
CA LYS H 379 -4.91 -28.63 -17.58
C LYS H 379 -4.59 -29.03 -19.02
N ASP H 380 -3.32 -29.26 -19.30
CA ASP H 380 -2.91 -29.65 -20.65
C ASP H 380 -3.15 -31.14 -20.90
N GLY H 381 -3.96 -31.76 -20.05
CA GLY H 381 -4.32 -33.16 -20.20
C GLY H 381 -3.31 -34.23 -19.81
N ARG H 382 -2.18 -33.86 -19.24
CA ARG H 382 -1.18 -34.85 -18.84
C ARG H 382 -1.26 -35.19 -17.35
N ASP H 383 -0.94 -36.45 -17.04
CA ASP H 383 -0.95 -36.87 -15.65
C ASP H 383 0.47 -36.73 -15.15
N HIS H 384 0.62 -36.59 -13.83
CA HIS H 384 1.95 -36.47 -13.24
C HIS H 384 1.93 -37.16 -11.88
N ILE H 385 2.57 -38.31 -11.80
CA ILE H 385 2.63 -39.07 -10.56
C ILE H 385 3.61 -38.39 -9.62
N ILE H 386 3.13 -37.98 -8.45
CA ILE H 386 3.96 -37.27 -7.49
C ILE H 386 4.40 -38.05 -6.25
N GLU H 387 3.66 -39.07 -5.86
CA GLU H 387 4.05 -39.85 -4.69
C GLU H 387 3.23 -41.12 -4.45
N VAL H 388 3.81 -42.04 -3.70
CA VAL H 388 3.15 -43.28 -3.32
C VAL H 388 3.16 -43.32 -1.79
N VAL H 389 2.02 -43.63 -1.19
CA VAL H 389 1.91 -43.70 0.27
C VAL H 389 1.66 -45.11 0.75
N GLY H 390 2.06 -45.37 1.99
CA GLY H 390 1.90 -46.68 2.60
C GLY H 390 0.66 -46.84 3.47
N SER H 391 0.76 -47.71 4.48
CA SER H 391 -0.35 -48.01 5.38
C SER H 391 -0.89 -46.87 6.22
N SER H 392 -0.26 -45.70 6.17
CA SER H 392 -0.80 -44.58 6.95
C SER H 392 -1.67 -43.71 6.04
N MET H 393 -1.93 -44.20 4.82
CA MET H 393 -2.73 -43.44 3.86
C MET H 393 -4.10 -43.11 4.44
N PRO H 394 -4.47 -41.82 4.39
CA PRO H 394 -5.78 -41.44 4.93
C PRO H 394 -6.89 -42.05 4.08
N LEU H 395 -8.00 -42.39 4.74
CA LEU H 395 -9.15 -42.94 4.05
C LEU H 395 -10.04 -41.76 3.64
N ILE H 396 -10.32 -41.66 2.33
CA ILE H 396 -11.12 -40.54 1.83
C ILE H 396 -12.41 -40.97 1.11
N GLY H 397 -13.21 -39.97 0.74
CA GLY H 397 -14.45 -40.23 0.03
C GLY H 397 -15.60 -40.79 0.85
N ASP H 398 -16.59 -41.33 0.16
CA ASP H 398 -17.79 -41.88 0.76
C ASP H 398 -17.71 -43.35 1.19
N HIS H 399 -16.55 -43.97 1.05
CA HIS H 399 -16.45 -45.38 1.42
C HIS H 399 -15.41 -45.68 2.47
N GLN H 400 -15.24 -44.75 3.40
CA GLN H 400 -14.29 -44.90 4.47
C GLN H 400 -14.62 -46.12 5.31
N ASP H 401 -15.91 -46.33 5.56
CA ASP H 401 -16.37 -47.46 6.35
C ASP H 401 -16.04 -48.79 5.68
N GLU H 402 -16.21 -48.83 4.35
CA GLU H 402 -15.92 -50.05 3.60
C GLU H 402 -14.42 -50.29 3.64
N ASP H 403 -13.65 -49.22 3.49
CA ASP H 403 -12.20 -49.31 3.50
C ASP H 403 -11.71 -49.84 4.84
N LYS H 404 -12.34 -49.42 5.93
CA LYS H 404 -11.95 -49.88 7.25
C LYS H 404 -12.25 -51.36 7.40
N GLN H 405 -13.38 -51.81 6.88
CA GLN H 405 -13.76 -53.21 6.94
C GLN H 405 -12.82 -54.02 6.06
N LEU H 406 -12.32 -53.38 5.02
CA LEU H 406 -11.38 -54.04 4.11
C LEU H 406 -10.04 -54.23 4.81
N ILE H 407 -9.61 -53.23 5.56
CA ILE H 407 -8.35 -53.33 6.29
C ILE H 407 -8.52 -54.39 7.37
N VAL H 408 -9.70 -54.44 7.98
CA VAL H 408 -9.96 -55.46 9.00
C VAL H 408 -9.77 -56.86 8.37
N GLU H 409 -10.44 -57.09 7.24
CA GLU H 409 -10.35 -58.38 6.56
C GLU H 409 -8.90 -58.73 6.23
N LEU H 410 -8.15 -57.74 5.75
CA LEU H 410 -6.74 -57.94 5.41
C LEU H 410 -5.96 -58.41 6.64
N VAL H 411 -6.01 -57.60 7.69
CA VAL H 411 -5.33 -57.89 8.93
C VAL H 411 -5.75 -59.25 9.53
N VAL H 412 -7.03 -59.58 9.45
CA VAL H 412 -7.47 -60.86 10.00
C VAL H 412 -6.79 -61.99 9.25
N ASN H 413 -6.69 -61.86 7.93
CA ASN H 413 -6.06 -62.89 7.13
C ASN H 413 -4.56 -62.98 7.42
N LYS H 414 -3.89 -61.83 7.51
CA LYS H 414 -2.46 -61.81 7.82
C LYS H 414 -2.20 -62.44 9.18
N MET H 415 -3.03 -62.07 10.16
CA MET H 415 -2.88 -62.61 11.50
C MET H 415 -3.05 -64.12 11.44
N THR H 416 -4.05 -64.58 10.69
CA THR H 416 -4.32 -66.01 10.56
C THR H 416 -3.06 -66.74 10.07
N GLN H 417 -2.34 -66.13 9.14
CA GLN H 417 -1.13 -66.73 8.60
C GLN H 417 0.09 -66.53 9.49
N ALA H 418 0.22 -65.33 10.06
CA ALA H 418 1.34 -65.00 10.94
C ALA H 418 1.60 -66.12 11.95
CA CA I . -18.39 54.12 -26.96
PG ATP J . -16.42 51.98 -29.03
PG ATP J . -16.83 51.92 -25.97
O1G ATP J . -15.88 52.09 -30.39
O1G ATP J . -16.96 53.12 -25.13
O2G ATP J . -15.73 51.13 -28.04
O2G ATP J . -16.48 50.64 -25.33
O3G ATP J . -16.60 53.23 -28.24
O3G ATP J . -15.81 51.92 -27.05
PB ATP J . -18.94 50.85 -28.09
PB ATP J . -18.63 51.20 -28.16
O1B ATP J . -18.76 51.63 -26.83
O1B ATP J . -18.46 49.73 -28.18
O2B ATP J . -18.93 49.37 -28.04
O2B ATP J . -17.92 52.04 -29.16
O3B ATP J . -17.90 51.36 -29.18
O3B ATP J . -18.26 51.71 -26.69
PA ATP J . -21.01 52.75 -28.80
PA ATP J . -21.03 52.75 -28.75
O1A ATP J . -22.15 52.69 -27.84
O1A ATP J . -22.33 52.76 -28.02
O2A ATP J . -20.01 53.82 -28.67
O2A ATP J . -20.20 53.98 -28.77
O3A ATP J . -20.28 51.32 -28.81
O3A ATP J . -20.19 51.52 -28.19
O5' ATP J . -21.59 52.75 -30.28
O5' ATP J . -21.33 52.24 -30.24
C5' ATP J . -20.71 52.75 -31.41
C5' ATP J . -20.43 52.53 -31.33
C4' ATP J . -21.27 53.62 -32.51
C4' ATP J . -21.11 53.39 -32.37
O4' ATP J . -22.58 53.14 -32.93
O4' ATP J . -22.49 52.98 -32.58
C3' ATP J . -21.50 55.09 -32.17
C3' ATP J . -21.19 54.87 -32.09
O3' ATP J . -20.32 55.86 -32.29
O3' ATP J . -19.97 55.52 -32.43
C2' ATP J . -22.51 55.47 -33.23
C2' ATP J . -22.32 55.31 -33.02
O2' ATP J . -21.91 55.69 -34.50
O2' ATP J . -21.90 55.52 -34.36
C1' ATP J . -23.42 54.24 -33.24
C1' ATP J . -23.27 54.12 -32.92
N9 ATP J . -24.47 54.31 -32.24
N9 ATP J . -24.31 54.29 -31.90
C8 ATP J . -24.43 53.89 -30.92
C8 ATP J . -24.21 54.05 -30.55
N7 ATP J . -25.52 54.12 -30.25
N7 ATP J . -25.31 54.30 -29.89
C5 ATP J . -26.36 54.73 -31.18
C5 ATP J . -26.19 54.74 -30.86
C6 ATP J . -27.67 55.22 -31.09
C6 ATP J . -27.54 55.17 -30.80
N6 ATP J . -28.42 55.19 -29.98
N6 ATP J . -28.24 55.24 -29.67
N1 ATP J . -28.21 55.76 -32.20
N1 ATP J . -28.13 55.54 -31.95
C2 ATP J . -27.47 55.81 -33.32
C2 ATP J . -27.41 55.48 -33.09
N3 ATP J . -26.24 55.39 -33.53
N3 ATP J . -26.15 55.10 -33.27
C4 ATP J . -25.73 54.84 -32.40
C4 ATP J . -25.59 54.74 -32.10
C1 EDO K . -14.73 58.01 -3.56
O1 EDO K . -14.64 56.56 -3.43
C2 EDO K . -14.39 58.43 -4.97
O2 EDO K . -15.23 57.85 -6.04
CA CA L . -15.77 38.69 8.55
PG ATP M . -18.58 36.53 8.72
PG ATP M . -18.33 38.04 6.47
O1G ATP M . -19.19 35.79 9.84
O1G ATP M . -18.27 39.14 7.46
O2G ATP M . -19.40 36.84 7.52
O2G ATP M . -18.42 38.38 5.03
O3G ATP M . -18.00 37.86 8.99
O3G ATP M . -19.43 37.05 6.55
PB ATP M . -16.43 35.66 6.96
PB ATP M . -16.71 35.76 7.21
O1B ATP M . -16.11 37.07 6.66
O1B ATP M . -17.04 34.80 6.13
O2B ATP M . -16.96 34.78 5.87
O2B ATP M . -17.35 35.64 8.53
O3B ATP M . -17.39 35.59 8.22
O3B ATP M . -16.96 37.24 6.66
PA ATP M . -13.97 35.59 8.48
PA ATP M . -14.16 36.08 8.63
O1A ATP M . -12.78 35.81 7.60
O1A ATP M . -12.85 36.54 8.11
O2A ATP M . -14.49 36.70 9.31
O2A ATP M . -14.87 36.87 9.66
O3A ATP M . -15.14 34.97 7.60
O3A ATP M . -15.12 35.83 7.37
O5' ATP M . -13.70 34.34 9.41
O5' ATP M . -14.02 34.56 9.12
C5' ATP M . -14.62 33.94 10.43
C5' ATP M . -14.91 34.01 10.09
C4' ATP M . -13.89 33.57 11.69
C4' ATP M . -14.16 33.66 11.36
O4' ATP M . -12.83 32.62 11.37
O4' ATP M . -13.01 32.84 11.06
C3' ATP M . -13.17 34.69 12.42
C3' ATP M . -13.60 34.82 12.18
O3' ATP M . -14.05 35.44 13.23
O3' ATP M . -14.61 35.37 13.02
C2' ATP M . -12.16 33.90 13.24
C2' ATP M . -12.52 34.13 13.00
O2' ATP M . -12.74 33.27 14.35
O2' ATP M . -13.01 33.47 14.16
C1' ATP M . -11.71 32.85 12.21
C1' ATP M . -11.98 33.11 12.01
N9 ATP M . -10.58 33.30 11.40
N9 ATP M . -10.79 33.57 11.28
C8 ATP M . -10.61 33.99 10.21
C8 ATP M . -10.72 34.31 10.13
N7 ATP M . -9.42 34.30 9.75
N7 ATP M . -9.51 34.57 9.72
C5 ATP M . -8.55 33.75 10.69
C5 ATP M . -8.71 33.96 10.68
C6 ATP M . -7.15 33.74 10.78
C6 ATP M . -7.31 33.87 10.81
N6 ATP M . -6.34 34.32 9.89
N6 ATP M . -6.45 34.42 9.96
N1 ATP M . -6.60 33.11 11.84
N1 ATP M . -6.83 33.19 11.88
C2 ATP M . -7.41 32.54 12.74
C2 ATP M . -7.70 32.64 12.74
N3 ATP M . -8.74 32.51 12.77
N3 ATP M . -9.02 32.65 12.71
C4 ATP M . -9.26 33.13 11.71
C4 ATP M . -9.47 33.34 11.64
C1 EDO N . -31.14 44.05 11.20
O1 EDO N . -31.09 43.95 9.77
C2 EDO N . -30.62 42.80 11.82
O2 EDO N . -29.88 41.91 10.92
CA CA O . -39.34 23.70 -31.68
PG ATP P . -40.19 25.37 -29.02
PG ATP P . -37.70 23.91 -28.66
O1G ATP P . -41.40 26.21 -28.85
O1G ATP P . -38.47 22.84 -29.33
O2G ATP P . -39.32 25.10 -27.84
O2G ATP P . -36.47 23.55 -27.91
O3G ATP P . -40.35 23.98 -29.51
O3G ATP P . -38.39 24.74 -27.63
PB ATP P . -37.72 26.32 -30.24
PB ATP P . -37.79 26.34 -30.24
O1B ATP P . -37.09 24.98 -30.41
O1B ATP P . -37.23 27.32 -29.29
O2B ATP P . -37.24 27.23 -29.17
O2B ATP P . -39.26 26.28 -30.47
O3B ATP P . -39.31 26.14 -30.11
O3B ATP P . -37.25 24.90 -29.83
PA ATP P . -37.60 26.56 -33.13
PA ATP P . -37.39 26.15 -33.14
O1A ATP P . -36.17 26.44 -33.45
O1A ATP P . -36.12 25.96 -33.88
O2A ATP P . -38.51 25.39 -33.32
O2A ATP P . -38.43 25.09 -33.18
O3A ATP P . -37.73 27.10 -31.63
O3A ATP P . -37.01 26.51 -31.63
O5' ATP P . -38.21 27.83 -33.90
O5' ATP P . -38.04 27.55 -33.57
C5' ATP P . -39.49 28.37 -33.55
C5' ATP P . -39.38 27.89 -33.24
C4' ATP P . -40.27 28.72 -34.80
C4' ATP P . -40.19 28.18 -34.49
O4' ATP P . -39.55 29.70 -35.59
O4' ATP P . -39.55 29.20 -35.31
C3' ATP P . -40.57 27.58 -35.75
C3' ATP P . -40.41 27.01 -35.44
O3' ATP P . -41.74 26.88 -35.36
O3' ATP P . -41.49 26.20 -35.01
C2' ATP P . -40.79 28.32 -37.08
C2' ATP P . -40.75 27.73 -36.74
O2' ATP P . -42.09 28.83 -37.23
O2' ATP P . -42.10 28.16 -36.84
C1' ATP P . -39.75 29.44 -36.97
C1' ATP P . -39.80 28.94 -36.68
N9 ATP P . -38.47 29.09 -37.58
N9 ATP P . -38.52 28.67 -37.34
C8 ATP P . -37.41 28.42 -37.00
C8 ATP P . -37.41 28.04 -36.82
N7 ATP P . -36.40 28.22 -37.82
N7 ATP P . -36.42 27.91 -37.68
C5 ATP P . -36.83 28.80 -39.01
C5 ATP P . -36.91 28.52 -38.84
C6 ATP P . -36.22 28.92 -40.27
C6 ATP P . -36.35 28.70 -40.11
N6 ATP P . -35.01 28.44 -40.56
N6 ATP P . -35.14 28.29 -40.46
N1 ATP P . -36.90 29.56 -41.24
N1 ATP P . -37.10 29.35 -41.04
C2 ATP P . -38.12 30.05 -40.95
C2 ATP P . -38.32 29.76 -40.69
N3 ATP P . -38.80 29.99 -39.82
N3 ATP P . -38.97 29.63 -39.53
C4 ATP P . -38.09 29.35 -38.87
C4 ATP P . -38.20 29.00 -38.64
CA CA Q . -7.43 9.76 -12.50
PG ATP R . -4.88 12.13 -13.09
PG ATP R . -7.21 12.57 -14.33
O1G ATP R . -3.41 12.21 -12.97
O1G ATP R . -6.87 11.15 -14.60
O2G ATP R . -5.56 12.85 -14.20
O2G ATP R . -8.29 13.21 -15.13
O3G ATP R . -5.52 10.80 -13.23
O3G ATP R . -6.15 13.60 -14.45
PB ATP R . -6.93 13.06 -11.25
PB ATP R . -6.87 12.82 -11.46
O1B ATP R . -7.88 12.21 -12.01
O1B ATP R . -6.98 14.23 -11.02
O2B ATP R . -7.14 14.53 -11.20
O2B ATP R . -5.53 12.19 -11.59
O3B ATP R . -5.43 12.78 -11.73
O3B ATP R . -7.69 12.60 -12.81
PA ATP R . -7.11 11.06 -9.18
PA ATP R . -7.56 10.68 -9.60
O1A ATP R . -8.50 11.06 -8.65
O1A ATP R . -8.88 10.20 -9.13
O2A ATP R . -6.68 10.03 -10.16
O2A ATP R . -6.63 9.74 -10.29
O3A ATP R . -6.78 12.50 -9.78
O3A ATP R . -7.82 11.95 -10.52
O5' ATP R . -6.10 11.07 -7.95
O5' ATP R . -6.81 11.42 -8.40
C5' ATP R . -4.69 11.16 -8.14
C5' ATP R . -5.38 11.56 -8.39
C4' ATP R . -3.97 10.31 -7.12
C4' ATP R . -4.77 10.66 -7.33
O4' ATP R . -4.43 10.63 -5.78
O4' ATP R . -5.38 10.90 -6.04
C3' ATP R . -4.18 8.81 -7.24
C3' ATP R . -4.92 9.16 -7.53
O3' ATP R . -3.26 8.24 -8.19
O3' ATP R . -3.94 8.69 -8.45
C2' ATP R . -3.89 8.32 -5.83
C2' ATP R . -4.70 8.61 -6.13
O2' ATP R . -2.51 8.19 -5.55
O2' ATP R . -3.33 8.43 -5.81
C1' ATP R . -4.50 9.45 -4.99
C1' ATP R . -5.31 9.71 -5.26
N9 ATP R . -5.87 9.22 -4.59
N9 ATP R . -6.66 9.38 -4.79
C8 ATP R . -7.04 9.55 -5.25
C8 ATP R . -7.86 9.58 -5.45
N7 ATP R . -8.13 9.19 -4.62
N7 ATP R . -8.90 9.16 -4.77
C5 ATP R . -7.66 8.58 -3.47
C5 ATP R . -8.36 8.65 -3.60
C6 ATP R . -8.31 7.97 -2.38
C6 ATP R . -8.95 8.05 -2.47
N6 ATP R . -9.64 7.85 -2.29
N6 ATP R . -10.26 7.85 -2.34
N1 ATP R . -7.55 7.47 -1.39
N1 ATP R . -8.13 7.65 -1.47
C2 ATP R . -6.22 7.56 -1.49
C2 ATP R . -6.81 7.86 -1.60
N3 ATP R . -5.49 8.10 -2.46
N3 ATP R . -6.14 8.40 -2.62
C4 ATP R . -6.27 8.60 -3.43
C4 ATP R . -6.99 8.78 -3.59
CA CA S . 22.22 -7.32 8.16
PG ATP T . 23.58 -9.56 6.42
PG ATP T . 23.46 -10.29 9.18
O1G ATP T . 23.88 -9.25 5.00
O1G ATP T . 23.88 -8.87 9.29
O2G ATP T . 24.22 -10.74 7.06
O2G ATP T . 23.49 -11.14 10.40
O3G ATP T . 23.91 -8.54 7.45
O3G ATP T . 24.17 -11.18 8.23
PB ATP T . 21.12 -10.63 7.50
PB ATP T . 21.27 -10.66 7.31
O1B ATP T . 21.36 -10.14 8.88
O1B ATP T . 21.30 -12.13 7.22
O2B ATP T . 21.25 -12.08 7.20
O2B ATP T . 21.86 -9.84 6.22
O3B ATP T . 22.00 -9.81 6.48
O3B ATP T . 21.93 -10.25 8.70
PA ATP T . 18.94 -8.73 7.25
PA ATP T . 19.00 -8.82 7.41
O1A ATP T . 17.84 -8.98 8.21
O1A ATP T . 17.78 -8.83 8.26
O2A ATP T . 19.92 -7.65 7.52
O2A ATP T . 19.95 -7.69 7.51
O3A ATP T . 19.70 -10.11 7.00
O3A ATP T . 19.77 -10.20 7.62
O5' ATP T . 18.31 -8.51 5.81
O5' ATP T . 18.53 -9.01 5.89
C5' ATP T . 19.12 -8.27 4.65
C5' ATP T . 19.40 -8.71 4.79
C4' ATP T . 18.43 -7.32 3.69
C4' ATP T . 18.79 -7.63 3.91
O4' ATP T . 17.06 -7.75 3.45
O4' ATP T . 17.40 -7.93 3.62
C3' ATP T . 18.28 -5.88 4.16
C3' ATP T . 18.74 -6.23 4.50
O3' ATP T . 19.46 -5.14 3.89
O3' ATP T . 20.00 -5.58 4.36
C2' ATP T . 17.12 -5.38 3.31
C2' ATP T . 17.66 -5.57 3.66
O2' ATP T . 17.50 -5.04 1.99
O2' ATP T . 18.14 -5.15 2.38
C1' ATP T . 16.22 -6.62 3.30
C1' ATP T . 16.66 -6.72 3.50
N9 ATP T . 15.22 -6.62 4.38
N9 ATP T . 15.62 -6.71 4.52
C8 ATP T . 15.31 -7.20 5.62
C8 ATP T . 15.66 -7.23 5.80
N7 ATP T . 14.25 -7.02 6.36
N7 ATP T . 14.56 -7.05 6.47
C5 ATP T . 13.40 -6.27 5.56
C5 ATP T . 13.73 -6.37 5.59
C6 ATP T . 12.12 -5.76 5.77
C6 ATP T . 12.42 -5.88 5.72
N6 ATP T . 11.42 -5.91 6.90
N6 ATP T . 11.68 -6.01 6.83
N1 ATP T . 11.55 -5.04 4.76
N1 ATP T . 11.88 -5.24 4.66
C2 ATP T . 12.24 -4.88 3.63
C2 ATP T . 12.62 -5.11 3.55
N3 ATP T . 13.46 -5.32 3.31
N3 ATP T . 13.86 -5.52 3.31
C4 ATP T . 14.00 -6.01 4.33
C4 ATP T . 14.37 -6.15 4.39
CA CA U . 23.77 -29.52 41.14
PG ATP V . 21.18 -32.00 41.03
PG ATP V . 21.81 -29.48 38.60
O1G ATP V . 20.46 -33.06 41.78
O1G ATP V . 22.13 -28.22 39.31
O2G ATP V . 20.43 -31.20 40.02
O2G ATP V . 21.54 -29.44 37.15
O3G ATP V . 21.85 -30.92 41.79
O3G ATP V . 20.64 -30.29 39.05
PB ATP V . 23.21 -32.31 38.99
PB ATP V . 23.28 -31.94 39.08
O1B ATP V . 23.36 -30.84 38.98
O1B ATP V . 22.77 -32.71 37.92
O2B ATP V . 22.74 -33.00 37.75
O2B ATP V . 22.77 -32.23 40.44
O3B ATP V . 22.32 -32.78 40.22
O3B ATP V . 23.12 -30.39 38.77
PA ATP V . 25.69 -32.47 40.47
PA ATP V . 25.99 -31.90 40.19
O1A ATP V . 26.83 -31.93 39.68
O1A ATP V . 27.26 -31.48 39.56
O2A ATP V . 25.04 -31.64 41.52
O2A ATP V . 25.45 -31.15 41.36
O3A ATP V . 24.57 -32.98 39.45
O3A ATP V . 24.87 -32.00 39.05
O5' ATP V . 26.10 -33.89 41.08
O5' ATP V . 26.08 -33.46 40.55
C5' ATP V . 25.15 -34.71 41.78
C5' ATP V . 25.15 -34.08 41.43
C4' ATP V . 25.80 -35.37 42.97
C4' ATP V . 25.87 -34.80 42.56
O4' ATP V . 26.86 -36.27 42.54
O4' ATP V . 26.97 -35.59 42.04
C3' ATP V . 26.48 -34.45 43.98
C3' ATP V . 26.51 -33.93 43.62
O3' ATP V . 25.53 -33.92 44.90
O3' ATP V . 25.55 -33.49 44.58
C2' ATP V . 27.46 -35.39 44.65
C2' ATP V . 27.52 -34.88 44.25
O2' ATP V . 26.88 -36.23 45.62
O2' ATP V . 26.96 -35.76 45.20
C1' ATP V . 27.95 -36.21 43.45
C1' ATP V . 28.01 -35.65 43.02
N9 ATP V . 29.09 -35.59 42.79
N9 ATP V . 29.23 -35.07 42.45
C8 ATP V . 29.10 -34.62 41.82
C8 ATP V . 29.34 -34.07 41.52
N7 ATP V . 30.30 -34.24 41.46
N7 ATP V . 30.58 -33.75 41.23
C5 ATP V . 31.14 -35.01 42.26
C5 ATP V . 31.33 -34.61 42.03
C6 ATP V . 32.54 -35.08 42.36
C6 ATP V . 32.72 -34.77 42.18
N6 ATP V . 33.37 -34.32 41.65
N6 ATP V . 33.63 -34.04 41.54
N1 ATP V . 33.06 -35.97 43.23
N1 ATP V . 33.15 -35.72 43.04
C2 ATP V . 32.22 -36.72 43.96
C2 ATP V . 32.24 -36.45 43.70
N3 ATP V . 30.90 -36.74 43.96
N3 ATP V . 30.90 -36.39 43.63
C4 ATP V . 30.41 -35.86 43.06
C4 ATP V . 30.52 -35.44 42.77
CA CA W . 32.18 -54.47 15.18
PG ATP X . 34.32 -52.08 14.85
PG ATP X . 31.92 -51.54 13.95
O1G ATP X . 35.79 -52.04 15.02
O1G ATP X . 31.81 -52.83 13.23
O2G ATP X . 33.67 -50.95 14.14
O2G ATP X . 31.02 -50.43 13.54
O3G ATP X . 33.71 -53.22 14.15
O3G ATP X . 33.22 -50.81 13.93
PB ATP X . 32.29 -51.62 16.89
PB ATP X . 32.37 -51.64 16.82
O1B ATP X . 31.22 -52.26 16.07
O1B ATP X . 32.24 -50.23 17.22
O2B ATP X . 32.30 -50.15 17.06
O2B ATP X . 33.71 -52.26 16.68
O3B ATP X . 33.71 -52.10 16.34
O3B ATP X . 31.56 -51.87 15.46
PA ATP X . 32.07 -53.84 18.73
PA ATP X . 31.65 -53.95 18.46
O1A ATP X . 30.68 -53.95 19.23
O1A ATP X . 30.36 -54.35 19.08
O2A ATP X . 32.55 -54.74 17.65
O2A ATP X . 32.31 -54.89 17.50
O3A ATP X . 32.37 -52.32 18.31
O3A ATP X . 31.45 -52.52 17.77
O5' ATP X . 33.06 -53.96 19.99
O5' ATP X . 32.65 -53.54 19.62
C5' ATP X . 34.48 -53.98 19.84
C5' ATP X . 34.07 -53.60 19.45
C4' ATP X . 35.08 -55.12 20.64
C4' ATP X . 34.69 -54.63 20.36
O4' ATP X . 34.67 -55.05 22.03
O4' ATP X . 34.14 -54.57 21.71
C3' ATP X . 34.68 -56.52 20.21
C3' ATP X . 34.50 -56.10 19.97
O3' ATP X . 35.44 -56.96 19.10
O3' ATP X . 35.42 -56.46 18.95
C2' ATP X . 34.99 -57.33 21.47
C2' ATP X . 34.82 -56.81 21.28
O2' ATP X . 36.36 -57.66 21.61
O2' ATP X . 36.20 -56.96 21.53
C1' ATP X . 34.55 -56.36 22.57
C1' ATP X . 34.20 -55.85 22.31
N9 ATP X . 33.16 -56.58 22.96
N9 ATP X . 32.84 -56.25 22.70
C8 ATP X . 32.01 -56.05 22.42
C8 ATP X . 31.65 -55.87 22.12
N7 ATP X . 30.92 -56.49 22.98
N7 ATP X . 30.60 -56.39 22.70
C5 ATP X . 31.36 -57.37 23.96
C5 ATP X . 31.12 -57.17 23.72
C6 ATP X . 30.68 -58.15 24.90
C6 ATP X . 30.52 -57.98 24.70
N6 ATP X . 29.35 -58.20 25.01
N6 ATP X . 29.19 -58.14 24.81
N1 ATP X . 31.43 -58.90 25.75
N1 ATP X . 31.32 -58.61 25.58
C2 ATP X . 32.76 -58.86 25.64
C2 ATP X . 32.64 -58.44 25.48
N3 ATP X . 33.51 -58.16 24.79
N3 ATP X . 33.33 -57.70 24.61
C4 ATP X . 32.74 -57.42 23.97
C4 ATP X . 32.50 -57.09 23.74
CA CA Y . 0.13 -36.37 -0.29
PG ATP Z . -0.78 -35.03 2.24
PG ATP Z . 1.88 -36.88 2.49
O1G ATP Z . -1.82 -34.02 2.52
O1G ATP Z . 1.36 -37.96 1.62
O2G ATP Z . 0.01 -35.59 3.38
O2G ATP Z . 3.08 -37.14 3.31
O3G ATP Z . -1.17 -36.31 1.58
O3G ATP Z . 0.99 -36.30 3.53
PB ATP Z . 1.86 -34.23 1.33
PB ATP Z . 1.85 -34.14 1.47
O1B ATP Z . 2.42 -35.56 0.98
O1B ATP Z . 2.51 -33.49 2.62
O2B ATP Z . 2.29 -33.56 2.59
O2B ATP Z . 0.37 -34.03 1.30
O3B ATP Z . 0.27 -34.30 1.28
O3B ATP Z . 2.26 -35.69 1.48
PA ATP Z . 2.00 -33.45 -1.47
PA ATP Z . 2.16 -33.70 -1.40
O1A ATP Z . 3.38 -33.60 -1.99
O1A ATP Z . 3.37 -33.80 -2.25
O2A ATP Z . 0.97 -34.47 -1.79
O2A ATP Z . 1.04 -34.66 -1.62
O3A ATP Z . 2.08 -33.23 0.11
O3A ATP Z . 2.60 -33.71 0.13
O5' ATP Z . 1.45 -32.01 -1.87
O5' ATP Z . 1.61 -32.21 -1.48
C5' ATP Z . 0.25 -31.47 -1.30
C5' ATP Z . 0.31 -31.86 -1.01
C4' ATP Z . -0.64 -30.88 -2.37
C4' ATP Z . -0.53 -31.28 -2.14
O4' ATP Z . 0.06 -29.80 -3.04
O4' ATP Z . 0.18 -30.19 -2.79
C3' ATP Z . -1.05 -31.83 -3.48
C3' ATP Z . -0.88 -32.23 -3.27
O3' ATP Z . -2.21 -32.57 -3.12
O3' ATP Z . -2.00 -33.04 -2.93
C2' ATP Z . -1.32 -30.88 -4.63
C2' ATP Z . -1.17 -31.28 -4.42
O2' ATP Z . -2.59 -30.27 -4.55
O2' ATP Z . -2.49 -30.75 -4.37
C1' ATP Z . -0.21 -29.84 -4.43
C1' ATP Z . -0.14 -30.17 -4.17
N9 ATP Z . 1.02 -30.13 -5.15
N9 ATP Z . 1.09 -30.36 -4.95
C8 ATP Z . 2.08 -30.93 -4.76
C8 ATP Z . 2.19 -31.11 -4.60
N7 ATP Z . 3.05 -30.99 -5.64
N7 ATP Z . 3.14 -31.10 -5.52
C5 ATP Z . 2.61 -30.17 -6.68
C5 ATP Z . 2.63 -30.29 -6.52
C6 ATP Z . 3.19 -29.81 -7.90
C6 ATP Z . 3.14 -29.88 -7.76
N6 ATP Z . 4.38 -30.24 -8.33
N6 ATP Z . 4.34 -30.24 -8.23
N1 ATP Z . 2.49 -28.98 -8.71
N1 ATP Z . 2.37 -29.06 -8.52
C2 ATP Z . 1.30 -28.55 -8.29
C2 ATP Z . 1.17 -28.70 -8.06
N3 ATP Z . 0.65 -28.81 -7.17
N3 ATP Z . 0.58 -29.02 -6.91
C4 ATP Z . 1.37 -29.64 -6.39
C4 ATP Z . 1.36 -29.83 -6.17
#